data_8JC8
#
_entry.id   8JC8
#
_cell.length_a   1.00
_cell.length_b   1.00
_cell.length_c   1.00
_cell.angle_alpha   90.00
_cell.angle_beta   90.00
_cell.angle_gamma   90.00
#
_symmetry.space_group_name_H-M   'P 1'
#
loop_
_entity.id
_entity.type
_entity.pdbx_description
1 polymer 'LH1 beta polypeptide'
2 polymer 'LH1 alpha polypeptide'
3 non-polymer 'BACTERIOCHLOROPHYLL A'
4 non-polymer Octadecane
5 non-polymer 'CALCIUM ION'
6 non-polymer SPIRILLOXANTHIN
#
loop_
_entity_poly.entity_id
_entity_poly.type
_entity_poly.pdbx_seq_one_letter_code
_entity_poly.pdbx_strand_id
1 'polypeptide(L)' MAEQKSLTGLTDDEAKEFHAIFMQSMYAWFGLVVIAHLLAWLYRPWL 2,4,6,8,B,E,G,J,N,P,R,T,V,Z,X
2 'polypeptide(L)' MFTMNANLYKIWLILDPRRVLVSIVAFQIVLGLLIHMIVLSTDLNWLDDNIPVSYQA 3,5,7,A,D,F,I,K,O,Q,S,U,W,1,Y
#
loop_
_chem_comp.id
_chem_comp.type
_chem_comp.name
_chem_comp.formula
8K6 non-polymer Octadecane 'C18 H38'
BCL non-polymer 'BACTERIOCHLOROPHYLL A' 'C55 H74 Mg N4 O6'
CA non-polymer 'CALCIUM ION' 'Ca 2'
CRT non-polymer SPIRILLOXANTHIN 'C42 H60 O2'
#
# COMPACT_ATOMS: atom_id res chain seq x y z
N LEU A 7 -14.56 13.07 41.78
CA LEU A 7 -13.94 12.80 40.48
C LEU A 7 -13.63 11.33 40.31
N THR A 8 -12.80 10.79 41.20
CA THR A 8 -12.42 9.38 41.16
C THR A 8 -13.29 8.51 42.06
N GLY A 9 -14.30 9.08 42.71
CA GLY A 9 -15.19 8.30 43.55
C GLY A 9 -14.62 7.85 44.86
N LEU A 10 -13.58 8.51 45.36
CA LEU A 10 -12.96 8.16 46.64
C LEU A 10 -13.32 9.20 47.69
N THR A 11 -13.63 8.72 48.89
CA THR A 11 -13.89 9.60 50.02
C THR A 11 -12.57 10.06 50.63
N ASP A 12 -12.65 10.83 51.71
CA ASP A 12 -11.45 11.35 52.35
C ASP A 12 -10.66 10.23 53.03
N ASP A 13 -11.36 9.35 53.76
CA ASP A 13 -10.68 8.28 54.49
C ASP A 13 -9.98 7.31 53.55
N GLU A 14 -10.62 6.97 52.43
CA GLU A 14 -9.98 6.09 51.45
C GLU A 14 -8.72 6.72 50.89
N ALA A 15 -8.76 8.02 50.61
CA ALA A 15 -7.57 8.72 50.14
C ALA A 15 -6.46 8.69 51.19
N LYS A 16 -6.81 8.91 52.46
CA LYS A 16 -5.82 8.85 53.52
C LYS A 16 -5.15 7.49 53.58
N GLU A 17 -5.96 6.42 53.56
CA GLU A 17 -5.41 5.07 53.66
C GLU A 17 -4.53 4.75 52.45
N PHE A 18 -5.02 5.07 51.25
CA PHE A 18 -4.23 4.79 50.05
C PHE A 18 -2.91 5.54 50.08
N HIS A 19 -2.92 6.79 50.53
CA HIS A 19 -1.68 7.55 50.62
C HIS A 19 -0.72 6.91 51.61
N ALA A 20 -1.23 6.45 52.75
CA ALA A 20 -0.35 5.83 53.75
C ALA A 20 0.34 4.59 53.20
N ILE A 21 -0.44 3.64 52.66
CA ILE A 21 0.20 2.43 52.14
C ILE A 21 1.07 2.73 50.92
N PHE A 22 0.66 3.67 50.06
CA PHE A 22 1.48 4.03 48.90
C PHE A 22 2.85 4.56 49.34
N MET A 23 2.85 5.46 50.33
CA MET A 23 4.12 6.00 50.82
C MET A 23 4.99 4.92 51.44
N GLN A 24 4.39 4.03 52.23
CA GLN A 24 5.17 2.97 52.86
C GLN A 24 5.81 2.06 51.82
N SER A 25 5.02 1.64 50.82
CA SER A 25 5.55 0.76 49.79
C SER A 25 6.63 1.45 48.96
N MET A 26 6.44 2.73 48.64
CA MET A 26 7.45 3.46 47.88
C MET A 26 8.76 3.57 48.66
N TYR A 27 8.67 3.82 49.97
CA TYR A 27 9.89 3.88 50.78
C TYR A 27 10.61 2.53 50.81
N ALA A 28 9.85 1.44 50.94
CA ALA A 28 10.49 0.12 50.93
C ALA A 28 11.18 -0.16 49.59
N TRP A 29 10.52 0.18 48.48
CA TRP A 29 11.11 -0.03 47.17
C TRP A 29 12.39 0.79 47.00
N PHE A 30 12.37 2.05 47.46
CA PHE A 30 13.57 2.88 47.36
C PHE A 30 14.69 2.34 48.25
N GLY A 31 14.36 1.77 49.41
CA GLY A 31 15.38 1.16 50.24
C GLY A 31 16.04 -0.03 49.56
N LEU A 32 15.25 -0.88 48.92
CA LEU A 32 15.83 -1.99 48.16
C LEU A 32 16.74 -1.49 47.05
N VAL A 33 16.29 -0.46 46.33
CA VAL A 33 17.10 0.11 45.25
C VAL A 33 18.42 0.63 45.80
N VAL A 34 18.38 1.34 46.93
CA VAL A 34 19.59 1.89 47.52
C VAL A 34 20.57 0.79 47.92
N ILE A 35 20.05 -0.29 48.50
CA ILE A 35 20.91 -1.41 48.88
C ILE A 35 21.57 -2.02 47.66
N ALA A 36 20.79 -2.23 46.58
CA ALA A 36 21.36 -2.82 45.37
C ALA A 36 22.43 -1.93 44.77
N HIS A 37 22.20 -0.61 44.76
CA HIS A 37 23.20 0.30 44.21
C HIS A 37 24.46 0.36 45.06
N LEU A 38 24.32 0.25 46.38
CA LEU A 38 25.48 0.18 47.24
C LEU A 38 26.30 -1.07 46.95
N LEU A 39 25.62 -2.21 46.76
CA LEU A 39 26.34 -3.44 46.40
C LEU A 39 27.05 -3.30 45.07
N ALA A 40 26.38 -2.71 44.08
CA ALA A 40 26.99 -2.52 42.77
C ALA A 40 28.21 -1.62 42.85
N TRP A 41 28.13 -0.55 43.64
CA TRP A 41 29.30 0.32 43.83
C TRP A 41 30.44 -0.42 44.51
N LEU A 42 30.12 -1.27 45.50
CA LEU A 42 31.16 -2.05 46.15
C LEU A 42 31.84 -2.99 45.17
N TYR A 43 31.07 -3.58 44.25
CA TYR A 43 31.65 -4.52 43.29
C TYR A 43 32.39 -3.78 42.17
N ARG A 44 31.67 -2.95 41.41
CA ARG A 44 32.19 -2.35 40.18
C ARG A 44 31.94 -0.84 40.20
N PRO A 45 32.83 -0.06 40.81
CA PRO A 45 32.68 1.40 40.79
C PRO A 45 32.74 1.94 39.37
N TRP A 46 31.92 2.96 39.10
CA TRP A 46 31.85 3.56 37.78
C TRP A 46 32.26 5.02 37.73
N LEU A 47 32.35 5.71 38.86
CA LEU A 47 32.72 7.12 38.86
C LEU A 47 34.11 7.31 39.47
N ASN B 5 0.94 38.28 39.78
CA ASN B 5 -0.19 38.97 40.40
C ASN B 5 -0.66 38.20 41.63
N ALA B 6 -1.58 38.80 42.38
CA ALA B 6 -2.14 38.15 43.56
C ALA B 6 -3.27 37.18 43.24
N ASN B 7 -3.76 37.18 42.00
CA ASN B 7 -4.86 36.31 41.59
C ASN B 7 -4.39 35.27 40.57
N LEU B 8 -3.17 34.75 40.75
CA LEU B 8 -2.64 33.77 39.81
C LEU B 8 -3.36 32.43 39.92
N TYR B 9 -3.88 32.10 41.10
CA TYR B 9 -4.55 30.81 41.28
C TYR B 9 -5.73 30.62 40.34
N LYS B 10 -6.29 31.71 39.81
CA LYS B 10 -7.40 31.62 38.87
C LYS B 10 -7.00 30.90 37.60
N ILE B 11 -5.70 30.70 37.35
CA ILE B 11 -5.27 29.90 36.22
C ILE B 11 -5.81 28.48 36.31
N TRP B 12 -6.22 28.03 37.50
CA TRP B 12 -6.79 26.71 37.66
C TRP B 12 -8.28 26.66 37.37
N LEU B 13 -8.91 27.81 37.11
CA LEU B 13 -10.31 27.84 36.70
C LEU B 13 -10.49 27.76 35.18
N ILE B 14 -9.40 27.75 34.42
CA ILE B 14 -9.47 27.68 32.97
C ILE B 14 -8.68 26.48 32.48
N LEU B 15 -7.72 26.02 33.28
CA LEU B 15 -6.86 24.89 32.93
C LEU B 15 -7.19 23.70 33.82
N ASP B 16 -7.34 22.53 33.21
CA ASP B 16 -7.73 21.33 33.95
C ASP B 16 -6.53 20.78 34.71
N PRO B 17 -6.62 20.64 36.05
CA PRO B 17 -5.45 20.17 36.81
C PRO B 17 -4.93 18.81 36.41
N ARG B 18 -5.82 17.86 36.11
CA ARG B 18 -5.40 16.49 35.82
C ARG B 18 -4.57 16.43 34.54
N ARG B 19 -5.05 17.08 33.48
CA ARG B 19 -4.30 17.10 32.22
C ARG B 19 -2.96 17.79 32.40
N VAL B 20 -2.93 18.86 33.19
CA VAL B 20 -1.68 19.57 33.45
C VAL B 20 -0.68 18.65 34.14
N LEU B 21 -1.13 17.92 35.16
CA LEU B 21 -0.24 17.03 35.89
C LEU B 21 0.29 15.90 34.99
N VAL B 22 -0.59 15.29 34.20
CA VAL B 22 -0.15 14.20 33.32
C VAL B 22 0.85 14.71 32.29
N SER B 23 0.56 15.88 31.70
CA SER B 23 1.48 16.45 30.71
C SER B 23 2.82 16.79 31.34
N ILE B 24 2.81 17.34 32.56
CA ILE B 24 4.06 17.67 33.23
C ILE B 24 4.89 16.41 33.47
N VAL B 25 4.25 15.35 33.96
CA VAL B 25 5.00 14.13 34.26
C VAL B 25 5.60 13.55 32.98
N ALA B 26 4.79 13.43 31.93
CA ALA B 26 5.28 12.84 30.69
C ALA B 26 6.41 13.68 30.08
N PHE B 27 6.23 15.00 30.05
CA PHE B 27 7.26 15.87 29.47
C PHE B 27 8.55 15.78 30.26
N GLN B 28 8.46 15.76 31.60
CA GLN B 28 9.67 15.68 32.41
C GLN B 28 10.41 14.38 32.18
N ILE B 29 9.68 13.26 32.08
CA ILE B 29 10.34 11.98 31.85
C ILE B 29 11.03 11.95 30.50
N VAL B 30 10.33 12.41 29.45
CA VAL B 30 10.90 12.39 28.11
C VAL B 30 12.11 13.32 28.04
N LEU B 31 12.03 14.50 28.67
CA LEU B 31 13.14 15.43 28.68
C LEU B 31 14.34 14.83 29.41
N GLY B 32 14.10 14.16 30.53
CA GLY B 32 15.20 13.53 31.24
C GLY B 32 15.91 12.50 30.40
N LEU B 33 15.16 11.63 29.73
CA LEU B 33 15.77 10.65 28.85
C LEU B 33 16.58 11.32 27.74
N LEU B 34 15.99 12.35 27.11
CA LEU B 34 16.66 13.01 25.98
C LEU B 34 17.96 13.68 26.42
N ILE B 35 17.93 14.37 27.57
CA ILE B 35 19.13 15.05 28.02
C ILE B 35 20.21 14.05 28.43
N HIS B 36 19.80 12.92 29.05
CA HIS B 36 20.80 11.91 29.39
C HIS B 36 21.46 11.33 28.13
N MET B 37 20.68 11.07 27.07
CA MET B 37 21.28 10.60 25.83
C MET B 37 22.22 11.65 25.22
N ILE B 38 21.79 12.91 25.23
CA ILE B 38 22.60 13.96 24.61
C ILE B 38 23.93 14.10 25.34
N VAL B 39 23.92 14.06 26.67
CA VAL B 39 25.17 14.12 27.42
C VAL B 39 25.99 12.86 27.21
N LEU B 40 25.33 11.71 27.00
CA LEU B 40 26.07 10.48 26.73
C LEU B 40 26.80 10.54 25.40
N SER B 41 26.24 11.21 24.40
CA SER B 41 26.84 11.22 23.07
C SER B 41 28.04 12.14 22.95
N THR B 42 28.29 13.02 23.93
CA THR B 42 29.42 13.95 23.87
C THR B 42 30.63 13.34 24.57
N ASP B 43 31.64 14.15 24.85
CA ASP B 43 32.82 13.71 25.56
C ASP B 43 32.67 13.82 27.08
N LEU B 44 31.49 14.19 27.56
CA LEU B 44 31.17 14.16 28.98
C LEU B 44 30.66 12.80 29.42
N ASN B 45 30.78 11.78 28.57
CA ASN B 45 30.34 10.43 28.90
C ASN B 45 31.05 9.93 30.16
N TRP B 46 30.28 9.34 31.07
CA TRP B 46 30.83 8.83 32.32
C TRP B 46 30.90 7.30 32.37
N LEU B 47 30.17 6.60 31.50
CA LEU B 47 30.20 5.15 31.49
C LEU B 47 31.41 4.64 30.71
N ASP B 48 31.50 5.01 29.44
CA ASP B 48 32.54 4.52 28.54
C ASP B 48 33.70 5.51 28.45
N ASP B 49 34.39 5.72 29.58
CA ASP B 49 35.55 6.61 29.60
C ASP B 49 36.72 6.04 30.40
N ASN B 50 36.68 4.76 30.79
CA ASN B 50 37.79 4.09 31.45
C ASN B 50 38.23 4.82 32.72
N ILE B 51 37.27 5.29 33.50
CA ILE B 51 37.53 5.90 34.80
C ILE B 51 36.58 5.24 35.81
N PRO B 52 37.08 4.78 36.97
CA PRO B 52 38.44 4.89 37.49
C PRO B 52 39.44 3.94 36.82
N VAL B 53 38.95 2.84 36.27
CA VAL B 53 39.82 1.84 35.63
C VAL B 53 39.01 1.12 34.56
N SER B 54 39.71 0.73 33.50
CA SER B 54 39.07 -0.07 32.45
C SER B 54 38.85 -1.49 32.95
N TYR B 55 37.65 -2.01 32.71
CA TYR B 55 37.27 -3.31 33.25
C TYR B 55 37.30 -4.42 32.21
N GLN B 56 37.21 -4.09 30.92
CA GLN B 56 37.33 -5.08 29.86
C GLN B 56 38.78 -5.35 29.46
N ALA B 57 39.73 -4.68 30.08
CA ALA B 57 41.14 -4.89 29.77
C ALA B 57 41.95 -5.13 31.04
N SER C 6 -17.54 27.53 36.17
CA SER C 6 -16.24 27.73 35.53
C SER C 6 -15.96 26.65 34.49
N LEU C 7 -14.90 26.86 33.70
CA LEU C 7 -14.56 25.90 32.66
C LEU C 7 -14.18 24.56 33.26
N THR C 8 -13.39 24.57 34.33
CA THR C 8 -12.91 23.34 34.96
C THR C 8 -13.84 22.83 36.06
N GLY C 9 -14.88 23.59 36.42
CA GLY C 9 -15.79 23.15 37.46
C GLY C 9 -15.25 23.26 38.87
N LEU C 10 -14.20 24.06 39.07
CA LEU C 10 -13.61 24.25 40.40
C LEU C 10 -14.10 25.56 41.00
N THR C 11 -14.27 25.55 42.32
CA THR C 11 -14.61 26.76 43.04
C THR C 11 -13.34 27.56 43.35
N ASP C 12 -13.52 28.68 44.06
CA ASP C 12 -12.37 29.52 44.38
C ASP C 12 -11.46 28.87 45.41
N ASP C 13 -12.03 28.29 46.45
CA ASP C 13 -11.23 27.69 47.52
C ASP C 13 -10.43 26.50 47.00
N GLU C 14 -11.04 25.67 46.15
CA GLU C 14 -10.32 24.53 45.59
C GLU C 14 -9.15 25.01 44.74
N ALA C 15 -9.36 26.06 43.95
CA ALA C 15 -8.28 26.62 43.15
C ALA C 15 -7.14 27.14 44.03
N LYS C 16 -7.49 27.82 45.12
CA LYS C 16 -6.46 28.35 46.01
C LYS C 16 -5.64 27.22 46.64
N GLU C 17 -6.32 26.18 47.13
CA GLU C 17 -5.61 25.06 47.74
C GLU C 17 -4.72 24.34 46.73
N PHE C 18 -5.24 24.10 45.52
CA PHE C 18 -4.43 23.45 44.50
C PHE C 18 -3.22 24.29 44.14
N HIS C 19 -3.39 25.62 44.03
CA HIS C 19 -2.26 26.47 43.71
C HIS C 19 -1.20 26.41 44.81
N ALA C 20 -1.62 26.44 46.08
CA ALA C 20 -0.65 26.39 47.16
C ALA C 20 0.15 25.10 47.12
N ILE C 21 -0.53 23.96 46.99
CA ILE C 21 0.17 22.68 47.00
C ILE C 21 1.04 22.54 45.76
N PHE C 22 0.56 23.02 44.61
CA PHE C 22 1.33 22.96 43.38
C PHE C 22 2.62 23.75 43.50
N MET C 23 2.55 24.97 44.05
CA MET C 23 3.75 25.78 44.20
C MET C 23 4.73 25.14 45.18
N GLN C 24 4.22 24.59 46.28
CA GLN C 24 5.11 23.93 47.24
C GLN C 24 5.86 22.76 46.60
N SER C 25 5.12 21.90 45.88
CA SER C 25 5.75 20.75 45.25
C SER C 25 6.74 21.17 44.17
N MET C 26 6.41 22.21 43.40
CA MET C 26 7.31 22.68 42.37
C MET C 26 8.60 23.22 42.97
N TYR C 27 8.50 23.96 44.08
CA TYR C 27 9.70 24.46 44.74
C TYR C 27 10.57 23.31 45.25
N ALA C 28 9.95 22.28 45.82
CA ALA C 28 10.73 21.13 46.27
C ALA C 28 11.45 20.45 45.12
N TRP C 29 10.76 20.26 43.99
CA TRP C 29 11.38 19.65 42.82
C TRP C 29 12.55 20.48 42.31
N PHE C 30 12.38 21.80 42.27
CA PHE C 30 13.46 22.68 41.81
C PHE C 30 14.64 22.62 42.76
N GLY C 31 14.39 22.53 44.07
CA GLY C 31 15.49 22.38 45.01
C GLY C 31 16.28 21.10 44.79
N LEU C 32 15.58 19.99 44.57
CA LEU C 32 16.28 18.74 44.27
C LEU C 32 17.11 18.86 42.99
N VAL C 33 16.55 19.49 41.95
CA VAL C 33 17.28 19.66 40.70
C VAL C 33 18.54 20.50 40.94
N VAL C 34 18.42 21.57 41.73
CA VAL C 34 19.57 22.44 41.99
C VAL C 34 20.66 21.67 42.73
N ILE C 35 20.27 20.85 43.72
CA ILE C 35 21.26 20.07 44.45
C ILE C 35 21.98 19.10 43.52
N ALA C 36 21.22 18.42 42.65
CA ALA C 36 21.82 17.47 41.72
C ALA C 36 22.80 18.17 40.78
N HIS C 37 22.43 19.35 40.27
CA HIS C 37 23.31 20.06 39.35
C HIS C 37 24.56 20.58 40.07
N LEU C 38 24.43 20.97 41.33
CA LEU C 38 25.61 21.36 42.10
C LEU C 38 26.57 20.19 42.28
N LEU C 39 26.02 19.01 42.58
CA LEU C 39 26.88 17.82 42.69
C LEU C 39 27.56 17.50 41.35
N ALA C 40 26.82 17.59 40.26
CA ALA C 40 27.39 17.32 38.95
C ALA C 40 28.50 18.31 38.61
N TRP C 41 28.31 19.59 38.94
CA TRP C 41 29.36 20.58 38.70
C TRP C 41 30.58 20.29 39.56
N LEU C 42 30.36 19.87 40.80
CA LEU C 42 31.51 19.51 41.65
C LEU C 42 32.27 18.33 41.08
N TYR C 43 31.57 17.38 40.44
CA TYR C 43 32.24 16.22 39.87
C TYR C 43 32.86 16.54 38.52
N ARG C 44 32.03 16.94 37.54
CA ARG C 44 32.45 17.10 36.16
C ARG C 44 32.03 18.47 35.64
N PRO C 45 32.85 19.50 35.85
CA PRO C 45 32.54 20.81 35.28
C PRO C 45 32.51 20.76 33.76
N TRP C 46 31.57 21.49 33.16
CA TRP C 46 31.42 21.50 31.71
C TRP C 46 31.67 22.86 31.07
N LEU C 47 31.71 23.94 31.85
CA LEU C 47 31.94 25.27 31.31
C LEU C 47 33.32 25.77 31.68
N ALA D 6 -5.54 51.34 24.28
CA ALA D 6 -6.39 51.59 25.44
C ALA D 6 -7.45 50.50 25.57
N ASN D 7 -7.88 49.96 24.44
CA ASN D 7 -8.90 48.91 24.39
C ASN D 7 -8.35 47.61 23.82
N LEU D 8 -7.10 47.28 24.19
CA LEU D 8 -6.48 46.06 23.66
C LEU D 8 -7.05 44.82 24.33
N TYR D 9 -7.52 44.93 25.58
CA TYR D 9 -8.04 43.77 26.30
C TYR D 9 -9.21 43.11 25.58
N LYS D 10 -9.88 43.85 24.70
CA LYS D 10 -11.01 43.27 23.95
C LYS D 10 -10.57 42.14 23.03
N ILE D 11 -9.26 41.98 22.80
CA ILE D 11 -8.79 40.81 22.05
C ILE D 11 -9.21 39.53 22.74
N TRP D 12 -9.37 39.56 24.06
CA TRP D 12 -9.79 38.37 24.79
C TRP D 12 -11.28 38.07 24.60
N LEU D 13 -12.04 39.02 24.05
CA LEU D 13 -13.39 38.74 23.59
C LEU D 13 -13.43 38.18 22.18
N ILE D 14 -12.26 38.02 21.55
CA ILE D 14 -12.15 37.48 20.20
C ILE D 14 -11.46 36.12 20.20
N LEU D 15 -10.37 36.00 20.96
CA LEU D 15 -9.59 34.78 21.02
C LEU D 15 -9.85 34.04 22.32
N ASP D 16 -9.78 32.71 22.25
CA ASP D 16 -10.03 31.87 23.42
C ASP D 16 -8.78 31.79 24.28
N PRO D 17 -8.83 32.17 25.57
CA PRO D 17 -7.61 32.18 26.39
C PRO D 17 -6.93 30.82 26.52
N ARG D 18 -7.70 29.75 26.65
CA ARG D 18 -7.10 28.42 26.88
C ARG D 18 -6.29 27.97 25.68
N ARG D 19 -6.86 28.10 24.48
CA ARG D 19 -6.13 27.71 23.28
C ARG D 19 -4.89 28.55 23.09
N VAL D 20 -4.98 29.85 23.38
CA VAL D 20 -3.83 30.74 23.27
C VAL D 20 -2.72 30.30 24.21
N LEU D 21 -3.09 29.97 25.46
CA LEU D 21 -2.09 29.56 26.44
C LEU D 21 -1.41 28.26 26.03
N VAL D 22 -2.20 27.28 25.60
CA VAL D 22 -1.63 25.98 25.19
C VAL D 22 -0.72 26.16 23.98
N SER D 23 -1.15 26.95 23.00
CA SER D 23 -0.33 27.19 21.83
C SER D 23 0.98 27.89 22.20
N ILE D 24 0.90 28.87 23.11
CA ILE D 24 2.11 29.58 23.53
C ILE D 24 3.09 28.61 24.18
N VAL D 25 2.60 27.78 25.09
CA VAL D 25 3.49 26.86 25.80
C VAL D 25 4.15 25.89 24.82
N ALA D 26 3.35 25.28 23.94
CA ALA D 26 3.91 24.31 23.01
C ALA D 26 4.91 24.95 22.06
N PHE D 27 4.57 26.13 21.52
CA PHE D 27 5.48 26.81 20.61
C PHE D 27 6.78 27.19 21.30
N GLN D 28 6.70 27.68 22.53
CA GLN D 28 7.91 28.07 23.24
C GLN D 28 8.82 26.86 23.50
N ILE D 29 8.23 25.73 23.89
CA ILE D 29 9.04 24.55 24.14
C ILE D 29 9.71 24.06 22.87
N VAL D 30 8.95 23.99 21.77
CA VAL D 30 9.52 23.51 20.51
C VAL D 30 10.61 24.45 20.02
N LEU D 31 10.37 25.76 20.13
CA LEU D 31 11.38 26.73 19.73
C LEU D 31 12.64 26.63 20.57
N GLY D 32 12.50 26.42 21.87
CA GLY D 32 13.67 26.26 22.71
C GLY D 32 14.51 25.05 22.31
N LEU D 33 13.85 23.92 22.08
CA LEU D 33 14.58 22.74 21.62
C LEU D 33 15.28 23.00 20.29
N LEU D 34 14.56 23.62 19.34
CA LEU D 34 15.13 23.84 18.01
C LEU D 34 16.34 24.77 18.08
N ILE D 35 16.25 25.85 18.86
CA ILE D 35 17.36 26.79 18.94
C ILE D 35 18.55 26.15 19.64
N HIS D 36 18.30 25.33 20.68
CA HIS D 36 19.41 24.65 21.33
C HIS D 36 20.13 23.71 20.36
N MET D 37 19.38 22.96 19.55
CA MET D 37 20.02 22.08 18.57
C MET D 37 20.80 22.88 17.53
N ILE D 38 20.23 24.00 17.07
CA ILE D 38 20.90 24.81 16.05
C ILE D 38 22.22 25.36 16.58
N VAL D 39 22.21 25.85 17.82
CA VAL D 39 23.45 26.35 18.41
C VAL D 39 24.44 25.20 18.66
N LEU D 40 23.93 23.99 18.95
CA LEU D 40 24.82 22.85 19.10
C LEU D 40 25.51 22.49 17.79
N SER D 41 24.82 22.61 16.65
CA SER D 41 25.40 22.20 15.39
C SER D 41 26.49 23.14 14.87
N THR D 42 26.62 24.34 15.43
CA THR D 42 27.62 25.30 14.98
C THR D 42 28.91 25.14 15.78
N ASP D 43 29.82 26.11 15.67
CA ASP D 43 31.06 26.09 16.42
C ASP D 43 30.96 26.79 17.76
N LEU D 44 29.74 27.15 18.19
CA LEU D 44 29.49 27.65 19.52
C LEU D 44 29.15 26.53 20.50
N ASN D 45 29.35 25.28 20.10
CA ASN D 45 29.07 24.14 20.96
C ASN D 45 29.85 24.24 22.25
N TRP D 46 29.16 24.01 23.37
CA TRP D 46 29.76 24.08 24.69
C TRP D 46 30.00 22.72 25.32
N LEU D 47 29.41 21.66 24.78
CA LEU D 47 29.58 20.32 25.34
C LEU D 47 30.84 19.65 24.79
N ASP D 48 30.89 19.48 23.48
CA ASP D 48 31.99 18.79 22.81
C ASP D 48 33.02 19.78 22.28
N ASP D 49 33.66 20.51 23.20
CA ASP D 49 34.70 21.46 22.80
C ASP D 49 35.94 21.38 23.68
N ASN D 50 36.06 20.37 24.54
CA ASN D 50 37.25 20.14 25.35
C ASN D 50 37.61 21.35 26.21
N ILE D 51 36.58 21.98 26.78
CA ILE D 51 36.78 23.08 27.73
C ILE D 51 35.95 22.77 28.97
N PRO D 52 36.52 22.88 30.19
CA PRO D 52 37.88 23.36 30.46
C PRO D 52 38.96 22.29 30.31
N VAL D 53 38.56 21.02 30.19
CA VAL D 53 39.52 19.94 30.04
C VAL D 53 38.79 18.76 29.39
N SER D 54 39.50 18.04 28.54
CA SER D 54 38.94 16.84 27.92
C SER D 54 38.91 15.70 28.94
N TYR D 55 37.76 15.02 29.02
CA TYR D 55 37.57 13.98 30.02
C TYR D 55 37.73 12.57 29.46
N GLN D 56 37.67 12.40 28.14
CA GLN D 56 37.90 11.11 27.51
C GLN D 56 39.37 10.86 27.20
N ALA D 57 40.25 11.82 27.51
CA ALA D 57 41.68 11.66 27.25
C ALA D 57 42.49 12.10 28.46
N SER E 6 -20.43 37.64 23.40
CA SER E 6 -19.10 37.57 22.81
C SER E 6 -18.83 36.18 22.24
N LEU E 7 -17.81 36.07 21.40
CA LEU E 7 -17.47 34.80 20.77
C LEU E 7 -16.75 33.85 21.72
N THR E 8 -16.24 34.33 22.85
CA THR E 8 -15.54 33.49 23.82
C THR E 8 -16.30 33.35 25.13
N GLY E 9 -17.43 34.00 25.29
CA GLY E 9 -18.20 33.89 26.51
C GLY E 9 -17.60 34.58 27.71
N LEU E 10 -16.76 35.59 27.50
CA LEU E 10 -16.17 36.36 28.58
C LEU E 10 -16.82 37.74 28.64
N THR E 11 -16.95 38.27 29.85
CA THR E 11 -17.44 39.62 30.06
C THR E 11 -16.29 40.61 29.94
N ASP E 12 -16.59 41.89 30.16
CA ASP E 12 -15.58 42.93 30.02
C ASP E 12 -14.59 42.92 31.17
N ASP E 13 -15.08 42.73 32.41
CA ASP E 13 -14.20 42.72 33.57
C ASP E 13 -13.25 41.53 33.54
N GLU E 14 -13.74 40.36 33.12
CA GLU E 14 -12.88 39.21 32.98
C GLU E 14 -11.80 39.45 31.94
N ALA E 15 -12.15 40.13 30.85
CA ALA E 15 -11.16 40.47 29.84
C ALA E 15 -10.09 41.40 30.42
N LYS E 16 -10.50 42.40 31.21
CA LYS E 16 -9.52 43.30 31.82
C LYS E 16 -8.57 42.53 32.74
N GLU E 17 -9.13 41.67 33.59
CA GLU E 17 -8.30 40.93 34.54
C GLU E 17 -7.33 40.00 33.82
N PHE E 18 -7.82 39.27 32.82
CA PHE E 18 -6.95 38.37 32.07
C PHE E 18 -5.85 39.15 31.36
N HIS E 19 -6.18 40.30 30.77
CA HIS E 19 -5.17 41.10 30.10
C HIS E 19 -4.09 41.57 31.08
N ALA E 20 -4.50 42.02 32.27
CA ALA E 20 -3.52 42.49 33.25
C ALA E 20 -2.57 41.37 33.65
N ILE E 21 -3.13 40.20 33.98
CA ILE E 21 -2.27 39.10 34.45
C ILE E 21 -1.39 38.58 33.31
N PHE E 22 -1.93 38.53 32.09
CA PHE E 22 -1.16 38.09 30.94
C PHE E 22 0.02 39.02 30.69
N MET E 23 -0.23 40.34 30.74
CA MET E 23 0.85 41.29 30.54
C MET E 23 1.93 41.15 31.61
N GLN E 24 1.52 41.01 32.88
CA GLN E 24 2.50 40.88 33.95
C GLN E 24 3.37 39.64 33.76
N SER E 25 2.73 38.50 33.46
CA SER E 25 3.48 37.26 33.28
C SER E 25 4.42 37.34 32.07
N MET E 26 3.94 37.95 30.97
CA MET E 26 4.79 38.09 29.79
C MET E 26 6.00 38.95 30.08
N TYR E 27 5.82 40.05 30.82
CA TYR E 27 6.95 40.90 31.17
C TYR E 27 7.95 40.15 32.04
N ALA E 28 7.47 39.35 33.00
CA ALA E 28 8.39 38.57 33.83
C ALA E 28 9.19 37.57 32.98
N TRP E 29 8.51 36.89 32.06
CA TRP E 29 9.20 35.92 31.19
C TRP E 29 10.25 36.62 30.33
N PHE E 30 9.92 37.79 29.79
CA PHE E 30 10.87 38.53 28.97
C PHE E 30 12.07 38.99 29.79
N GLY E 31 11.84 39.40 31.04
CA GLY E 31 12.96 39.76 31.90
C GLY E 31 13.89 38.60 32.17
N LEU E 32 13.32 37.41 32.43
CA LEU E 32 14.15 36.23 32.62
C LEU E 32 14.97 35.92 31.37
N VAL E 33 14.34 36.01 30.20
CA VAL E 33 15.04 35.74 28.95
C VAL E 33 16.19 36.74 28.76
N VAL E 34 15.94 38.01 29.06
CA VAL E 34 16.98 39.03 28.92
C VAL E 34 18.16 38.75 29.83
N ILE E 35 17.88 38.35 31.08
CA ILE E 35 18.97 38.04 32.01
C ILE E 35 19.78 36.85 31.50
N ALA E 36 19.11 35.82 31.01
CA ALA E 36 19.82 34.64 30.50
C ALA E 36 20.69 35.00 29.31
N HIS E 37 20.18 35.84 28.39
CA HIS E 37 20.96 36.22 27.23
C HIS E 37 22.15 37.11 27.62
N LEU E 38 21.98 37.96 28.63
CA LEU E 38 23.11 38.74 29.12
C LEU E 38 24.20 37.83 29.68
N LEU E 39 23.81 36.81 30.45
CA LEU E 39 24.80 35.86 30.96
C LEU E 39 25.50 35.12 29.83
N ALA E 40 24.74 34.70 28.82
CA ALA E 40 25.33 33.99 27.68
C ALA E 40 26.31 34.88 26.93
N TRP E 41 25.96 36.15 26.73
CA TRP E 41 26.89 37.08 26.08
C TRP E 41 28.14 37.29 26.90
N LEU E 42 28.00 37.36 28.23
CA LEU E 42 29.18 37.49 29.08
C LEU E 42 30.08 36.26 28.95
N TYR E 43 29.49 35.08 28.85
CA TYR E 43 30.30 33.86 28.72
C TYR E 43 30.86 33.68 27.32
N ARG E 44 29.99 33.59 26.32
CA ARG E 44 30.38 33.25 24.95
C ARG E 44 29.80 34.26 23.96
N PRO E 45 30.49 35.36 23.72
CA PRO E 45 30.03 36.31 22.70
C PRO E 45 29.99 35.67 21.32
N TRP E 46 28.98 36.03 20.53
CA TRP E 46 28.81 35.45 19.21
C TRP E 46 28.86 36.47 18.07
N LEU E 47 28.79 37.76 18.36
CA LEU E 47 28.80 38.78 17.31
C LEU E 47 30.10 39.58 17.34
N ASN F 5 -9.46 54.24 0.71
CA ASN F 5 -10.73 54.94 0.79
C ASN F 5 -11.12 55.18 2.25
N ALA F 6 -12.13 56.02 2.46
CA ALA F 6 -12.56 56.31 3.83
C ALA F 6 -13.33 55.16 4.45
N ASN F 7 -13.93 54.29 3.63
CA ASN F 7 -14.75 53.19 4.10
C ASN F 7 -13.98 51.88 4.16
N LEU F 8 -12.65 51.94 4.23
CA LEU F 8 -11.84 50.73 4.23
C LEU F 8 -12.18 49.81 5.40
N TYR F 9 -12.66 50.36 6.51
CA TYR F 9 -13.02 49.54 7.65
C TYR F 9 -14.10 48.51 7.31
N LYS F 10 -14.90 48.77 6.27
CA LYS F 10 -15.91 47.81 5.86
C LYS F 10 -15.31 46.48 5.43
N ILE F 11 -13.99 46.40 5.26
CA ILE F 11 -13.34 45.12 4.98
C ILE F 11 -13.60 44.12 6.10
N TRP F 12 -13.93 44.61 7.30
CA TRP F 12 -14.22 43.72 8.43
C TRP F 12 -15.67 43.24 8.45
N LEU F 13 -16.50 43.72 7.53
CA LEU F 13 -17.82 43.16 7.32
C LEU F 13 -17.83 42.04 6.29
N ILE F 14 -16.65 41.67 5.77
CA ILE F 14 -16.51 40.61 4.79
C ILE F 14 -15.62 39.48 5.31
N LEU F 15 -14.50 39.82 5.95
CA LEU F 15 -13.54 38.84 6.43
C LEU F 15 -13.68 38.67 7.93
N ASP F 16 -13.54 37.42 8.38
CA ASP F 16 -13.68 37.11 9.80
C ASP F 16 -12.41 37.49 10.55
N PRO F 17 -12.49 38.33 11.58
CA PRO F 17 -11.25 38.78 12.26
C PRO F 17 -10.42 37.65 12.87
N ARG F 18 -11.07 36.61 13.43
CA ARG F 18 -10.32 35.54 14.09
C ARG F 18 -9.43 34.80 13.11
N ARG F 19 -10.00 34.41 11.96
CA ARG F 19 -9.22 33.69 10.96
C ARG F 19 -8.10 34.56 10.41
N VAL F 20 -8.37 35.85 10.22
CA VAL F 20 -7.35 36.77 9.72
C VAL F 20 -6.19 36.84 10.70
N LEU F 21 -6.49 36.99 11.99
CA LEU F 21 -5.42 37.10 12.99
C LEU F 21 -4.61 35.81 13.09
N VAL F 22 -5.30 34.66 13.09
CA VAL F 22 -4.58 33.38 13.18
C VAL F 22 -3.69 33.18 11.96
N SER F 23 -4.21 33.49 10.77
CA SER F 23 -3.42 33.34 9.55
C SER F 23 -2.22 34.28 9.58
N ILE F 24 -2.41 35.51 10.04
CA ILE F 24 -1.31 36.46 10.10
C ILE F 24 -0.21 35.94 11.02
N VAL F 25 -0.59 35.47 12.21
CA VAL F 25 0.42 35.00 13.16
C VAL F 25 1.18 33.80 12.59
N ALA F 26 0.45 32.82 12.07
CA ALA F 26 1.11 31.62 11.55
C ALA F 26 2.02 31.95 10.37
N PHE F 27 1.54 32.78 9.44
CA PHE F 27 2.36 33.14 8.29
C PHE F 27 3.60 33.90 8.70
N GLN F 28 3.48 34.83 9.66
CA GLN F 28 4.64 35.59 10.08
C GLN F 28 5.67 34.70 10.76
N ILE F 29 5.24 33.74 11.58
CA ILE F 29 6.19 32.84 12.24
C ILE F 29 6.90 31.98 11.20
N VAL F 30 6.15 31.41 10.26
CA VAL F 30 6.77 30.55 9.24
C VAL F 30 7.72 31.35 8.36
N LEU F 31 7.34 32.58 8.00
CA LEU F 31 8.21 33.42 7.19
C LEU F 31 9.49 33.77 7.95
N GLY F 32 9.38 34.07 9.24
CA GLY F 32 10.57 34.36 10.02
C GLY F 32 11.54 33.19 10.06
N LEU F 33 11.01 31.99 10.31
CA LEU F 33 11.86 30.81 10.30
C LEU F 33 12.50 30.60 8.93
N LEU F 34 11.73 30.73 7.86
CA LEU F 34 12.25 30.50 6.52
C LEU F 34 13.36 31.49 6.18
N ILE F 35 13.15 32.77 6.49
CA ILE F 35 14.16 33.78 6.15
C ILE F 35 15.41 33.59 6.99
N HIS F 36 15.27 33.22 8.26
CA HIS F 36 16.46 32.96 9.06
C HIS F 36 17.27 31.79 8.50
N MET F 37 16.59 30.71 8.09
CA MET F 37 17.33 29.60 7.46
C MET F 37 17.99 30.02 6.17
N ILE F 38 17.28 30.81 5.34
CA ILE F 38 17.85 31.24 4.06
C ILE F 38 19.10 32.07 4.28
N VAL F 39 19.07 32.98 5.25
CA VAL F 39 20.25 33.79 5.53
C VAL F 39 21.36 32.93 6.14
N LEU F 40 21.00 31.91 6.92
CA LEU F 40 22.02 31.01 7.46
C LEU F 40 22.73 30.22 6.36
N SER F 41 22.02 29.86 5.29
CA SER F 41 22.63 29.03 4.25
C SER F 41 23.59 29.81 3.35
N THR F 42 23.60 31.14 3.41
CA THR F 42 24.46 31.94 2.56
C THR F 42 25.78 32.24 3.29
N ASP F 43 26.56 33.18 2.75
CA ASP F 43 27.80 33.60 3.39
C ASP F 43 27.59 34.77 4.35
N LEU F 44 26.34 35.11 4.67
CA LEU F 44 26.02 36.07 5.71
C LEU F 44 25.85 35.42 7.06
N ASN F 45 26.20 34.14 7.18
CA ASN F 45 26.06 33.41 8.43
C ASN F 45 26.84 34.09 9.55
N TRP F 46 26.21 34.23 10.72
CA TRP F 46 26.82 34.87 11.86
C TRP F 46 27.25 33.88 12.94
N LEU F 47 26.89 32.61 12.81
CA LEU F 47 27.27 31.60 13.80
C LEU F 47 28.59 30.93 13.43
N ASP F 48 28.67 30.38 12.22
CA ASP F 48 29.87 29.71 11.74
C ASP F 48 30.73 30.65 10.88
N ASP F 49 31.14 31.76 11.48
CA ASP F 49 32.00 32.71 10.79
C ASP F 49 33.29 33.01 11.57
N ASN F 50 33.49 32.36 12.71
CA ASN F 50 34.71 32.53 13.52
C ASN F 50 34.95 34.00 13.88
N ILE F 51 33.87 34.71 14.18
CA ILE F 51 33.92 36.08 14.65
C ILE F 51 33.13 36.18 15.94
N PRO F 52 33.68 36.75 17.02
CA PRO F 52 35.01 37.39 17.11
C PRO F 52 36.18 36.41 17.11
N VAL F 53 36.01 35.24 17.76
CA VAL F 53 37.03 34.21 17.79
C VAL F 53 36.36 32.85 17.56
N SER F 54 37.19 31.88 17.17
CA SER F 54 36.73 30.50 17.02
C SER F 54 36.88 29.79 18.37
N TYR F 55 35.78 29.20 18.84
CA TYR F 55 35.75 28.58 20.16
C TYR F 55 36.07 27.10 20.13
N GLN F 56 35.97 26.46 18.97
CA GLN F 56 36.39 25.06 18.83
C GLN F 56 37.88 24.97 18.48
N ALA F 57 38.70 25.63 19.27
CA ALA F 57 40.14 25.69 19.01
C ALA F 57 40.88 26.18 20.24
N THR G 8 -20.05 38.30 8.74
CA THR G 8 -19.21 38.16 9.93
C THR G 8 -19.99 38.51 11.20
N GLY G 9 -21.12 39.19 11.03
CA GLY G 9 -21.97 39.56 12.15
C GLY G 9 -21.59 40.84 12.84
N LEU G 10 -20.49 41.48 12.45
CA LEU G 10 -20.06 42.72 13.07
C LEU G 10 -20.92 43.88 12.60
N THR G 11 -21.13 44.84 13.49
CA THR G 11 -21.83 46.06 13.15
C THR G 11 -20.82 47.08 12.60
N ASP G 12 -21.30 48.32 12.38
CA ASP G 12 -20.42 49.35 11.84
C ASP G 12 -19.43 49.84 12.90
N ASP G 13 -19.89 50.08 14.12
CA ASP G 13 -19.02 50.60 15.17
C ASP G 13 -17.93 49.59 15.54
N GLU G 14 -18.30 48.32 15.62
CA GLU G 14 -17.31 47.29 15.92
C GLU G 14 -16.26 47.21 14.83
N ALA G 15 -16.68 47.31 13.56
CA ALA G 15 -15.72 47.32 12.47
C ALA G 15 -14.78 48.51 12.54
N LYS G 16 -15.32 49.70 12.87
CA LYS G 16 -14.47 50.88 12.98
C LYS G 16 -13.43 50.72 14.09
N GLU G 17 -13.87 50.23 15.25
CA GLU G 17 -12.95 50.07 16.37
C GLU G 17 -11.88 49.02 16.06
N PHE G 18 -12.29 47.90 15.46
CA PHE G 18 -11.31 46.88 15.09
C PHE G 18 -10.32 47.41 14.07
N HIS G 19 -10.79 48.19 13.10
CA HIS G 19 -9.87 48.76 12.11
C HIS G 19 -8.87 49.69 12.75
N ALA G 20 -9.32 50.54 13.69
CA ALA G 20 -8.41 51.47 14.35
C ALA G 20 -7.32 50.71 15.10
N ILE G 21 -7.73 49.72 15.90
CA ILE G 21 -6.74 49.00 16.71
C ILE G 21 -5.81 48.17 15.82
N PHE G 22 -6.35 47.57 14.75
CA PHE G 22 -5.55 46.80 13.82
C PHE G 22 -4.49 47.67 13.16
N MET G 23 -4.89 48.87 12.72
CA MET G 23 -3.93 49.79 12.09
C MET G 23 -2.84 50.19 13.07
N GLN G 24 -3.21 50.52 14.31
CA GLN G 24 -2.21 50.93 15.29
C GLN G 24 -1.21 49.81 15.55
N SER G 25 -1.71 48.59 15.76
CA SER G 25 -0.82 47.47 16.04
C SER G 25 0.08 47.17 14.84
N MET G 26 -0.46 47.24 13.63
CA MET G 26 0.35 46.99 12.43
C MET G 26 1.46 48.03 12.29
N TYR G 27 1.15 49.29 12.57
CA TYR G 27 2.17 50.33 12.51
C TYR G 27 3.27 50.09 13.54
N ALA G 28 2.89 49.69 14.76
CA ALA G 28 3.90 49.39 15.77
C ALA G 28 4.81 48.23 15.33
N TRP G 29 4.21 47.17 14.78
CA TRP G 29 4.99 46.04 14.31
C TRP G 29 5.95 46.44 13.19
N PHE G 30 5.48 47.27 12.26
CA PHE G 30 6.34 47.72 11.17
C PHE G 30 7.48 48.59 11.70
N GLY G 31 7.22 49.43 12.70
CA GLY G 31 8.28 50.21 13.30
C GLY G 31 9.34 49.35 13.95
N LEU G 32 8.92 48.30 14.67
CA LEU G 32 9.89 47.38 15.26
C LEU G 32 10.73 46.70 14.18
N VAL G 33 10.09 46.27 13.10
CA VAL G 33 10.82 45.61 12.01
C VAL G 33 11.83 46.57 11.40
N VAL G 34 11.44 47.83 11.20
CA VAL G 34 12.35 48.81 10.62
C VAL G 34 13.55 49.04 11.51
N ILE G 35 13.34 49.14 12.83
CA ILE G 35 14.46 49.33 13.75
C ILE G 35 15.41 48.13 13.69
N ALA G 36 14.85 46.92 13.67
CA ALA G 36 15.70 45.73 13.61
C ALA G 36 16.52 45.69 12.32
N HIS G 37 15.90 46.06 11.20
CA HIS G 37 16.63 46.07 9.93
C HIS G 37 17.69 47.16 9.90
N LEU G 38 17.43 48.30 10.53
CA LEU G 38 18.47 49.33 10.65
C LEU G 38 19.67 48.81 11.42
N LEU G 39 19.42 48.11 12.54
CA LEU G 39 20.52 47.54 13.31
C LEU G 39 21.29 46.51 12.50
N ALA G 40 20.56 45.65 11.77
CA ALA G 40 21.22 44.63 10.96
C ALA G 40 22.08 45.24 9.87
N TRP G 41 21.58 46.30 9.23
CA TRP G 41 22.38 46.99 8.22
C TRP G 41 23.62 47.64 8.84
N LEU G 42 23.47 48.22 10.04
CA LEU G 42 24.63 48.79 10.71
C LEU G 42 25.67 47.73 11.06
N TYR G 43 25.24 46.50 11.34
CA TYR G 43 26.19 45.45 11.68
C TYR G 43 26.76 44.77 10.43
N ARG G 44 25.89 44.20 9.60
CA ARG G 44 26.30 43.40 8.45
C ARG G 44 25.59 43.89 7.19
N PRO G 45 26.15 44.89 6.51
CA PRO G 45 25.57 45.31 5.23
C PRO G 45 25.61 44.18 4.20
N TRP G 46 24.54 44.09 3.40
CA TRP G 46 24.44 43.04 2.40
C TRP G 46 24.36 43.55 0.97
N LEU G 47 24.03 44.82 0.75
CA LEU G 47 23.91 45.36 -0.60
C LEU G 47 25.15 46.14 -0.98
N ALA H 6 -18.25 50.92 -18.41
CA ALA H 6 -19.15 51.71 -17.59
C ALA H 6 -19.87 50.84 -16.56
N ASN H 7 -20.27 49.64 -16.98
CA ASN H 7 -20.97 48.70 -16.12
C ASN H 7 -20.07 47.54 -15.70
N LEU H 8 -18.79 47.82 -15.47
CA LEU H 8 -17.87 46.75 -15.07
C LEU H 8 -18.11 46.29 -13.65
N TYR H 9 -18.64 47.17 -12.79
CA TYR H 9 -18.86 46.80 -11.39
C TYR H 9 -19.80 45.61 -11.25
N LYS H 10 -20.64 45.35 -12.25
CA LYS H 10 -21.53 44.20 -12.22
C LYS H 10 -20.78 42.88 -12.15
N ILE H 11 -19.46 42.89 -12.35
CA ILE H 11 -18.68 41.67 -12.15
C ILE H 11 -18.77 41.19 -10.72
N TRP H 12 -19.15 42.07 -9.78
CA TRP H 12 -19.32 41.68 -8.39
C TRP H 12 -20.70 41.10 -8.11
N LEU H 13 -21.59 41.08 -9.11
CA LEU H 13 -22.85 40.36 -9.02
C LEU H 13 -22.73 38.94 -9.54
N ILE H 14 -21.51 38.52 -9.92
CA ILE H 14 -21.24 37.18 -10.42
C ILE H 14 -20.23 36.45 -9.56
N LEU H 15 -19.14 37.13 -9.20
CA LEU H 15 -18.05 36.55 -8.43
C LEU H 15 -18.16 36.97 -6.97
N ASP H 16 -17.92 36.02 -6.07
CA ASP H 16 -18.00 36.29 -4.64
C ASP H 16 -16.79 37.08 -4.18
N PRO H 17 -16.97 38.26 -3.57
CA PRO H 17 -15.81 39.09 -3.20
C PRO H 17 -14.82 38.41 -2.25
N ARG H 18 -15.33 37.65 -1.27
CA ARG H 18 -14.45 37.06 -0.27
C ARG H 18 -13.51 36.03 -0.89
N ARG H 19 -14.05 35.15 -1.75
CA ARG H 19 -13.22 34.15 -2.41
C ARG H 19 -12.20 34.82 -3.31
N VAL H 20 -12.60 35.88 -4.01
CA VAL H 20 -11.67 36.61 -4.89
C VAL H 20 -10.52 37.18 -4.07
N LEU H 21 -10.84 37.80 -2.93
CA LEU H 21 -9.81 38.41 -2.11
C LEU H 21 -8.85 37.36 -1.55
N VAL H 22 -9.38 36.25 -1.05
CA VAL H 22 -8.51 35.20 -0.50
C VAL H 22 -7.62 34.61 -1.58
N SER H 23 -8.19 34.36 -2.77
CA SER H 23 -7.40 33.82 -3.87
C SER H 23 -6.31 34.80 -4.29
N ILE H 24 -6.64 36.10 -4.35
CA ILE H 24 -5.64 37.10 -4.73
C ILE H 24 -4.49 37.11 -3.73
N VAL H 25 -4.81 37.10 -2.43
CA VAL H 25 -3.75 37.15 -1.42
C VAL H 25 -2.85 35.93 -1.52
N ALA H 26 -3.45 34.74 -1.59
CA ALA H 26 -2.65 33.52 -1.64
C ALA H 26 -1.79 33.46 -2.90
N PHE H 27 -2.38 33.81 -4.05
CA PHE H 27 -1.63 33.79 -5.30
C PHE H 27 -0.47 34.77 -5.27
N GLN H 28 -0.70 35.98 -4.74
CA GLN H 28 0.38 36.96 -4.68
C GLN H 28 1.50 36.50 -3.78
N ILE H 29 1.18 35.90 -2.63
CA ILE H 29 2.23 35.43 -1.73
C ILE H 29 3.05 34.32 -2.39
N VAL H 30 2.37 33.35 -3.00
CA VAL H 30 3.08 32.24 -3.64
C VAL H 30 3.92 32.73 -4.80
N LEU H 31 3.39 33.67 -5.59
CA LEU H 31 4.15 34.23 -6.70
C LEU H 31 5.38 34.97 -6.21
N GLY H 32 5.25 35.75 -5.12
CA GLY H 32 6.40 36.44 -4.58
C GLY H 32 7.49 35.48 -4.15
N LEU H 33 7.11 34.42 -3.44
CA LEU H 33 8.10 33.43 -3.02
C LEU H 33 8.78 32.78 -4.23
N LEU H 34 7.98 32.41 -5.24
CA LEU H 34 8.54 31.73 -6.41
C LEU H 34 9.50 32.63 -7.17
N ILE H 35 9.14 33.90 -7.36
CA ILE H 35 10.01 34.80 -8.11
C ILE H 35 11.28 35.09 -7.33
N HIS H 36 11.19 35.22 -6.00
CA HIS H 36 12.40 35.42 -5.22
C HIS H 36 13.34 34.22 -5.32
N MET H 37 12.79 33.00 -5.26
CA MET H 37 13.61 31.81 -5.48
C MET H 37 14.26 31.81 -6.86
N ILE H 38 13.48 32.12 -7.89
CA ILE H 38 14.00 32.05 -9.26
C ILE H 38 15.13 33.06 -9.46
N VAL H 39 14.96 34.29 -8.97
CA VAL H 39 16.03 35.26 -9.08
C VAL H 39 17.22 34.88 -8.21
N LEU H 40 16.99 34.18 -7.10
CA LEU H 40 18.10 33.71 -6.28
C LEU H 40 18.93 32.66 -7.00
N SER H 41 18.30 31.81 -7.82
CA SER H 41 19.02 30.72 -8.47
C SER H 41 19.87 31.16 -9.65
N THR H 42 19.72 32.39 -10.14
CA THR H 42 20.47 32.87 -11.29
C THR H 42 21.74 33.59 -10.81
N ASP H 43 22.39 34.32 -11.72
CA ASP H 43 23.57 35.11 -11.37
C ASP H 43 23.21 36.52 -10.93
N LEU H 44 21.93 36.80 -10.71
CA LEU H 44 21.48 38.05 -10.10
C LEU H 44 21.40 37.95 -8.58
N ASN H 45 21.92 36.87 -8.00
CA ASN H 45 21.88 36.66 -6.57
C ASN H 45 22.56 37.82 -5.85
N TRP H 46 21.93 38.31 -4.79
CA TRP H 46 22.46 39.41 -4.00
C TRP H 46 23.04 38.97 -2.66
N LEU H 47 22.87 37.70 -2.28
CA LEU H 47 23.40 37.20 -1.01
C LEU H 47 24.79 36.58 -1.18
N ASP H 48 24.92 35.62 -2.08
CA ASP H 48 26.20 34.97 -2.37
C ASP H 48 26.92 35.62 -3.54
N ASP H 49 27.14 36.93 -3.48
CA ASP H 49 27.90 37.62 -4.53
C ASP H 49 29.13 38.35 -3.97
N ASN H 50 29.41 38.19 -2.68
CA ASN H 50 30.61 38.78 -2.04
C ASN H 50 30.66 40.29 -2.25
N ILE H 51 29.51 40.94 -2.18
CA ILE H 51 29.42 42.39 -2.28
C ILE H 51 28.64 42.89 -1.07
N PRO H 52 29.15 43.88 -0.32
CA PRO H 52 30.37 44.65 -0.58
C PRO H 52 31.66 43.89 -0.26
N VAL H 53 31.65 43.09 0.82
CA VAL H 53 32.79 42.29 1.22
C VAL H 53 32.31 40.89 1.57
N SER H 54 33.25 39.95 1.62
CA SER H 54 32.98 38.59 2.05
C SER H 54 33.19 38.50 3.55
N TYR H 55 32.19 37.96 4.26
CA TYR H 55 32.22 37.92 5.71
C TYR H 55 32.71 36.59 6.27
N GLN H 56 32.65 35.52 5.49
CA GLN H 56 33.19 34.23 5.91
C GLN H 56 34.69 34.12 5.68
N ALA H 57 35.32 35.10 5.07
CA ALA H 57 36.75 35.07 4.82
C ALA H 57 37.42 36.36 5.30
N THR I 8 -24.40 36.18 -5.68
CA THR I 8 -23.56 36.74 -4.62
C THR I 8 -24.38 37.45 -3.55
N GLY I 9 -25.64 37.74 -3.89
CA GLY I 9 -26.51 38.42 -2.95
C GLY I 9 -26.18 39.87 -2.71
N LEU I 10 -25.49 40.53 -3.64
CA LEU I 10 -25.11 41.92 -3.51
C LEU I 10 -26.04 42.80 -4.33
N THR I 11 -26.42 43.94 -3.76
CA THR I 11 -27.21 44.92 -4.48
C THR I 11 -26.31 45.75 -5.40
N ASP I 12 -26.93 46.66 -6.16
CA ASP I 12 -26.16 47.47 -7.10
C ASP I 12 -25.22 48.43 -6.38
N ASP I 13 -25.71 49.10 -5.33
CA ASP I 13 -24.89 50.08 -4.62
C ASP I 13 -23.69 49.43 -3.95
N GLU I 14 -23.89 48.25 -3.35
CA GLU I 14 -22.78 47.54 -2.74
C GLU I 14 -21.73 47.16 -3.78
N ALA I 15 -22.18 46.72 -4.96
CA ALA I 15 -21.24 46.39 -6.02
C ALA I 15 -20.46 47.62 -6.46
N LYS I 16 -21.13 48.77 -6.59
CA LYS I 16 -20.43 49.99 -6.99
C LYS I 16 -19.38 50.39 -5.96
N GLU I 17 -19.73 50.34 -4.68
CA GLU I 17 -18.79 50.73 -3.63
C GLU I 17 -17.60 49.77 -3.58
N PHE I 18 -17.88 48.47 -3.68
CA PHE I 18 -16.79 47.49 -3.66
C PHE I 18 -15.87 47.69 -4.86
N HIS I 19 -16.44 47.97 -6.03
CA HIS I 19 -15.61 48.20 -7.21
C HIS I 19 -14.72 49.42 -7.03
N ALA I 20 -15.26 50.50 -6.47
CA ALA I 20 -14.46 51.71 -6.27
C ALA I 20 -13.29 51.44 -5.33
N ILE I 21 -13.57 50.80 -4.20
CA ILE I 21 -12.50 50.55 -3.24
C ILE I 21 -11.48 49.56 -3.78
N PHE I 22 -11.95 48.54 -4.51
CA PHE I 22 -11.06 47.56 -5.12
C PHE I 22 -10.12 48.21 -6.12
N MET I 23 -10.66 49.09 -6.97
CA MET I 23 -9.82 49.79 -7.95
C MET I 23 -8.78 50.66 -7.25
N GLN I 24 -9.19 51.40 -6.21
CA GLN I 24 -8.24 52.28 -5.53
C GLN I 24 -7.11 51.47 -4.89
N SER I 25 -7.45 50.37 -4.21
CA SER I 25 -6.43 49.55 -3.56
C SER I 25 -5.51 48.92 -4.60
N MET I 26 -6.05 48.45 -5.72
CA MET I 26 -5.23 47.85 -6.76
C MET I 26 -4.26 48.86 -7.34
N TYR I 27 -4.72 50.11 -7.55
CA TYR I 27 -3.82 51.14 -8.06
C TYR I 27 -2.70 51.44 -7.08
N ALA I 28 -3.02 51.50 -5.78
CA ALA I 28 -1.97 51.72 -4.78
C ALA I 28 -0.95 50.59 -4.78
N TRP I 29 -1.42 49.35 -4.86
CA TRP I 29 -0.51 48.21 -4.90
C TRP I 29 0.40 48.26 -6.13
N PHE I 30 -0.17 48.61 -7.29
CA PHE I 30 0.63 48.71 -8.50
C PHE I 30 1.66 49.83 -8.39
N GLY I 31 1.30 50.95 -7.76
CA GLY I 31 2.26 52.02 -7.54
C GLY I 31 3.44 51.57 -6.69
N LEU I 32 3.15 50.86 -5.59
CA LEU I 32 4.24 50.33 -4.77
C LEU I 32 5.12 49.37 -5.58
N VAL I 33 4.50 48.52 -6.39
CA VAL I 33 5.28 47.55 -7.17
C VAL I 33 6.20 48.25 -8.15
N VAL I 34 5.69 49.27 -8.84
CA VAL I 34 6.52 49.95 -9.84
C VAL I 34 7.63 50.75 -9.15
N ILE I 35 7.38 51.31 -7.96
CA ILE I 35 8.46 51.98 -7.24
C ILE I 35 9.56 51.00 -6.87
N ALA I 36 9.18 49.82 -6.36
CA ALA I 36 10.17 48.81 -6.00
C ALA I 36 10.97 48.37 -7.22
N HIS I 37 10.29 48.19 -8.36
CA HIS I 37 11.01 47.77 -9.56
C HIS I 37 11.94 48.86 -10.09
N LEU I 38 11.54 50.13 -9.95
CA LEU I 38 12.45 51.22 -10.31
C LEU I 38 13.70 51.20 -9.43
N LEU I 39 13.55 50.97 -8.13
CA LEU I 39 14.72 50.89 -7.26
C LEU I 39 15.60 49.70 -7.64
N ALA I 40 14.98 48.55 -7.94
CA ALA I 40 15.75 47.37 -8.32
C ALA I 40 16.53 47.60 -9.62
N TRP I 41 15.90 48.26 -10.59
CA TRP I 41 16.60 48.59 -11.83
C TRP I 41 17.74 49.57 -11.58
N LEU I 42 17.54 50.53 -10.67
CA LEU I 42 18.62 51.44 -10.33
C LEU I 42 19.80 50.71 -9.70
N TYR I 43 19.52 49.70 -8.89
CA TYR I 43 20.61 48.97 -8.23
C TYR I 43 21.24 47.93 -9.16
N ARG I 44 20.43 47.00 -9.67
CA ARG I 44 20.92 45.85 -10.43
C ARG I 44 20.15 45.72 -11.74
N PRO I 45 20.57 46.43 -12.79
CA PRO I 45 19.94 46.24 -14.11
C PRO I 45 20.11 44.81 -14.60
N TRP I 46 19.07 44.29 -15.25
CA TRP I 46 19.09 42.92 -15.74
C TRP I 46 18.95 42.80 -17.25
N LEU I 47 18.51 43.85 -17.94
CA LEU I 47 18.37 43.79 -19.39
C LEU I 47 19.46 44.59 -20.08
N ASN J 5 -21.96 34.90 -36.57
CA ASN J 5 -23.34 35.34 -36.77
C ASN J 5 -23.65 36.55 -35.90
N ALA J 6 -24.91 36.99 -35.95
CA ALA J 6 -25.37 38.12 -35.15
C ALA J 6 -25.96 37.69 -33.81
N ASN J 7 -26.17 36.40 -33.59
CA ASN J 7 -26.74 35.88 -32.36
C ASN J 7 -25.70 35.15 -31.52
N LEU J 8 -24.42 35.49 -31.69
CA LEU J 8 -23.37 34.82 -30.93
C LEU J 8 -23.55 34.97 -29.43
N TYR J 9 -24.16 36.08 -28.99
CA TYR J 9 -24.39 36.28 -27.57
C TYR J 9 -25.21 35.15 -26.97
N LYS J 10 -26.02 34.47 -27.78
CA LYS J 10 -26.82 33.36 -27.28
C LYS J 10 -25.97 32.24 -26.70
N ILE J 11 -24.66 32.23 -26.95
CA ILE J 11 -23.80 31.24 -26.33
C ILE J 11 -23.89 31.32 -24.80
N TRP J 12 -24.16 32.51 -24.27
CA TRP J 12 -24.27 32.66 -22.83
C TRP J 12 -25.54 32.04 -22.27
N LEU J 13 -26.52 31.73 -23.13
CA LEU J 13 -27.66 30.93 -22.68
C LEU J 13 -27.33 29.44 -22.62
N ILE J 14 -26.17 29.03 -23.14
CA ILE J 14 -25.73 27.65 -23.09
C ILE J 14 -24.69 27.45 -22.00
N LEU J 15 -23.66 28.28 -21.97
CA LEU J 15 -22.57 28.17 -21.01
C LEU J 15 -22.86 29.01 -19.77
N ASP J 16 -22.07 28.77 -18.72
CA ASP J 16 -22.23 29.47 -17.45
C ASP J 16 -21.12 30.51 -17.31
N PRO J 17 -21.45 31.80 -17.20
CA PRO J 17 -20.41 32.83 -17.20
C PRO J 17 -19.36 32.68 -16.10
N ARG J 18 -19.78 32.28 -14.89
CA ARG J 18 -18.84 32.20 -13.77
C ARG J 18 -17.77 31.14 -14.03
N ARG J 19 -18.20 29.94 -14.44
CA ARG J 19 -17.25 28.86 -14.72
C ARG J 19 -16.33 29.24 -15.87
N VAL J 20 -16.87 29.91 -16.89
CA VAL J 20 -16.05 30.33 -18.02
C VAL J 20 -14.98 31.31 -17.57
N LEU J 21 -15.35 32.28 -16.74
CA LEU J 21 -14.37 33.27 -16.27
C LEU J 21 -13.30 32.62 -15.41
N VAL J 22 -13.70 31.72 -14.50
CA VAL J 22 -12.72 31.06 -13.64
C VAL J 22 -11.76 30.21 -14.46
N SER J 23 -12.31 29.46 -15.44
CA SER J 23 -11.46 28.63 -16.30
C SER J 23 -10.50 29.50 -17.11
N ILE J 24 -10.98 30.62 -17.64
CA ILE J 24 -10.12 31.50 -18.42
C ILE J 24 -8.97 32.03 -17.57
N VAL J 25 -9.28 32.49 -16.35
CA VAL J 25 -8.23 33.04 -15.48
C VAL J 25 -7.19 31.97 -15.16
N ALA J 26 -7.65 30.80 -14.74
CA ALA J 26 -6.72 29.73 -14.36
C ALA J 26 -5.86 29.30 -15.54
N PHE J 27 -6.48 29.11 -16.71
CA PHE J 27 -5.74 28.69 -17.89
C PHE J 27 -4.71 29.74 -18.30
N GLN J 28 -5.08 31.02 -18.25
CA GLN J 28 -4.14 32.06 -18.62
C GLN J 28 -2.95 32.10 -17.68
N ILE J 29 -3.19 31.96 -16.38
CA ILE J 29 -2.09 31.99 -15.41
C ILE J 29 -1.15 30.81 -15.64
N VAL J 30 -1.71 29.60 -15.78
CA VAL J 30 -0.88 28.42 -15.97
C VAL J 30 -0.11 28.50 -17.28
N LEU J 31 -0.75 28.98 -18.35
CA LEU J 31 -0.08 29.11 -19.63
C LEU J 31 1.06 30.12 -19.56
N GLY J 32 0.85 31.25 -18.88
CA GLY J 32 1.91 32.22 -18.74
C GLY J 32 3.10 31.65 -17.99
N LEU J 33 2.85 30.94 -16.89
CA LEU J 33 3.94 30.30 -16.15
C LEU J 33 4.68 29.32 -17.04
N LEU J 34 3.94 28.47 -17.76
CA LEU J 34 4.57 27.45 -18.59
C LEU J 34 5.42 28.06 -19.69
N ILE J 35 4.92 29.10 -20.36
CA ILE J 35 5.67 29.70 -21.45
C ILE J 35 6.91 30.41 -20.94
N HIS J 36 6.81 31.09 -19.78
CA HIS J 36 8.01 31.69 -19.21
C HIS J 36 9.06 30.64 -18.87
N MET J 37 8.65 29.50 -18.28
CA MET J 37 9.60 28.45 -17.98
C MET J 37 10.21 27.86 -19.25
N ILE J 38 9.40 27.68 -20.30
CA ILE J 38 9.92 27.11 -21.54
C ILE J 38 10.93 28.04 -22.19
N VAL J 39 10.64 29.34 -22.23
CA VAL J 39 11.58 30.29 -22.83
C VAL J 39 12.83 30.42 -21.98
N LEU J 40 12.72 30.23 -20.67
CA LEU J 40 13.89 30.33 -19.80
C LEU J 40 14.94 29.26 -20.10
N SER J 41 14.51 28.09 -20.57
CA SER J 41 15.44 26.98 -20.78
CA SER J 41 15.42 26.97 -20.79
C SER J 41 16.14 27.02 -22.13
N THR J 42 15.74 27.92 -23.03
CA THR J 42 16.31 27.96 -24.37
C THR J 42 17.47 28.95 -24.44
N ASP J 43 17.94 29.23 -25.65
CA ASP J 43 18.98 30.21 -25.89
C ASP J 43 18.52 31.63 -25.63
N LEU J 44 17.21 31.86 -25.51
CA LEU J 44 16.66 33.19 -25.30
C LEU J 44 16.58 33.59 -23.83
N ASN J 45 17.28 32.87 -22.95
CA ASN J 45 17.28 33.22 -21.53
C ASN J 45 17.80 34.63 -21.32
N TRP J 46 17.14 35.39 -20.45
CA TRP J 46 17.51 36.77 -20.19
C TRP J 46 18.09 37.00 -18.81
N LEU J 47 17.88 36.09 -17.87
CA LEU J 47 18.41 36.26 -16.52
C LEU J 47 19.87 35.82 -16.46
N ASP J 48 20.14 34.57 -16.80
CA ASP J 48 21.48 33.99 -16.70
C ASP J 48 22.19 34.02 -18.07
N ASP J 49 22.44 35.24 -18.57
CA ASP J 49 23.16 35.40 -19.82
C ASP J 49 24.27 36.44 -19.74
N ASN J 50 24.60 36.93 -18.55
CA ASN J 50 25.73 37.85 -18.34
C ASN J 50 25.58 39.12 -19.20
N ILE J 51 24.36 39.62 -19.32
CA ILE J 51 24.09 40.87 -20.02
C ILE J 51 23.24 41.75 -19.09
N PRO J 52 23.60 43.02 -18.88
CA PRO J 52 24.71 43.74 -19.55
C PRO J 52 26.08 43.51 -18.91
N VAL J 53 26.11 42.90 -17.73
CA VAL J 53 27.37 42.63 -17.04
C VAL J 53 27.12 41.51 -16.04
N SER J 54 28.12 40.65 -15.85
CA SER J 54 28.04 39.58 -14.86
C SER J 54 28.27 40.17 -13.47
N TYR J 55 27.37 39.86 -12.55
CA TYR J 55 27.43 40.43 -11.21
C TYR J 55 28.09 39.52 -10.19
N GLN J 56 28.29 38.25 -10.52
CA GLN J 56 29.01 37.31 -9.66
C GLN J 56 30.49 37.26 -9.97
N ALA J 57 30.98 38.13 -10.86
CA ALA J 57 32.39 38.15 -11.21
C ALA J 57 32.88 39.58 -11.41
N LEU K 10 -30.20 32.92 -17.20
CA LEU K 10 -30.27 34.35 -17.45
C LEU K 10 -31.07 34.64 -18.71
N THR K 11 -31.64 35.84 -18.79
CA THR K 11 -32.52 36.21 -19.90
C THR K 11 -31.69 36.66 -21.10
N ASP K 12 -32.37 37.19 -22.12
CA ASP K 12 -31.68 37.57 -23.35
C ASP K 12 -30.89 38.87 -23.17
N ASP K 13 -31.47 39.85 -22.47
CA ASP K 13 -30.79 41.13 -22.28
C ASP K 13 -29.52 40.97 -21.45
N GLU K 14 -29.58 40.12 -20.43
CA GLU K 14 -28.39 39.84 -19.63
C GLU K 14 -27.30 39.22 -20.48
N ALA K 15 -27.68 38.29 -21.37
CA ALA K 15 -26.70 37.70 -22.27
C ALA K 15 -26.08 38.73 -23.20
N LYS K 16 -26.90 39.64 -23.73
CA LYS K 16 -26.36 40.68 -24.62
C LYS K 16 -25.38 41.58 -23.89
N GLU K 17 -25.73 42.02 -22.68
CA GLU K 17 -24.83 42.88 -21.92
C GLU K 17 -23.54 42.17 -21.56
N PHE K 18 -23.63 40.91 -21.12
CA PHE K 18 -22.43 40.14 -20.80
C PHE K 18 -21.55 39.96 -22.03
N HIS K 19 -22.16 39.70 -23.19
CA HIS K 19 -21.37 39.53 -24.41
C HIS K 19 -20.64 40.81 -24.77
N ALA K 20 -21.32 41.95 -24.67
CA ALA K 20 -20.68 43.23 -24.99
C ALA K 20 -19.48 43.48 -24.09
N ILE K 21 -19.67 43.33 -22.78
CA ILE K 21 -18.57 43.60 -21.85
C ILE K 21 -17.43 42.58 -22.03
N PHE K 22 -17.78 41.33 -22.28
CA PHE K 22 -16.78 40.29 -22.49
C PHE K 22 -15.92 40.59 -23.71
N MET K 23 -16.55 40.97 -24.82
CA MET K 23 -15.79 41.29 -26.02
C MET K 23 -14.90 42.50 -25.82
N GLN K 24 -15.41 43.53 -25.13
CA GLN K 24 -14.58 44.71 -24.88
C GLN K 24 -13.35 44.36 -24.05
N SER K 25 -13.54 43.61 -22.97
CA SER K 25 -12.42 43.23 -22.12
C SER K 25 -11.42 42.35 -22.86
N MET K 26 -11.92 41.41 -23.68
CA MET K 26 -11.04 40.53 -24.43
C MET K 26 -10.20 41.33 -25.44
N TYR K 27 -10.81 42.32 -26.10
CA TYR K 27 -10.05 43.16 -27.02
C TYR K 27 -8.98 43.95 -26.29
N ALA K 28 -9.30 44.49 -25.11
CA ALA K 28 -8.28 45.20 -24.35
C ALA K 28 -7.11 44.29 -23.97
N TRP K 29 -7.42 43.07 -23.51
CA TRP K 29 -6.37 42.12 -23.15
C TRP K 29 -5.50 41.77 -24.36
N PHE K 30 -6.12 41.56 -25.52
CA PHE K 30 -5.36 41.24 -26.72
C PHE K 30 -4.46 42.40 -27.13
N GLY K 31 -4.95 43.64 -26.99
CA GLY K 31 -4.11 44.78 -27.28
C GLY K 31 -2.90 44.87 -26.37
N LEU K 32 -3.10 44.63 -25.07
CA LEU K 32 -1.96 44.61 -24.16
C LEU K 32 -0.95 43.54 -24.54
N VAL K 33 -1.44 42.34 -24.88
CA VAL K 33 -0.55 41.25 -25.28
C VAL K 33 0.25 41.63 -26.53
N VAL K 34 -0.42 42.26 -27.50
CA VAL K 34 0.25 42.66 -28.73
C VAL K 34 1.35 43.68 -28.44
N ILE K 35 1.06 44.65 -27.57
CA ILE K 35 2.08 45.65 -27.23
C ILE K 35 3.29 44.98 -26.56
N ALA K 36 3.03 44.05 -25.64
CA ALA K 36 4.13 43.37 -24.96
C ALA K 36 4.98 42.57 -25.94
N HIS K 37 4.32 41.88 -26.89
CA HIS K 37 5.08 41.10 -27.87
C HIS K 37 5.86 42.00 -28.83
N LEU K 38 5.32 43.16 -29.16
CA LEU K 38 6.07 44.11 -29.98
C LEU K 38 7.32 44.58 -29.25
N LEU K 39 7.21 44.89 -27.96
CA LEU K 39 8.38 45.27 -27.18
C LEU K 39 9.40 44.14 -27.12
N ALA K 40 8.93 42.91 -26.91
CA ALA K 40 9.85 41.76 -26.84
C ALA K 40 10.57 41.56 -28.17
N TRP K 41 9.86 41.71 -29.29
CA TRP K 41 10.50 41.60 -30.59
C TRP K 41 11.52 42.71 -30.80
N LEU K 42 11.20 43.93 -30.35
CA LEU K 42 12.16 45.02 -30.48
C LEU K 42 13.41 44.77 -29.65
N TYR K 43 13.28 44.07 -28.52
CA TYR K 43 14.44 43.79 -27.68
C TYR K 43 15.21 42.55 -28.15
N ARG K 44 14.55 41.40 -28.20
CA ARG K 44 15.20 40.11 -28.43
C ARG K 44 14.45 39.34 -29.52
N PRO K 45 14.73 39.62 -30.80
CA PRO K 45 14.10 38.87 -31.88
C PRO K 45 14.43 37.39 -31.81
N TRP K 46 13.44 36.56 -32.15
CA TRP K 46 13.61 35.11 -32.11
C TRP K 46 13.51 34.43 -33.46
N LEU K 47 12.91 35.09 -34.45
CA LEU K 47 12.74 34.48 -35.77
C LEU K 47 13.76 35.03 -36.76
N ASN L 5 -25.94 16.25 -46.31
CA ASN L 5 -27.40 16.18 -46.42
C ASN L 5 -28.03 17.49 -45.96
N ALA L 6 -29.35 17.57 -46.04
CA ALA L 6 -30.11 18.73 -45.60
C ALA L 6 -30.64 18.61 -44.19
N ASN L 7 -30.61 17.41 -43.61
CA ASN L 7 -31.11 17.17 -42.25
C ASN L 7 -29.99 16.98 -41.24
N LEU L 8 -28.76 17.37 -41.60
CA LEU L 8 -27.62 17.15 -40.70
C LEU L 8 -27.81 17.87 -39.37
N TYR L 9 -28.56 18.98 -39.35
CA TYR L 9 -28.79 19.70 -38.11
C TYR L 9 -29.48 18.83 -37.07
N LYS L 10 -30.18 17.78 -37.49
CA LYS L 10 -30.84 16.89 -36.54
C LYS L 10 -29.84 16.17 -35.64
N ILE L 11 -28.55 16.22 -35.95
CA ILE L 11 -27.56 15.67 -35.03
C ILE L 11 -27.64 16.37 -33.68
N TRP L 12 -28.05 17.64 -33.66
CA TRP L 12 -28.17 18.35 -32.39
C TRP L 12 -29.37 17.89 -31.58
N LEU L 13 -30.24 17.06 -32.15
CA LEU L 13 -31.28 16.39 -31.38
C LEU L 13 -30.78 15.09 -30.74
N ILE L 14 -29.51 14.73 -30.97
CA ILE L 14 -28.92 13.53 -30.40
C ILE L 14 -27.79 13.87 -29.44
N LEU L 15 -26.92 14.81 -29.82
CA LEU L 15 -25.75 15.17 -29.03
C LEU L 15 -26.01 16.49 -28.29
N ASP L 16 -25.56 16.54 -27.05
CA ASP L 16 -25.78 17.72 -26.21
C ASP L 16 -24.80 18.82 -26.60
N PRO L 17 -25.27 20.02 -26.97
CA PRO L 17 -24.34 21.06 -27.43
C PRO L 17 -23.27 21.45 -26.42
N ARG L 18 -23.62 21.53 -25.14
CA ARG L 18 -22.66 21.98 -24.14
C ARG L 18 -21.49 21.01 -24.01
N ARG L 19 -21.78 19.72 -23.93
CA ARG L 19 -20.72 18.72 -23.83
C ARG L 19 -19.84 18.74 -25.07
N VAL L 20 -20.47 18.89 -26.25
CA VAL L 20 -19.71 18.94 -27.50
C VAL L 20 -18.76 20.13 -27.50
N LEU L 21 -19.25 21.30 -27.08
CA LEU L 21 -18.39 22.49 -27.08
C LEU L 21 -17.24 22.34 -26.09
N VAL L 22 -17.52 21.84 -24.89
CA VAL L 22 -16.47 21.68 -23.89
C VAL L 22 -15.42 20.67 -24.37
N SER L 23 -15.88 19.56 -24.94
CA SER L 23 -14.94 18.55 -25.46
C SER L 23 -14.10 19.12 -26.60
N ILE L 24 -14.72 19.90 -27.49
CA ILE L 24 -13.97 20.49 -28.59
C ILE L 24 -12.88 21.42 -28.07
N VAL L 25 -13.23 22.28 -27.12
CA VAL L 25 -12.26 23.24 -26.59
C VAL L 25 -11.10 22.51 -25.93
N ALA L 26 -11.41 21.55 -25.06
CA ALA L 26 -10.35 20.84 -24.34
C ALA L 26 -9.45 20.06 -25.31
N PHE L 27 -10.06 19.35 -26.26
CA PHE L 27 -9.27 18.58 -27.22
C PHE L 27 -8.39 19.48 -28.06
N GLN L 28 -8.91 20.63 -28.51
CA GLN L 28 -8.11 21.53 -29.33
C GLN L 28 -6.93 22.08 -28.54
N ILE L 29 -7.14 22.44 -27.27
CA ILE L 29 -6.04 22.97 -26.47
C ILE L 29 -4.96 21.90 -26.27
N VAL L 30 -5.38 20.68 -25.90
CA VAL L 30 -4.41 19.61 -25.66
C VAL L 30 -3.66 19.27 -26.94
N LEU L 31 -4.37 19.23 -28.07
CA LEU L 31 -3.71 18.93 -29.34
C LEU L 31 -2.72 20.02 -29.72
N GLY L 32 -3.07 21.29 -29.50
CA GLY L 32 -2.13 22.36 -29.79
C GLY L 32 -0.86 22.23 -28.98
N LEU L 33 -1.00 21.99 -27.67
CA LEU L 33 0.18 21.80 -26.84
C LEU L 33 1.01 20.61 -27.32
N LEU L 34 0.36 19.50 -27.63
CA LEU L 34 1.08 18.30 -28.04
C LEU L 34 1.85 18.52 -29.33
N ILE L 35 1.22 19.16 -30.33
CA ILE L 35 1.90 19.38 -31.60
C ILE L 35 3.05 20.36 -31.43
N HIS L 36 2.87 21.40 -30.60
CA HIS L 36 3.97 22.33 -30.39
C HIS L 36 5.17 21.63 -29.75
N MET L 37 4.92 20.78 -28.74
CA MET L 37 6.02 20.04 -28.12
C MET L 37 6.66 19.06 -29.11
N ILE L 38 5.86 18.41 -29.94
CA ILE L 38 6.43 17.45 -30.89
C ILE L 38 7.31 18.15 -31.92
N VAL L 39 6.86 19.29 -32.43
CA VAL L 39 7.69 20.03 -33.40
C VAL L 39 8.91 20.62 -32.72
N LEU L 40 8.83 20.90 -31.41
CA LEU L 40 9.99 21.45 -30.71
C LEU L 40 11.14 20.45 -30.59
N SER L 41 10.88 19.15 -30.66
CA SER L 41 11.91 18.15 -30.45
CA SER L 41 11.90 18.13 -30.46
C SER L 41 12.62 17.75 -31.75
N THR L 42 12.16 18.21 -32.90
CA THR L 42 12.77 17.86 -34.17
C THR L 42 13.82 18.90 -34.55
N ASP L 43 14.29 18.86 -35.80
CA ASP L 43 15.20 19.88 -36.32
C ASP L 43 14.47 21.10 -36.84
N LEU L 44 13.16 21.16 -36.66
CA LEU L 44 12.35 22.32 -37.00
C LEU L 44 12.24 23.30 -35.84
N ASN L 45 12.98 23.06 -34.75
CA ASN L 45 12.94 23.94 -33.59
C ASN L 45 13.32 25.36 -33.98
N TRP L 46 12.54 26.33 -33.48
CA TRP L 46 12.76 27.73 -33.79
C TRP L 46 13.36 28.54 -32.64
N LEU L 47 13.30 28.01 -31.41
CA LEU L 47 13.83 28.72 -30.25
C LEU L 47 15.34 28.49 -30.09
N ASP L 48 15.73 27.23 -29.93
CA ASP L 48 17.12 26.87 -29.66
C ASP L 48 17.83 26.47 -30.97
N ASP L 49 17.86 27.40 -31.92
CA ASP L 49 18.56 27.14 -33.18
C ASP L 49 19.52 28.26 -33.57
N ASN L 50 19.79 29.21 -32.68
CA ASN L 50 20.80 30.24 -32.90
C ASN L 50 20.52 31.05 -34.17
N ILE L 51 19.25 31.35 -34.41
CA ILE L 51 18.84 32.20 -35.52
C ILE L 51 17.92 33.28 -34.96
N PRO L 52 18.15 34.57 -35.28
CA PRO L 52 19.17 35.12 -36.18
C PRO L 52 20.58 35.09 -35.60
N VAL L 53 20.71 35.33 -34.30
CA VAL L 53 22.00 35.31 -33.63
C VAL L 53 21.87 34.54 -32.32
N SER L 54 23.01 34.11 -31.80
CA SER L 54 23.07 33.44 -30.50
C SER L 54 23.25 34.50 -29.42
N TYR L 55 22.39 34.46 -28.41
CA TYR L 55 22.38 35.49 -27.38
C TYR L 55 23.15 35.11 -26.12
N GLN L 56 23.44 33.84 -25.92
CA GLN L 56 24.28 33.39 -24.81
C GLN L 56 25.76 33.38 -25.16
N ALA L 57 26.12 33.79 -26.37
CA ALA L 57 27.51 33.82 -26.78
C ALA L 57 27.85 35.16 -27.44
N SER M 6 -36.74 15.99 -27.51
CA SER M 6 -36.01 14.77 -27.86
C SER M 6 -35.02 14.40 -26.77
N LEU M 7 -33.92 13.76 -27.17
CA LEU M 7 -32.90 13.37 -26.21
C LEU M 7 -32.26 14.59 -25.55
N THR M 8 -31.96 15.62 -26.34
CA THR M 8 -31.33 16.83 -25.82
C THR M 8 -32.32 17.89 -25.39
N GLY M 9 -33.61 17.69 -25.64
CA GLY M 9 -34.62 18.67 -25.26
C GLY M 9 -34.70 19.87 -26.19
N LEU M 10 -34.05 19.84 -27.33
CA LEU M 10 -34.06 20.95 -28.28
C LEU M 10 -35.14 20.74 -29.32
N THR M 11 -35.77 21.83 -29.74
CA THR M 11 -36.75 21.78 -30.82
C THR M 11 -36.03 21.83 -32.17
N ASP M 12 -36.83 21.90 -33.25
CA ASP M 12 -36.25 21.92 -34.58
C ASP M 12 -35.57 23.26 -34.88
N ASP M 13 -36.23 24.37 -34.54
CA ASP M 13 -35.69 25.68 -34.85
C ASP M 13 -34.39 25.95 -34.09
N GLU M 14 -34.34 25.54 -32.83
CA GLU M 14 -33.12 25.70 -32.05
C GLU M 14 -31.98 24.91 -32.66
N ALA M 15 -32.27 23.68 -33.11
CA ALA M 15 -31.24 22.87 -33.76
C ALA M 15 -30.75 23.53 -35.04
N LYS M 16 -31.66 24.09 -35.84
CA LYS M 16 -31.26 24.75 -37.08
C LYS M 16 -30.36 25.95 -36.79
N GLU M 17 -30.75 26.78 -35.81
CA GLU M 17 -29.95 27.96 -35.48
C GLU M 17 -28.57 27.57 -34.95
N PHE M 18 -28.52 26.57 -34.06
CA PHE M 18 -27.24 26.13 -33.53
C PHE M 18 -26.35 25.57 -34.64
N HIS M 19 -26.94 24.82 -35.58
CA HIS M 19 -26.16 24.29 -36.68
C HIS M 19 -25.58 25.40 -37.53
N ALA M 20 -26.39 26.42 -37.84
CA ALA M 20 -25.88 27.52 -38.66
C ALA M 20 -24.72 28.23 -37.99
N ILE M 21 -24.87 28.56 -36.70
CA ILE M 21 -23.80 29.30 -36.01
C ILE M 21 -22.57 28.42 -35.84
N PHE M 22 -22.77 27.12 -35.57
CA PHE M 22 -21.65 26.20 -35.44
C PHE M 22 -20.86 26.11 -36.73
N MET M 23 -21.56 25.99 -37.88
CA MET M 23 -20.86 25.95 -39.16
C MET M 23 -20.09 27.23 -39.42
N GLN M 24 -20.70 28.39 -39.13
CA GLN M 24 -19.99 29.65 -39.36
C GLN M 24 -18.71 29.71 -38.53
N SER M 25 -18.81 29.39 -37.24
CA SER M 25 -17.64 29.47 -36.36
C SER M 25 -16.57 28.47 -36.79
N MET M 26 -16.97 27.26 -37.17
CA MET M 26 -16.00 26.26 -37.60
C MET M 26 -15.27 26.70 -38.86
N TYR M 27 -15.99 27.29 -39.80
CA TYR M 27 -15.35 27.79 -41.02
C TYR M 27 -14.36 28.90 -40.71
N ALA M 28 -14.73 29.81 -39.80
CA ALA M 28 -13.80 30.88 -39.43
C ALA M 28 -12.53 30.32 -38.78
N TRP M 29 -12.70 29.35 -37.88
CA TRP M 29 -11.54 28.73 -37.24
C TRP M 29 -10.64 28.03 -38.25
N PHE M 30 -11.24 27.32 -39.21
CA PHE M 30 -10.45 26.66 -40.24
C PHE M 30 -9.71 27.66 -41.11
N GLY M 31 -10.35 28.80 -41.42
CA GLY M 31 -9.66 29.83 -42.18
C GLY M 31 -8.45 30.38 -41.45
N LEU M 32 -8.60 30.63 -40.14
CA LEU M 32 -7.45 31.09 -39.35
C LEU M 32 -6.33 30.06 -39.35
N VAL M 33 -6.69 28.77 -39.19
CA VAL M 33 -5.67 27.73 -39.19
C VAL M 33 -4.95 27.68 -40.54
N VAL M 34 -5.69 27.80 -41.63
CA VAL M 34 -5.10 27.76 -42.96
C VAL M 34 -4.13 28.93 -43.15
N ILE M 35 -4.52 30.13 -42.70
CA ILE M 35 -3.64 31.28 -42.83
C ILE M 35 -2.35 31.07 -42.04
N ALA M 36 -2.48 30.56 -40.81
CA ALA M 36 -1.29 30.33 -39.98
C ALA M 36 -0.37 29.30 -40.63
N HIS M 37 -0.94 28.24 -41.20
CA HIS M 37 -0.11 27.21 -41.82
C HIS M 37 0.56 27.73 -43.09
N LEU M 38 -0.12 28.59 -43.84
CA LEU M 38 0.52 29.21 -45.00
C LEU M 38 1.69 30.08 -44.57
N LEU M 39 1.52 30.85 -43.49
CA LEU M 39 2.63 31.66 -42.99
C LEU M 39 3.80 30.79 -42.55
N ALA M 40 3.51 29.69 -41.84
CA ALA M 40 4.57 28.80 -41.38
C ALA M 40 5.30 28.16 -42.55
N TRP M 41 4.58 27.77 -43.60
CA TRP M 41 5.23 27.22 -44.78
C TRP M 41 6.07 28.27 -45.49
N LEU M 42 5.63 29.52 -45.51
CA LEU M 42 6.45 30.58 -46.09
C LEU M 42 7.74 30.76 -45.29
N TYR M 43 7.66 30.59 -43.97
CA TYR M 43 8.86 30.77 -43.14
C TYR M 43 9.75 29.53 -43.15
N ARG M 44 9.20 28.39 -42.74
CA ARG M 44 9.97 27.16 -42.53
C ARG M 44 9.32 26.00 -43.26
N PRO M 45 9.61 25.82 -44.55
CA PRO M 45 9.10 24.64 -45.26
C PRO M 45 9.61 23.35 -44.63
N TRP M 46 8.74 22.34 -44.59
CA TRP M 46 9.09 21.06 -43.98
C TRP M 46 9.01 19.87 -44.91
N LEU M 47 8.44 20.02 -46.10
CA LEU M 47 8.33 18.90 -47.03
C LEU M 47 9.23 19.10 -48.23
N ASN N 5 -27.88 -5.71 -47.43
CA ASN N 5 -29.24 -6.24 -47.38
C ASN N 5 -30.24 -5.09 -47.36
N ALA N 6 -31.48 -5.37 -47.78
CA ALA N 6 -32.50 -4.34 -47.83
C ALA N 6 -32.86 -3.81 -46.45
N ASN N 7 -32.91 -4.70 -45.45
CA ASN N 7 -33.36 -4.34 -44.11
C ASN N 7 -32.20 -4.12 -43.15
N LEU N 8 -31.09 -3.54 -43.63
CA LEU N 8 -29.94 -3.31 -42.77
C LEU N 8 -30.20 -2.20 -41.75
N TYR N 9 -31.07 -1.24 -42.08
CA TYR N 9 -31.29 -0.10 -41.20
C TYR N 9 -31.80 -0.52 -39.82
N LYS N 10 -32.43 -1.70 -39.71
CA LYS N 10 -32.88 -2.18 -38.42
C LYS N 10 -31.75 -2.38 -37.43
N ILE N 11 -30.50 -2.27 -37.86
CA ILE N 11 -29.38 -2.29 -36.93
C ILE N 11 -29.48 -1.14 -35.93
N TRP N 12 -30.22 -0.09 -36.26
CA TRP N 12 -30.42 1.02 -35.35
C TRP N 12 -31.56 0.78 -34.35
N LEU N 13 -32.26 -0.34 -34.47
CA LEU N 13 -33.23 -0.75 -33.45
C LEU N 13 -32.59 -1.63 -32.39
N ILE N 14 -31.28 -1.89 -32.48
CA ILE N 14 -30.55 -2.67 -31.51
C ILE N 14 -29.44 -1.86 -30.84
N LEU N 15 -28.73 -1.05 -31.62
CA LEU N 15 -27.59 -0.29 -31.13
C LEU N 15 -27.98 1.17 -30.95
N ASP N 16 -27.58 1.76 -29.84
CA ASP N 16 -27.92 3.15 -29.53
C ASP N 16 -27.07 4.10 -30.36
N PRO N 17 -27.68 4.99 -31.16
CA PRO N 17 -26.88 5.85 -32.05
C PRO N 17 -25.86 6.73 -31.34
N ARG N 18 -26.21 7.28 -30.18
CA ARG N 18 -25.29 8.19 -29.48
C ARG N 18 -24.02 7.49 -29.06
N ARG N 19 -24.16 6.29 -28.47
CA ARG N 19 -22.99 5.53 -28.05
C ARG N 19 -22.12 5.14 -29.25
N VAL N 20 -22.77 4.77 -30.35
CA VAL N 20 -22.03 4.39 -31.56
C VAL N 20 -21.22 5.58 -32.07
N LEU N 21 -21.84 6.76 -32.14
CA LEU N 21 -21.13 7.94 -32.64
C LEU N 21 -19.98 8.33 -31.72
N VAL N 22 -20.19 8.31 -30.40
CA VAL N 22 -19.12 8.67 -29.47
C VAL N 22 -17.96 7.68 -29.59
N SER N 23 -18.28 6.39 -29.66
CA SER N 23 -17.24 5.38 -29.80
C SER N 23 -16.47 5.54 -31.10
N ILE N 24 -17.18 5.84 -32.19
CA ILE N 24 -16.52 6.03 -33.48
C ILE N 24 -15.54 7.20 -33.42
N VAL N 25 -15.99 8.33 -32.85
CA VAL N 25 -15.13 9.50 -32.80
C VAL N 25 -13.89 9.22 -31.95
N ALA N 26 -14.08 8.66 -30.76
CA ALA N 26 -12.94 8.40 -29.88
C ALA N 26 -11.97 7.41 -30.51
N PHE N 27 -12.48 6.32 -31.08
CA PHE N 27 -11.62 5.32 -31.69
C PHE N 27 -10.85 5.89 -32.87
N GLN N 28 -11.51 6.69 -33.70
CA GLN N 28 -10.82 7.27 -34.85
C GLN N 28 -9.72 8.22 -34.42
N ILE N 29 -9.97 9.04 -33.39
CA ILE N 29 -8.93 9.96 -32.94
C ILE N 29 -7.73 9.19 -32.37
N VAL N 30 -8.00 8.18 -31.54
CA VAL N 30 -6.91 7.41 -30.95
C VAL N 30 -6.13 6.67 -32.03
N LEU N 31 -6.84 6.11 -33.03
CA LEU N 31 -6.16 5.40 -34.10
C LEU N 31 -5.30 6.35 -34.94
N GLY N 32 -5.80 7.57 -35.20
CA GLY N 32 -4.99 8.52 -35.95
C GLY N 32 -3.71 8.88 -35.21
N LEU N 33 -3.83 9.16 -33.91
CA LEU N 33 -2.62 9.45 -33.13
C LEU N 33 -1.66 8.27 -33.14
N LEU N 34 -2.18 7.05 -32.96
CA LEU N 34 -1.33 5.87 -32.93
C LEU N 34 -0.59 5.67 -34.25
N ILE N 35 -1.30 5.83 -35.37
CA ILE N 35 -0.66 5.58 -36.66
C ILE N 35 0.37 6.66 -36.96
N HIS N 36 0.09 7.92 -36.61
CA HIS N 36 1.09 8.96 -36.81
C HIS N 36 2.35 8.67 -35.99
N MET N 37 2.18 8.25 -34.73
CA MET N 37 3.35 7.92 -33.91
C MET N 37 4.11 6.72 -34.47
N ILE N 38 3.40 5.71 -34.98
CA ILE N 38 4.07 4.54 -35.54
C ILE N 38 4.88 4.92 -36.77
N VAL N 39 4.31 5.76 -37.64
CA VAL N 39 5.03 6.15 -38.86
C VAL N 39 6.20 7.06 -38.52
N LEU N 40 6.11 7.83 -37.43
CA LEU N 40 7.24 8.69 -37.07
C LEU N 40 8.47 7.89 -36.65
N SER N 41 8.29 6.68 -36.12
CA SER N 41 9.43 5.92 -35.61
CA SER N 41 9.41 5.89 -35.61
C SER N 41 10.18 5.14 -36.70
N THR N 42 9.64 5.06 -37.90
CA THR N 42 10.27 4.32 -38.99
C THR N 42 11.18 5.25 -39.79
N ASP N 43 11.63 4.80 -40.96
CA ASP N 43 12.42 5.61 -41.86
C ASP N 43 11.56 6.45 -42.80
N LEU N 44 10.24 6.45 -42.59
CA LEU N 44 9.32 7.31 -43.32
C LEU N 44 9.10 8.64 -42.62
N ASN N 45 9.86 8.91 -41.56
CA ASN N 45 9.73 10.17 -40.83
C ASN N 45 9.94 11.36 -41.76
N TRP N 46 9.06 12.36 -41.63
CA TRP N 46 9.11 13.54 -42.47
C TRP N 46 9.62 14.79 -41.76
N LEU N 47 9.57 14.82 -40.43
CA LEU N 47 10.05 15.99 -39.70
C LEU N 47 11.56 16.00 -39.57
N ASP N 48 12.11 14.97 -38.95
CA ASP N 48 13.55 14.89 -38.67
C ASP N 48 14.27 14.06 -39.73
N ASP N 49 14.26 14.55 -40.98
CA ASP N 49 14.98 13.88 -42.06
C ASP N 49 15.80 14.84 -42.92
N ASN N 50 15.98 16.09 -42.48
CA ASN N 50 16.82 17.06 -43.16
C ASN N 50 16.41 17.26 -44.62
N ILE N 51 15.10 17.32 -44.86
CA ILE N 51 14.55 17.62 -46.18
C ILE N 51 13.52 18.72 -46.01
N PRO N 52 13.58 19.82 -46.80
CA PRO N 52 14.52 20.07 -47.89
C PRO N 52 15.92 20.43 -47.44
N VAL N 53 16.03 21.19 -46.34
CA VAL N 53 17.32 21.57 -45.78
C VAL N 53 17.28 21.37 -44.27
N SER N 54 18.46 21.30 -43.67
CA SER N 54 18.59 21.21 -42.23
C SER N 54 18.66 22.61 -41.64
N TYR N 55 17.78 22.88 -40.68
CA TYR N 55 17.66 24.23 -40.12
C TYR N 55 18.48 24.43 -38.86
N GLN N 56 19.00 23.37 -38.25
CA GLN N 56 19.89 23.46 -37.11
C GLN N 56 21.36 23.44 -37.50
N ALA N 57 21.65 23.66 -38.78
CA ALA N 57 23.03 23.66 -39.27
C ALA N 57 23.18 24.58 -40.47
N THR O 8 -33.75 0.70 -28.14
CA THR O 8 -33.24 2.02 -28.48
C THR O 8 -34.36 3.06 -28.51
N GLY O 9 -35.60 2.57 -28.65
CA GLY O 9 -36.75 3.43 -28.71
C GLY O 9 -37.02 4.10 -30.04
N LEU O 10 -36.23 3.80 -31.06
CA LEU O 10 -36.41 4.39 -32.37
C LEU O 10 -37.53 3.67 -33.13
N THR O 11 -38.21 4.42 -33.98
CA THR O 11 -39.22 3.87 -34.87
C THR O 11 -38.56 3.46 -36.20
N ASP O 12 -39.40 3.00 -37.13
CA ASP O 12 -38.87 2.56 -38.43
C ASP O 12 -38.38 3.74 -39.26
N ASP O 13 -39.16 4.82 -39.33
CA ASP O 13 -38.79 5.96 -40.14
C ASP O 13 -37.53 6.64 -39.62
N GLU O 14 -37.41 6.77 -38.30
CA GLU O 14 -36.21 7.36 -37.72
C GLU O 14 -34.99 6.51 -38.03
N ALA O 15 -35.14 5.19 -37.97
CA ALA O 15 -34.04 4.31 -38.32
C ALA O 15 -33.64 4.47 -39.78
N LYS O 16 -34.62 4.57 -40.68
CA LYS O 16 -34.31 4.77 -42.09
C LYS O 16 -33.54 6.07 -42.32
N GLU O 17 -34.01 7.16 -41.71
CA GLU O 17 -33.36 8.45 -41.88
C GLU O 17 -31.94 8.43 -41.32
N PHE O 18 -31.77 7.87 -40.12
CA PHE O 18 -30.44 7.80 -39.52
C PHE O 18 -29.50 6.95 -40.37
N HIS O 19 -29.99 5.84 -40.91
CA HIS O 19 -29.15 5.01 -41.75
C HIS O 19 -28.71 5.75 -43.01
N ALA O 20 -29.64 6.48 -43.64
CA ALA O 20 -29.28 7.22 -44.85
C ALA O 20 -28.20 8.26 -44.56
N ILE O 21 -28.39 9.05 -43.50
CA ILE O 21 -27.43 10.11 -43.20
C ILE O 21 -26.09 9.52 -42.77
N PHE O 22 -26.13 8.43 -41.98
CA PHE O 22 -24.90 7.77 -41.55
C PHE O 22 -24.11 7.25 -42.74
N MET O 23 -24.79 6.62 -43.70
CA MET O 23 -24.11 6.10 -44.88
C MET O 23 -23.49 7.21 -45.70
N GLN O 24 -24.23 8.32 -45.90
CA GLN O 24 -23.70 9.43 -46.67
C GLN O 24 -22.45 10.01 -46.02
N SER O 25 -22.51 10.24 -44.69
CA SER O 25 -21.37 10.81 -44.00
C SER O 25 -20.17 9.86 -44.03
N MET O 26 -20.41 8.56 -43.86
CA MET O 26 -19.32 7.60 -43.91
C MET O 26 -18.66 7.58 -45.28
N TYR O 27 -19.46 7.65 -46.34
CA TYR O 27 -18.88 7.69 -47.69
C TYR O 27 -18.04 8.94 -47.90
N ALA O 28 -18.52 10.09 -47.40
CA ALA O 28 -17.72 11.32 -47.52
C ALA O 28 -16.39 11.20 -46.78
N TRP O 29 -16.43 10.64 -45.57
CA TRP O 29 -15.20 10.47 -44.80
C TRP O 29 -14.22 9.53 -45.50
N PHE O 30 -14.74 8.44 -46.07
CA PHE O 30 -13.88 7.50 -46.80
C PHE O 30 -13.27 8.17 -48.03
N GLY O 31 -14.04 9.01 -48.72
CA GLY O 31 -13.49 9.74 -49.86
C GLY O 31 -12.36 10.66 -49.47
N LEU O 32 -12.53 11.39 -48.36
CA LEU O 32 -11.44 12.24 -47.86
C LEU O 32 -10.20 11.42 -47.53
N VAL O 33 -10.40 10.27 -46.87
CA VAL O 33 -9.27 9.41 -46.52
C VAL O 33 -8.54 8.93 -47.77
N VAL O 34 -9.30 8.53 -48.80
CA VAL O 34 -8.70 8.05 -50.04
C VAL O 34 -7.88 9.15 -50.70
N ILE O 35 -8.42 10.37 -50.73
CA ILE O 35 -7.67 11.48 -51.34
C ILE O 35 -6.38 11.73 -50.57
N ALA O 36 -6.45 11.73 -49.24
CA ALA O 36 -5.25 11.96 -48.44
C ALA O 36 -4.20 10.88 -48.69
N HIS O 37 -4.64 9.61 -48.78
CA HIS O 37 -3.68 8.54 -49.01
C HIS O 37 -3.07 8.60 -50.41
N LEU O 38 -3.86 9.02 -51.40
CA LEU O 38 -3.29 9.23 -52.74
C LEU O 38 -2.23 10.33 -52.72
N LEU O 39 -2.50 11.43 -52.01
CA LEU O 39 -1.51 12.49 -51.90
C LEU O 39 -0.25 12.00 -51.19
N ALA O 40 -0.41 11.19 -50.15
CA ALA O 40 0.74 10.64 -49.44
C ALA O 40 1.55 9.71 -50.33
N TRP O 41 0.87 8.89 -51.14
CA TRP O 41 1.58 8.00 -52.04
C TRP O 41 2.34 8.77 -53.12
N LEU O 42 1.80 9.90 -53.57
CA LEU O 42 2.54 10.70 -54.55
C LEU O 42 3.82 11.27 -53.97
N TYR O 43 3.85 11.55 -52.67
CA TYR O 43 5.03 12.14 -52.05
C TYR O 43 6.02 11.07 -51.59
N ARG O 44 5.58 10.16 -50.72
CA ARG O 44 6.46 9.18 -50.08
C ARG O 44 5.90 7.77 -50.26
N PRO O 45 6.16 7.15 -51.40
CA PRO O 45 5.75 5.74 -51.58
C PRO O 45 6.41 4.84 -50.54
N TRP O 46 5.65 3.89 -50.02
CA TRP O 46 6.15 2.99 -49.00
C TRP O 46 6.24 1.53 -49.45
N LEU O 47 5.55 1.15 -50.51
CA LEU O 47 5.57 -0.23 -50.98
C LEU O 47 6.46 -0.38 -52.21
N ASN P 5 -27.47 -27.22 -39.27
CA ASN P 5 -28.86 -27.68 -39.25
C ASN P 5 -29.80 -26.59 -39.77
N ALA P 6 -31.07 -26.94 -39.97
CA ALA P 6 -32.05 -25.99 -40.46
C ALA P 6 -32.55 -25.04 -39.37
N ASN P 7 -32.35 -25.38 -38.09
CA ASN P 7 -32.83 -24.58 -36.98
C ASN P 7 -31.72 -23.79 -36.31
N LEU P 8 -30.60 -23.55 -37.02
CA LEU P 8 -29.47 -22.85 -36.42
C LEU P 8 -29.86 -21.45 -35.96
N TYR P 9 -30.85 -20.83 -36.61
CA TYR P 9 -31.27 -19.49 -36.21
C TYR P 9 -31.76 -19.45 -34.77
N LYS P 10 -32.15 -20.60 -34.22
CA LYS P 10 -32.59 -20.64 -32.83
C LYS P 10 -31.48 -20.27 -31.85
N ILE P 11 -30.22 -20.21 -32.32
CA ILE P 11 -29.14 -19.72 -31.46
C ILE P 11 -29.39 -18.29 -31.03
N TRP P 12 -30.26 -17.55 -31.75
CA TRP P 12 -30.59 -16.20 -31.35
C TRP P 12 -31.69 -16.13 -30.30
N LEU P 13 -32.31 -17.27 -29.98
CA LEU P 13 -33.18 -17.36 -28.82
C LEU P 13 -32.42 -17.74 -27.55
N ILE P 14 -31.10 -17.84 -27.64
CA ILE P 14 -30.24 -18.21 -26.52
C ILE P 14 -29.24 -17.11 -26.18
N LEU P 15 -28.62 -16.51 -27.20
CA LEU P 15 -27.60 -15.49 -27.03
C LEU P 15 -28.17 -14.12 -27.41
N ASP P 16 -27.78 -13.10 -26.64
CA ASP P 16 -28.27 -11.75 -26.88
C ASP P 16 -27.56 -11.13 -28.08
N PRO P 17 -28.28 -10.70 -29.13
CA PRO P 17 -27.61 -10.18 -30.33
C PRO P 17 -26.70 -8.99 -30.08
N ARG P 18 -27.10 -8.06 -29.20
CA ARG P 18 -26.32 -6.84 -28.99
C ARG P 18 -24.96 -7.15 -28.40
N ARG P 19 -24.93 -7.99 -27.37
CA ARG P 19 -23.66 -8.36 -26.75
C ARG P 19 -22.78 -9.12 -27.72
N VAL P 20 -23.38 -9.97 -28.55
CA VAL P 20 -22.61 -10.70 -29.56
C VAL P 20 -21.96 -9.73 -30.54
N LEU P 21 -22.72 -8.75 -31.01
CA LEU P 21 -22.17 -7.79 -31.97
C LEU P 21 -21.04 -6.96 -31.35
N VAL P 22 -21.25 -6.49 -30.12
CA VAL P 22 -20.22 -5.67 -29.47
C VAL P 22 -18.96 -6.49 -29.25
N SER P 23 -19.10 -7.74 -28.79
CA SER P 23 -17.96 -8.60 -28.58
C SER P 23 -17.22 -8.88 -29.88
N ILE P 24 -17.98 -9.12 -30.96
CA ILE P 24 -17.36 -9.38 -32.25
C ILE P 24 -16.53 -8.18 -32.70
N VAL P 25 -17.10 -6.98 -32.59
CA VAL P 25 -16.39 -5.79 -33.05
C VAL P 25 -15.11 -5.59 -32.23
N ALA P 26 -15.22 -5.67 -30.90
CA ALA P 26 -14.05 -5.44 -30.06
C ALA P 26 -12.97 -6.48 -30.31
N PHE P 27 -13.36 -7.76 -30.41
CA PHE P 27 -12.40 -8.82 -30.65
C PHE P 27 -11.71 -8.65 -31.99
N GLN P 28 -12.46 -8.29 -33.04
CA GLN P 28 -11.86 -8.12 -34.35
C GLN P 28 -10.87 -6.96 -34.35
N ILE P 29 -11.21 -5.85 -33.69
CA ILE P 29 -10.28 -4.71 -33.66
C ILE P 29 -9.00 -5.08 -32.92
N VAL P 30 -9.14 -5.72 -31.75
CA VAL P 30 -7.96 -6.09 -30.96
C VAL P 30 -7.10 -7.10 -31.72
N LEU P 31 -7.74 -8.07 -32.38
CA LEU P 31 -7.00 -9.05 -33.16
C LEU P 31 -6.27 -8.40 -34.32
N GLY P 32 -6.91 -7.45 -35.00
CA GLY P 32 -6.22 -6.76 -36.09
C GLY P 32 -4.99 -6.02 -35.62
N LEU P 33 -5.12 -5.29 -34.50
CA LEU P 33 -3.95 -4.60 -33.95
C LEU P 33 -2.85 -5.60 -33.57
N LEU P 34 -3.21 -6.70 -32.93
CA LEU P 34 -2.23 -7.68 -32.48
C LEU P 34 -1.49 -8.29 -33.67
N ILE P 35 -2.22 -8.68 -34.71
CA ILE P 35 -1.59 -9.32 -35.86
C ILE P 35 -0.71 -8.32 -36.62
N HIS P 36 -1.14 -7.06 -36.71
CA HIS P 36 -0.30 -6.07 -37.37
C HIS P 36 1.01 -5.86 -36.60
N MET P 37 0.94 -5.79 -35.26
CA MET P 37 2.18 -5.73 -34.47
C MET P 37 3.05 -6.96 -34.70
N ILE P 38 2.46 -8.15 -34.68
CA ILE P 38 3.24 -9.38 -34.80
C ILE P 38 3.96 -9.43 -36.14
N VAL P 39 3.27 -9.08 -37.22
CA VAL P 39 3.92 -9.07 -38.54
C VAL P 39 4.94 -7.95 -38.62
N LEU P 40 4.72 -6.83 -37.92
CA LEU P 40 5.71 -5.76 -37.92
C LEU P 40 7.01 -6.20 -37.27
N SER P 41 6.92 -6.98 -36.18
CA SER P 41 8.12 -7.34 -35.44
C SER P 41 8.98 -8.40 -36.14
N THR P 42 8.47 -9.08 -37.16
CA THR P 42 9.20 -10.15 -37.81
C THR P 42 10.00 -9.64 -39.01
N ASP P 43 10.50 -10.57 -39.83
CA ASP P 43 11.25 -10.25 -41.03
C ASP P 43 10.37 -9.72 -42.16
N LEU P 44 9.05 -9.79 -42.01
CA LEU P 44 8.11 -9.33 -43.03
C LEU P 44 7.73 -7.87 -42.87
N ASN P 45 8.51 -7.10 -42.12
CA ASN P 45 8.23 -5.67 -41.95
C ASN P 45 8.26 -4.96 -43.30
N TRP P 46 7.28 -4.06 -43.50
CA TRP P 46 7.18 -3.32 -44.75
C TRP P 46 7.49 -1.84 -44.61
N LEU P 47 7.48 -1.30 -43.39
CA LEU P 47 7.77 0.13 -43.21
C LEU P 47 9.27 0.38 -43.18
N ASP P 48 9.97 -0.25 -42.25
CA ASP P 48 11.40 -0.03 -42.05
C ASP P 48 12.22 -1.11 -42.75
N ASP P 49 12.12 -1.17 -44.09
CA ASP P 49 12.91 -2.12 -44.87
C ASP P 49 13.61 -1.48 -46.06
N ASN P 50 13.62 -0.14 -46.15
CA ASN P 50 14.34 0.58 -47.19
C ASN P 50 13.91 0.14 -48.60
N ILE P 51 12.61 -0.05 -48.78
CA ILE P 51 12.03 -0.36 -50.08
C ILE P 51 10.86 0.60 -50.32
N PRO P 52 10.79 1.28 -51.46
CA PRO P 52 11.69 1.19 -52.62
C PRO P 52 13.05 1.86 -52.41
N VAL P 53 13.06 2.98 -51.69
CA VAL P 53 14.29 3.70 -51.38
C VAL P 53 14.27 4.10 -49.91
N SER P 54 15.45 4.42 -49.39
CA SER P 54 15.59 4.92 -48.03
C SER P 54 15.49 6.44 -48.04
N TYR P 55 14.56 6.97 -47.26
CA TYR P 55 14.28 8.40 -47.26
C TYR P 55 15.08 9.16 -46.21
N GLN P 56 15.74 8.46 -45.29
CA GLN P 56 16.60 9.10 -44.30
C GLN P 56 18.06 9.17 -44.74
N ALA P 57 18.36 8.73 -45.96
CA ALA P 57 19.73 8.76 -46.47
C ALA P 57 19.75 9.13 -47.94
N THR Q 8 -33.74 -13.99 -24.36
CA THR Q 8 -33.42 -12.87 -25.22
C THR Q 8 -34.67 -12.08 -25.57
N GLY Q 9 -35.84 -12.69 -25.39
CA GLY Q 9 -37.08 -12.01 -25.68
C GLY Q 9 -37.41 -11.89 -27.15
N LEU Q 10 -36.72 -12.64 -28.00
CA LEU Q 10 -36.94 -12.57 -29.44
C LEU Q 10 -37.96 -13.62 -29.87
N THR Q 11 -38.81 -13.27 -30.82
CA THR Q 11 -39.72 -14.23 -31.42
C THR Q 11 -38.99 -15.03 -32.49
N ASP Q 12 -39.71 -15.97 -33.11
CA ASP Q 12 -39.07 -16.83 -34.11
C ASP Q 12 -38.75 -16.05 -35.38
N ASP Q 13 -39.67 -15.20 -35.84
CA ASP Q 13 -39.45 -14.46 -37.08
C ASP Q 13 -38.28 -13.48 -36.94
N GLU Q 14 -38.18 -12.82 -35.80
CA GLU Q 14 -37.05 -11.92 -35.57
C GLU Q 14 -35.73 -12.68 -35.59
N ALA Q 15 -35.71 -13.88 -34.99
CA ALA Q 15 -34.51 -14.70 -35.03
C ALA Q 15 -34.14 -15.09 -36.45
N LYS Q 16 -35.14 -15.45 -37.26
CA LYS Q 16 -34.86 -15.82 -38.65
C LYS Q 16 -34.27 -14.65 -39.42
N GLU Q 17 -34.88 -13.46 -39.28
CA GLU Q 17 -34.39 -12.28 -39.99
C GLU Q 17 -32.97 -11.92 -39.55
N PHE Q 18 -32.72 -11.95 -38.23
CA PHE Q 18 -31.39 -11.63 -37.74
C PHE Q 18 -30.37 -12.63 -38.25
N HIS Q 19 -30.72 -13.92 -38.28
CA HIS Q 19 -29.79 -14.92 -38.79
C HIS Q 19 -29.47 -14.68 -40.25
N ALA Q 20 -30.48 -14.37 -41.06
CA ALA Q 20 -30.23 -14.12 -42.48
C ALA Q 20 -29.28 -12.94 -42.68
N ILE Q 21 -29.55 -11.83 -41.99
CA ILE Q 21 -28.72 -10.65 -42.19
C ILE Q 21 -27.31 -10.87 -41.64
N PHE Q 22 -27.21 -11.58 -40.51
CA PHE Q 22 -25.91 -11.90 -39.92
C PHE Q 22 -25.07 -12.74 -40.87
N MET Q 23 -25.69 -13.78 -41.48
CA MET Q 23 -24.97 -14.61 -42.42
C MET Q 23 -24.50 -13.82 -43.64
N GLN Q 24 -25.37 -12.95 -44.17
CA GLN Q 24 -24.99 -12.16 -45.33
C GLN Q 24 -23.80 -11.25 -45.01
N SER Q 25 -23.86 -10.54 -43.89
CA SER Q 25 -22.78 -9.64 -43.51
C SER Q 25 -21.49 -10.39 -43.25
N MET Q 26 -21.57 -11.55 -42.59
CA MET Q 26 -20.37 -12.34 -42.32
C MET Q 26 -19.72 -12.82 -43.62
N TYR Q 27 -20.54 -13.25 -44.58
CA TYR Q 27 -19.98 -13.67 -45.87
C TYR Q 27 -19.30 -12.51 -46.58
N ALA Q 28 -19.89 -11.31 -46.55
CA ALA Q 28 -19.26 -10.16 -47.17
C ALA Q 28 -17.92 -9.84 -46.51
N TRP Q 29 -17.87 -9.88 -45.17
CA TRP Q 29 -16.64 -9.61 -44.45
C TRP Q 29 -15.56 -10.64 -44.81
N PHE Q 30 -15.94 -11.92 -44.89
CA PHE Q 30 -14.98 -12.95 -45.24
C PHE Q 30 -14.47 -12.77 -46.67
N GLY Q 31 -15.34 -12.34 -47.59
CA GLY Q 31 -14.89 -12.06 -48.94
C GLY Q 31 -13.86 -10.93 -48.99
N LEU Q 32 -14.11 -9.86 -48.24
CA LEU Q 32 -13.14 -8.77 -48.19
C LEU Q 32 -11.80 -9.26 -47.62
N VAL Q 33 -11.86 -10.06 -46.56
CA VAL Q 33 -10.62 -10.58 -45.96
C VAL Q 33 -9.87 -11.45 -46.97
N VAL Q 34 -10.58 -12.29 -47.72
CA VAL Q 34 -9.95 -13.15 -48.70
C VAL Q 34 -9.26 -12.32 -49.79
N ILE Q 35 -9.94 -11.26 -50.26
CA ILE Q 35 -9.34 -10.41 -51.29
C ILE Q 35 -8.06 -9.75 -50.77
N ALA Q 36 -8.12 -9.24 -49.53
CA ALA Q 36 -6.94 -8.59 -48.96
C ALA Q 36 -5.78 -9.57 -48.82
N HIS Q 37 -6.07 -10.81 -48.40
CA HIS Q 37 -5.00 -11.79 -48.25
C HIS Q 37 -4.44 -12.21 -49.60
N LEU Q 38 -5.29 -12.27 -50.64
CA LEU Q 38 -4.77 -12.54 -51.99
C LEU Q 38 -3.82 -11.45 -52.43
N LEU Q 39 -4.18 -10.18 -52.19
CA LEU Q 39 -3.28 -9.08 -52.55
C LEU Q 39 -1.97 -9.16 -51.78
N ALA Q 40 -2.05 -9.47 -50.48
CA ALA Q 40 -0.84 -9.57 -49.66
C ALA Q 40 0.06 -10.70 -50.16
N TRP Q 41 -0.52 -11.85 -50.52
CA TRP Q 41 0.28 -12.95 -51.05
C TRP Q 41 0.91 -12.56 -52.38
N LEU Q 42 0.18 -11.83 -53.22
CA LEU Q 42 0.76 -11.39 -54.49
C LEU Q 42 1.93 -10.45 -54.26
N TYR Q 43 1.85 -9.58 -53.25
CA TYR Q 43 2.94 -8.64 -52.99
C TYR Q 43 4.10 -9.31 -52.27
N ARG Q 44 3.85 -9.87 -51.09
CA ARG Q 44 4.90 -10.36 -50.20
C ARG Q 44 4.56 -11.78 -49.74
N PRO Q 45 4.91 -12.80 -50.53
CA PRO Q 45 4.68 -14.17 -50.09
C PRO Q 45 5.46 -14.49 -48.82
N TRP Q 46 4.85 -15.29 -47.94
CA TRP Q 46 5.45 -15.64 -46.67
C TRP Q 46 5.68 -17.13 -46.47
N LEU Q 47 5.11 -17.98 -47.31
CA LEU Q 47 5.26 -19.42 -47.15
C LEU Q 47 6.14 -20.01 -48.25
N ALA R 6 -27.67 -43.50 -24.52
CA ALA R 6 -28.79 -43.07 -25.35
C ALA R 6 -29.46 -41.84 -24.75
N ASN R 7 -29.23 -41.61 -23.46
CA ASN R 7 -29.81 -40.48 -22.74
C ASN R 7 -28.79 -39.37 -22.49
N LEU R 8 -27.71 -39.32 -23.28
CA LEU R 8 -26.68 -38.31 -23.05
C LEU R 8 -27.23 -36.90 -23.16
N TYR R 9 -28.31 -36.72 -23.95
CA TYR R 9 -28.91 -35.40 -24.07
C TYR R 9 -29.38 -34.84 -22.74
N LYS R 10 -29.66 -35.70 -21.76
CA LYS R 10 -30.07 -35.20 -20.45
C LYS R 10 -28.98 -34.39 -19.76
N ILE R 11 -27.76 -34.38 -20.30
CA ILE R 11 -26.72 -33.50 -19.77
C ILE R 11 -27.14 -32.04 -19.89
N TRP R 12 -28.08 -31.74 -20.77
CA TRP R 12 -28.59 -30.38 -20.92
C TRP R 12 -29.67 -30.04 -19.91
N LEU R 13 -30.09 -31.00 -19.10
CA LEU R 13 -30.97 -30.74 -17.97
C LEU R 13 -30.20 -30.44 -16.69
N ILE R 14 -28.87 -30.40 -16.76
CA ILE R 14 -28.01 -30.11 -15.62
C ILE R 14 -27.17 -28.85 -15.87
N LEU R 15 -26.59 -28.74 -17.07
CA LEU R 15 -25.70 -27.65 -17.43
C LEU R 15 -26.44 -26.61 -18.27
N ASP R 16 -26.18 -25.34 -17.98
CA ASP R 16 -26.83 -24.25 -18.71
C ASP R 16 -26.18 -24.06 -20.07
N PRO R 17 -26.96 -24.11 -21.16
CA PRO R 17 -26.36 -24.00 -22.50
C PRO R 17 -25.58 -22.71 -22.73
N ARG R 18 -26.05 -21.57 -22.20
CA ARG R 18 -25.38 -20.31 -22.46
C ARG R 18 -23.96 -20.31 -21.88
N ARG R 19 -23.83 -20.74 -20.63
CA ARG R 19 -22.52 -20.79 -20.00
C ARG R 19 -21.59 -21.75 -20.74
N VAL R 20 -22.12 -22.89 -21.17
CA VAL R 20 -21.32 -23.86 -21.91
C VAL R 20 -20.80 -23.24 -23.20
N LEU R 21 -21.68 -22.57 -23.95
CA LEU R 21 -21.26 -21.99 -25.23
C LEU R 21 -20.23 -20.88 -25.02
N VAL R 22 -20.46 -20.00 -24.04
CA VAL R 22 -19.52 -18.90 -23.80
C VAL R 22 -18.17 -19.45 -23.37
N SER R 23 -18.17 -20.43 -22.46
CA SER R 23 -16.92 -21.02 -22.01
C SER R 23 -16.19 -21.71 -23.15
N ILE R 24 -16.92 -22.42 -24.02
CA ILE R 24 -16.29 -23.09 -25.15
C ILE R 24 -15.62 -22.07 -26.06
N VAL R 25 -16.34 -20.98 -26.39
CA VAL R 25 -15.77 -19.99 -27.30
C VAL R 25 -14.52 -19.36 -26.71
N ALA R 26 -14.61 -18.91 -25.46
CA ALA R 26 -13.47 -18.25 -24.83
C ALA R 26 -12.27 -19.19 -24.71
N PHE R 27 -12.51 -20.42 -24.27
CA PHE R 27 -11.42 -21.38 -24.12
C PHE R 27 -10.77 -21.69 -25.45
N GLN R 28 -11.57 -21.87 -26.50
CA GLN R 28 -11.00 -22.16 -27.81
C GLN R 28 -10.16 -21.01 -28.34
N ILE R 29 -10.62 -19.77 -28.14
CA ILE R 29 -9.84 -18.62 -28.61
C ILE R 29 -8.52 -18.52 -27.84
N VAL R 30 -8.57 -18.66 -26.52
CA VAL R 30 -7.36 -18.56 -25.72
C VAL R 30 -6.39 -19.69 -26.08
N LEU R 31 -6.91 -20.90 -26.26
CA LEU R 31 -6.07 -22.03 -26.65
C LEU R 31 -5.43 -21.81 -28.01
N GLY R 32 -6.18 -21.26 -28.97
CA GLY R 32 -5.60 -20.97 -30.26
C GLY R 32 -4.46 -19.99 -30.18
N LEU R 33 -4.66 -18.89 -29.43
CA LEU R 33 -3.57 -17.92 -29.27
C LEU R 33 -2.36 -18.56 -28.59
N LEU R 34 -2.59 -19.35 -27.54
CA LEU R 34 -1.48 -19.95 -26.81
C LEU R 34 -0.70 -20.92 -27.69
N ILE R 35 -1.39 -21.77 -28.45
CA ILE R 35 -0.70 -22.74 -29.28
C ILE R 35 0.04 -22.04 -30.43
N HIS R 36 -0.55 -20.98 -30.99
CA HIS R 36 0.17 -20.24 -32.03
C HIS R 36 1.44 -19.63 -31.48
N MET R 37 1.39 -19.04 -30.28
CA MET R 37 2.62 -18.54 -29.64
C MET R 37 3.64 -19.65 -29.42
N ILE R 38 3.18 -20.79 -28.90
CA ILE R 38 4.10 -21.87 -28.55
C ILE R 38 4.82 -22.39 -29.80
N VAL R 39 4.08 -22.61 -30.88
CA VAL R 39 4.71 -23.04 -32.12
C VAL R 39 5.57 -21.94 -32.72
N LEU R 40 5.21 -20.67 -32.48
CA LEU R 40 5.98 -19.57 -33.02
C LEU R 40 7.32 -19.39 -32.32
N SER R 41 7.43 -19.82 -31.07
CA SER R 41 8.70 -19.67 -30.34
C SER R 41 9.68 -20.81 -30.58
N THR R 42 9.27 -21.88 -31.25
CA THR R 42 10.12 -23.04 -31.46
C THR R 42 10.85 -22.95 -32.81
N ASP R 43 11.45 -24.07 -33.22
CA ASP R 43 12.14 -24.19 -34.50
C ASP R 43 11.19 -24.26 -35.69
N LEU R 44 9.88 -24.38 -35.44
CA LEU R 44 8.88 -24.46 -36.49
C LEU R 44 8.33 -23.09 -36.90
N ASN R 45 8.99 -22.01 -36.50
CA ASN R 45 8.55 -20.68 -36.87
C ASN R 45 8.50 -20.53 -38.39
N TRP R 46 7.44 -19.90 -38.88
CA TRP R 46 7.24 -19.70 -40.31
C TRP R 46 7.40 -18.25 -40.76
N LEU R 47 7.47 -17.30 -39.82
CA LEU R 47 7.64 -15.91 -40.18
C LEU R 47 9.12 -15.52 -40.26
N ASP R 48 9.89 -15.83 -39.22
CA ASP R 48 11.32 -15.54 -39.18
C ASP R 48 12.17 -16.72 -39.62
N ASP R 49 11.91 -17.27 -40.82
CA ASP R 49 12.70 -18.38 -41.32
C ASP R 49 13.33 -18.10 -42.68
N ASN R 50 13.19 -16.88 -43.21
CA ASN R 50 13.80 -16.49 -44.48
C ASN R 50 13.42 -17.42 -45.62
N ILE R 51 12.16 -17.87 -45.61
CA ILE R 51 11.59 -18.68 -46.69
C ILE R 51 10.32 -17.98 -47.15
N PRO R 52 10.13 -17.76 -48.46
CA PRO R 52 10.96 -18.19 -49.60
C PRO R 52 12.25 -17.39 -49.76
N VAL R 53 12.25 -16.13 -49.32
CA VAL R 53 13.40 -15.26 -49.46
C VAL R 53 13.36 -14.22 -48.35
N SER R 54 14.55 -13.80 -47.91
CA SER R 54 14.63 -12.72 -46.93
C SER R 54 14.31 -11.39 -47.58
N TYR R 55 13.49 -10.59 -46.89
CA TYR R 55 13.01 -9.34 -47.45
C TYR R 55 13.68 -8.11 -46.86
N GLN R 56 14.34 -8.23 -45.71
CA GLN R 56 15.09 -7.13 -45.12
C GLN R 56 16.53 -7.08 -45.59
N ALA R 57 16.91 -7.96 -46.51
CA ALA R 57 18.28 -7.98 -47.03
C ALA R 57 18.27 -8.21 -48.53
N THR S 8 -32.02 -25.99 -15.19
CA THR S 8 -31.84 -25.21 -16.40
C THR S 8 -33.18 -24.79 -17.00
N GLY S 9 -34.25 -25.47 -16.59
CA GLY S 9 -35.58 -25.16 -17.07
C GLY S 9 -35.93 -25.74 -18.42
N LEU S 10 -35.02 -26.47 -19.06
CA LEU S 10 -35.29 -27.06 -20.36
C LEU S 10 -36.15 -28.31 -20.21
N THR S 11 -37.02 -28.51 -21.20
CA THR S 11 -37.83 -29.72 -21.26
C THR S 11 -37.04 -30.82 -21.99
N ASP S 12 -37.69 -31.96 -22.21
CA ASP S 12 -37.02 -33.07 -22.87
C ASP S 12 -36.79 -32.78 -24.35
N ASP S 13 -37.80 -32.26 -25.04
CA ASP S 13 -37.68 -32.00 -26.47
C ASP S 13 -36.63 -30.94 -26.76
N GLU S 14 -36.59 -29.88 -25.96
CA GLU S 14 -35.58 -28.85 -26.14
C GLU S 14 -34.18 -29.42 -25.94
N ALA S 15 -34.02 -30.28 -24.94
CA ALA S 15 -32.72 -30.92 -24.72
C ALA S 15 -32.32 -31.78 -25.92
N LYS S 16 -33.28 -32.54 -26.47
CA LYS S 16 -32.98 -33.37 -27.63
C LYS S 16 -32.53 -32.53 -28.81
N GLU S 17 -33.27 -31.45 -29.10
CA GLU S 17 -32.93 -30.59 -30.23
C GLU S 17 -31.57 -29.94 -30.04
N PHE S 18 -31.31 -29.42 -28.83
CA PHE S 18 -30.02 -28.80 -28.55
C PHE S 18 -28.88 -29.80 -28.69
N HIS S 19 -29.08 -31.03 -28.21
CA HIS S 19 -28.04 -32.05 -28.34
C HIS S 19 -27.75 -32.37 -29.79
N ALA S 20 -28.80 -32.50 -30.61
CA ALA S 20 -28.59 -32.81 -32.02
C ALA S 20 -27.79 -31.71 -32.72
N ILE S 21 -28.19 -30.45 -32.50
CA ILE S 21 -27.50 -29.35 -33.19
C ILE S 21 -26.08 -29.19 -32.66
N PHE S 22 -25.88 -29.38 -31.35
CA PHE S 22 -24.55 -29.30 -30.77
C PHE S 22 -23.64 -30.37 -31.36
N MET S 23 -24.13 -31.60 -31.48
CA MET S 23 -23.33 -32.68 -32.05
C MET S 23 -22.94 -32.37 -33.49
N GLN S 24 -23.91 -31.91 -34.29
CA GLN S 24 -23.61 -31.61 -35.69
C GLN S 24 -22.57 -30.51 -35.81
N SER S 25 -22.73 -29.43 -35.04
CA SER S 25 -21.79 -28.32 -35.12
C SER S 25 -20.39 -28.74 -34.66
N MET S 26 -20.30 -29.53 -33.59
CA MET S 26 -19.00 -29.96 -33.10
C MET S 26 -18.31 -30.88 -34.11
N TYR S 27 -19.08 -31.75 -34.78
CA TYR S 27 -18.48 -32.59 -35.81
C TYR S 27 -17.94 -31.75 -36.97
N ALA S 28 -18.70 -30.72 -37.38
CA ALA S 28 -18.20 -29.86 -38.45
C ALA S 28 -16.91 -29.14 -38.04
N TRP S 29 -16.86 -28.64 -36.80
CA TRP S 29 -15.66 -27.96 -36.32
C TRP S 29 -14.47 -28.90 -36.29
N PHE S 30 -14.68 -30.14 -35.84
CA PHE S 30 -13.59 -31.12 -35.82
C PHE S 30 -13.13 -31.47 -37.23
N GLY S 31 -14.05 -31.54 -38.19
CA GLY S 31 -13.65 -31.75 -39.57
C GLY S 31 -12.77 -30.64 -40.11
N LEU S 32 -13.15 -29.39 -39.82
CA LEU S 32 -12.30 -28.27 -40.23
C LEU S 32 -10.92 -28.35 -39.60
N VAL S 33 -10.86 -28.68 -38.31
CA VAL S 33 -9.57 -28.79 -37.62
C VAL S 33 -8.72 -29.88 -38.26
N VAL S 34 -9.33 -31.02 -38.59
CA VAL S 34 -8.60 -32.12 -39.20
C VAL S 34 -8.04 -31.71 -40.56
N ILE S 35 -8.83 -31.01 -41.37
CA ILE S 35 -8.35 -30.57 -42.67
C ILE S 35 -7.17 -29.61 -42.50
N ALA S 36 -7.27 -28.68 -41.56
CA ALA S 36 -6.18 -27.73 -41.34
C ALA S 36 -4.90 -28.45 -40.90
N HIS S 37 -5.03 -29.44 -40.02
CA HIS S 37 -3.86 -30.18 -39.58
C HIS S 37 -3.26 -31.03 -40.69
N LEU S 38 -4.10 -31.57 -41.58
CA LEU S 38 -3.56 -32.29 -42.73
C LEU S 38 -2.75 -31.36 -43.63
N LEU S 39 -3.26 -30.14 -43.87
CA LEU S 39 -2.51 -29.18 -44.67
C LEU S 39 -1.19 -28.81 -43.99
N ALA S 40 -1.22 -28.59 -42.67
CA ALA S 40 -0.01 -28.23 -41.95
C ALA S 40 1.02 -29.36 -42.01
N TRP S 41 0.57 -30.60 -41.86
CA TRP S 41 1.50 -31.73 -41.98
C TRP S 41 2.07 -31.83 -43.38
N LEU S 42 1.26 -31.57 -44.40
CA LEU S 42 1.77 -31.59 -45.77
C LEU S 42 2.83 -30.52 -45.98
N TYR S 43 2.66 -29.36 -45.35
CA TYR S 43 3.64 -28.29 -45.52
C TYR S 43 4.87 -28.49 -44.63
N ARG S 44 4.66 -28.56 -43.31
CA ARG S 44 5.75 -28.58 -42.34
C ARG S 44 5.58 -29.75 -41.38
N PRO S 45 6.06 -30.94 -41.75
CA PRO S 45 6.01 -32.06 -40.80
C PRO S 45 6.82 -31.78 -39.55
N TRP S 46 6.31 -32.23 -38.40
CA TRP S 46 6.97 -32.00 -37.12
C TRP S 46 7.41 -33.26 -36.40
N LEU S 47 6.87 -34.43 -36.75
CA LEU S 47 7.25 -35.67 -36.08
C LEU S 47 8.19 -36.49 -36.96
N ASN T 5 -18.88 -51.53 -3.88
CA ASN T 5 -20.13 -52.11 -3.40
C ASN T 5 -21.23 -51.96 -4.44
N ALA T 6 -22.36 -52.61 -4.20
CA ALA T 6 -23.50 -52.53 -5.11
C ALA T 6 -24.27 -51.23 -4.99
N ASN T 7 -24.13 -50.53 -3.85
CA ASN T 7 -24.88 -49.31 -3.59
C ASN T 7 -24.06 -48.05 -3.87
N LEU T 8 -22.98 -48.17 -4.64
CA LEU T 8 -22.08 -47.05 -4.87
C LEU T 8 -22.79 -45.85 -5.49
N TYR T 9 -23.89 -46.09 -6.23
CA TYR T 9 -24.61 -45.00 -6.86
C TYR T 9 -25.13 -43.99 -5.84
N LYS T 10 -25.32 -44.40 -4.58
CA LYS T 10 -25.76 -43.44 -3.58
C LYS T 10 -24.76 -42.33 -3.33
N ILE T 11 -23.55 -42.42 -3.90
CA ILE T 11 -22.62 -41.30 -3.83
C ILE T 11 -23.20 -40.06 -4.48
N TRP T 12 -24.21 -40.23 -5.35
CA TRP T 12 -24.85 -39.09 -5.99
C TRP T 12 -25.97 -38.49 -5.16
N LEU T 13 -26.27 -39.07 -4.00
CA LEU T 13 -27.17 -38.46 -3.02
C LEU T 13 -26.40 -37.64 -1.98
N ILE T 14 -25.08 -37.49 -2.16
CA ILE T 14 -24.24 -36.72 -1.26
C ILE T 14 -23.55 -35.58 -1.98
N LEU T 15 -23.01 -35.83 -3.18
CA LEU T 15 -22.27 -34.85 -3.95
C LEU T 15 -23.13 -34.33 -5.09
N ASP T 16 -23.04 -33.03 -5.34
CA ASP T 16 -23.85 -32.40 -6.39
C ASP T 16 -23.25 -32.70 -7.76
N PRO T 17 -24.02 -33.30 -8.67
CA PRO T 17 -23.43 -33.69 -9.98
C PRO T 17 -22.83 -32.53 -10.77
N ARG T 18 -23.47 -31.36 -10.75
CA ARG T 18 -22.99 -30.24 -11.56
C ARG T 18 -21.60 -29.78 -11.11
N ARG T 19 -21.42 -29.62 -9.79
CA ARG T 19 -20.13 -29.21 -9.27
C ARG T 19 -19.06 -30.25 -9.57
N VAL T 20 -19.41 -31.53 -9.46
CA VAL T 20 -18.46 -32.60 -9.75
C VAL T 20 -18.01 -32.54 -11.20
N LEU T 21 -18.96 -32.37 -12.12
CA LEU T 21 -18.61 -32.31 -13.54
C LEU T 21 -17.75 -31.10 -13.86
N VAL T 22 -18.10 -29.94 -13.31
CA VAL T 22 -17.32 -28.74 -13.57
C VAL T 22 -15.90 -28.88 -13.04
N SER T 23 -15.78 -29.41 -11.81
CA SER T 23 -14.46 -29.62 -11.22
C SER T 23 -13.63 -30.60 -12.03
N ILE T 24 -14.27 -31.68 -12.49
CA ILE T 24 -13.56 -32.67 -13.30
C ILE T 24 -13.02 -32.04 -14.57
N VAL T 25 -13.86 -31.27 -15.27
CA VAL T 25 -13.43 -30.68 -16.54
C VAL T 25 -12.27 -29.71 -16.30
N ALA T 26 -12.42 -28.82 -15.32
CA ALA T 26 -11.37 -27.83 -15.06
C ALA T 26 -10.05 -28.50 -14.65
N PHE T 27 -10.14 -29.49 -13.75
CA PHE T 27 -8.92 -30.17 -13.30
C PHE T 27 -8.25 -30.91 -14.43
N GLN T 28 -9.03 -31.57 -15.30
CA GLN T 28 -8.43 -32.30 -16.41
C GLN T 28 -7.74 -31.36 -17.38
N ILE T 29 -8.36 -30.21 -17.67
CA ILE T 29 -7.73 -29.26 -18.59
C ILE T 29 -6.43 -28.72 -18.01
N VAL T 30 -6.45 -28.33 -16.73
CA VAL T 30 -5.24 -27.79 -16.11
C VAL T 30 -4.15 -28.84 -16.05
N LEU T 31 -4.51 -30.09 -15.72
CA LEU T 31 -3.53 -31.16 -15.66
C LEU T 31 -2.92 -31.43 -17.04
N GLY T 32 -3.75 -31.40 -18.09
CA GLY T 32 -3.22 -31.60 -19.43
C GLY T 32 -2.22 -30.53 -19.80
N LEU T 33 -2.55 -29.27 -19.53
CA LEU T 33 -1.60 -28.19 -19.82
C LEU T 33 -0.31 -28.36 -19.04
N LEU T 34 -0.42 -28.68 -17.74
CA LEU T 34 0.76 -28.81 -16.90
C LEU T 34 1.66 -29.95 -17.36
N ILE T 35 1.07 -31.09 -17.71
CA ILE T 35 1.87 -32.24 -18.14
C ILE T 35 2.52 -31.96 -19.49
N HIS T 36 1.81 -31.28 -20.39
CA HIS T 36 2.43 -30.93 -21.66
C HIS T 36 3.63 -30.00 -21.46
N MET T 37 3.50 -29.01 -20.57
CA MET T 37 4.65 -28.15 -20.24
C MET T 37 5.80 -28.98 -19.66
N ILE T 38 5.50 -29.87 -18.72
CA ILE T 38 6.57 -30.62 -18.05
C ILE T 38 7.31 -31.50 -19.04
N VAL T 39 6.59 -32.17 -19.93
CA VAL T 39 7.25 -32.99 -20.95
C VAL T 39 8.00 -32.10 -21.94
N LEU T 40 7.52 -30.88 -22.18
CA LEU T 40 8.25 -29.98 -23.08
C LEU T 40 9.56 -29.51 -22.46
N SER T 41 9.64 -29.42 -21.14
CA SER T 41 10.84 -28.89 -20.49
C SER T 41 11.97 -29.92 -20.36
N THR T 42 11.74 -31.17 -20.72
CA THR T 42 12.74 -32.22 -20.61
C THR T 42 13.35 -32.50 -21.98
N ASP T 43 14.15 -33.56 -22.07
CA ASP T 43 14.76 -33.96 -23.34
C ASP T 43 13.84 -34.86 -24.16
N LEU T 44 12.57 -34.96 -23.80
CA LEU T 44 11.56 -35.62 -24.60
C LEU T 44 10.84 -34.64 -25.52
N ASN T 45 11.33 -33.41 -25.62
CA ASN T 45 10.71 -32.40 -26.46
C ASN T 45 10.62 -32.87 -27.91
N TRP T 46 9.46 -32.67 -28.53
CA TRP T 46 9.23 -33.06 -29.91
C TRP T 46 9.21 -31.88 -30.88
N LEU T 47 9.05 -30.66 -30.38
CA LEU T 47 9.01 -29.48 -31.25
C LEU T 47 10.42 -29.01 -31.58
N ASP T 48 11.20 -28.68 -30.56
CA ASP T 48 12.55 -28.13 -30.74
C ASP T 48 13.61 -29.22 -30.61
N ASP T 49 13.57 -30.18 -31.54
CA ASP T 49 14.58 -31.25 -31.55
C ASP T 49 15.15 -31.51 -32.94
N ASN T 50 14.81 -30.69 -33.94
CA ASN T 50 15.38 -30.78 -35.28
C ASN T 50 15.14 -32.16 -35.90
N ILE T 51 13.95 -32.71 -35.67
CA ILE T 51 13.52 -33.95 -36.29
C ILE T 51 12.17 -33.70 -36.95
N PRO T 52 11.97 -34.07 -38.23
CA PRO T 52 12.90 -34.79 -39.11
C PRO T 52 14.06 -33.93 -39.62
N VAL T 53 13.80 -32.66 -39.91
CA VAL T 53 14.81 -31.73 -40.38
C VAL T 53 14.66 -30.41 -39.64
N SER T 54 15.73 -29.62 -39.66
CA SER T 54 15.70 -28.27 -39.10
C SER T 54 15.23 -27.30 -40.16
N TYR T 55 14.20 -26.52 -39.82
CA TYR T 55 13.57 -25.63 -40.79
C TYR T 55 14.12 -24.21 -40.75
N GLN T 56 14.87 -23.86 -39.71
CA GLN T 56 15.54 -22.56 -39.62
C GLN T 56 16.98 -22.60 -40.12
N ALA T 57 17.35 -23.65 -40.85
CA ALA T 57 18.71 -23.79 -41.36
C ALA T 57 18.72 -24.62 -42.64
N THR U 8 -28.62 -33.15 -2.22
CA THR U 8 -28.55 -33.02 -3.67
C THR U 8 -29.94 -32.96 -4.29
N GLY U 9 -30.94 -33.46 -3.56
CA GLY U 9 -32.29 -33.43 -4.06
C GLY U 9 -32.60 -34.46 -5.12
N LEU U 10 -31.74 -35.46 -5.29
CA LEU U 10 -31.91 -36.49 -6.30
C LEU U 10 -32.61 -37.71 -5.69
N THR U 11 -33.46 -38.36 -6.47
CA THR U 11 -34.10 -39.58 -6.05
C THR U 11 -33.18 -40.78 -6.33
N ASP U 12 -33.68 -41.98 -6.07
CA ASP U 12 -32.88 -43.18 -6.27
C ASP U 12 -32.70 -43.50 -7.74
N ASP U 13 -33.78 -43.39 -8.52
CA ASP U 13 -33.71 -43.71 -9.95
C ASP U 13 -32.79 -42.74 -10.69
N GLU U 14 -32.87 -41.44 -10.35
CA GLU U 14 -31.99 -40.46 -10.96
C GLU U 14 -30.52 -40.77 -10.63
N ALA U 15 -30.26 -41.17 -9.38
CA ALA U 15 -28.90 -41.54 -9.01
C ALA U 15 -28.42 -42.74 -9.82
N LYS U 16 -29.28 -43.75 -10.00
CA LYS U 16 -28.89 -44.91 -10.79
C LYS U 16 -28.55 -44.53 -12.22
N GLU U 17 -29.42 -43.72 -12.85
CA GLU U 17 -29.19 -43.33 -14.23
C GLU U 17 -27.90 -42.52 -14.37
N PHE U 18 -27.70 -41.56 -13.47
CA PHE U 18 -26.48 -40.75 -13.53
C PHE U 18 -25.24 -41.60 -13.32
N HIS U 19 -25.29 -42.56 -12.38
CA HIS U 19 -24.14 -43.43 -12.16
C HIS U 19 -23.83 -44.25 -13.40
N ALA U 20 -24.86 -44.80 -14.04
CA ALA U 20 -24.62 -45.61 -15.25
C ALA U 20 -23.96 -44.78 -16.35
N ILE U 21 -24.51 -43.60 -16.62
CA ILE U 21 -23.98 -42.79 -17.71
C ILE U 21 -22.58 -42.27 -17.36
N PHE U 22 -22.35 -41.90 -16.10
CA PHE U 22 -21.04 -41.45 -15.66
C PHE U 22 -19.99 -42.54 -15.83
N MET U 23 -20.33 -43.78 -15.44
CA MET U 23 -19.39 -44.88 -15.58
C MET U 23 -19.07 -45.14 -17.05
N GLN U 24 -20.08 -45.12 -17.90
CA GLN U 24 -19.84 -45.38 -19.33
C GLN U 24 -18.94 -44.31 -19.93
N SER U 25 -19.22 -43.04 -19.64
CA SER U 25 -18.40 -41.96 -20.19
C SER U 25 -16.97 -42.01 -19.66
N MET U 26 -16.81 -42.32 -18.37
CA MET U 26 -15.46 -42.43 -17.80
C MET U 26 -14.67 -43.55 -18.44
N TYR U 27 -15.33 -44.69 -18.69
CA TYR U 27 -14.64 -45.79 -19.36
C TYR U 27 -14.22 -45.41 -20.78
N ALA U 28 -15.08 -44.70 -21.51
CA ALA U 28 -14.71 -44.26 -22.85
C ALA U 28 -13.51 -43.31 -22.82
N TRP U 29 -13.50 -42.37 -21.87
CA TRP U 29 -12.38 -41.45 -21.75
C TRP U 29 -11.10 -42.18 -21.42
N PHE U 30 -11.17 -43.17 -20.52
CA PHE U 30 -9.98 -43.94 -20.17
C PHE U 30 -9.48 -44.74 -21.37
N GLY U 31 -10.39 -45.28 -22.18
CA GLY U 31 -9.97 -45.98 -23.38
C GLY U 31 -9.24 -45.08 -24.36
N LEU U 32 -9.75 -43.87 -24.57
CA LEU U 32 -9.06 -42.92 -25.43
C LEU U 32 -7.67 -42.59 -24.89
N VAL U 33 -7.57 -42.39 -23.57
CA VAL U 33 -6.28 -42.08 -22.97
C VAL U 33 -5.30 -43.24 -23.17
N VAL U 34 -5.78 -44.47 -23.01
CA VAL U 34 -4.92 -45.65 -23.17
C VAL U 34 -4.42 -45.74 -24.61
N ILE U 35 -5.29 -45.50 -25.58
CA ILE U 35 -4.87 -45.55 -26.98
C ILE U 35 -3.81 -44.48 -27.26
N ALA U 36 -4.03 -43.27 -26.76
CA ALA U 36 -3.06 -42.19 -26.97
C ALA U 36 -1.70 -42.55 -26.36
N HIS U 37 -1.70 -43.12 -25.16
CA HIS U 37 -0.45 -43.48 -24.52
C HIS U 37 0.25 -44.64 -25.24
N LEU U 38 -0.53 -45.58 -25.81
CA LEU U 38 0.08 -46.62 -26.62
C LEU U 38 0.77 -46.03 -27.85
N LEU U 39 0.12 -45.07 -28.51
CA LEU U 39 0.75 -44.42 -29.66
C LEU U 39 2.01 -43.67 -29.25
N ALA U 40 1.96 -42.96 -28.12
CA ALA U 40 3.13 -42.21 -27.67
C ALA U 40 4.29 -43.16 -27.34
N TRP U 41 3.99 -44.30 -26.70
CA TRP U 41 5.04 -45.27 -26.43
C TRP U 41 5.62 -45.85 -27.71
N LEU U 42 4.77 -46.12 -28.70
CA LEU U 42 5.26 -46.62 -29.98
C LEU U 42 6.16 -45.59 -30.66
N TYR U 43 5.89 -44.31 -30.49
CA TYR U 43 6.71 -43.28 -31.12
C TYR U 43 7.98 -43.01 -30.31
N ARG U 44 7.83 -42.56 -29.06
CA ARG U 44 8.94 -42.06 -28.25
C ARG U 44 8.91 -42.73 -26.87
N PRO U 45 9.50 -43.93 -26.75
CA PRO U 45 9.58 -44.58 -25.45
C PRO U 45 10.39 -43.75 -24.45
N TRP U 46 9.94 -43.76 -23.19
CA TRP U 46 10.60 -42.98 -22.16
C TRP U 46 11.18 -43.82 -21.02
N LEU U 47 10.76 -45.06 -20.85
CA LEU U 47 11.27 -45.90 -19.77
C LEU U 47 12.29 -46.90 -20.29
N ASN V 5 -12.61 -50.57 17.44
CA ASN V 5 -13.75 -51.04 18.22
C ASN V 5 -14.88 -51.50 17.30
N ALA V 6 -15.93 -52.05 17.90
CA ALA V 6 -17.07 -52.52 17.12
C ALA V 6 -17.96 -51.37 16.64
N ASN V 7 -17.97 -50.24 17.36
CA ASN V 7 -18.82 -49.11 17.05
C ASN V 7 -18.09 -48.01 16.30
N LEU V 8 -17.03 -48.35 15.57
CA LEU V 8 -16.24 -47.34 14.87
C LEU V 8 -17.08 -46.57 13.86
N TYR V 9 -18.13 -47.18 13.31
CA TYR V 9 -18.99 -46.49 12.37
C TYR V 9 -19.63 -45.24 12.97
N LYS V 10 -19.75 -45.18 14.30
CA LYS V 10 -20.30 -44.00 14.94
C LYS V 10 -19.48 -42.75 14.66
N ILE V 11 -18.26 -42.89 14.13
CA ILE V 11 -17.48 -41.74 13.72
C ILE V 11 -18.22 -40.91 12.68
N TRP V 12 -19.19 -41.49 11.98
CA TRP V 12 -19.95 -40.75 10.99
C TRP V 12 -21.13 -39.99 11.58
N LEU V 13 -21.37 -40.12 12.88
CA LEU V 13 -22.38 -39.30 13.54
C LEU V 13 -21.81 -38.01 14.11
N ILE V 14 -20.48 -37.82 14.05
CA ILE V 14 -19.85 -36.58 14.47
C ILE V 14 -19.17 -35.86 13.31
N LEU V 15 -18.63 -36.60 12.35
CA LEU V 15 -17.93 -36.03 11.21
C LEU V 15 -18.84 -36.03 9.98
N ASP V 16 -18.85 -34.92 9.24
CA ASP V 16 -19.70 -34.79 8.07
C ASP V 16 -19.09 -35.53 6.88
N PRO V 17 -19.80 -36.49 6.28
CA PRO V 17 -19.19 -37.28 5.20
C PRO V 17 -18.74 -36.48 4.00
N ARG V 18 -19.51 -35.47 3.57
CA ARG V 18 -19.18 -34.73 2.36
C ARG V 18 -17.87 -33.96 2.52
N ARG V 19 -17.71 -33.26 3.65
CA ARG V 19 -16.49 -32.52 3.89
C ARG V 19 -15.29 -33.47 3.96
N VAL V 20 -15.47 -34.63 4.59
CA VAL V 20 -14.40 -35.62 4.67
C VAL V 20 -13.98 -36.07 3.27
N LEU V 21 -14.96 -36.35 2.41
CA LEU V 21 -14.64 -36.82 1.06
C LEU V 21 -13.92 -35.75 0.26
N VAL V 22 -14.39 -34.50 0.33
CA VAL V 22 -13.74 -33.43 -0.42
C VAL V 22 -12.32 -33.19 0.09
N SER V 23 -12.14 -33.20 1.41
CA SER V 23 -10.80 -33.03 1.96
C SER V 23 -9.89 -34.16 1.53
N ILE V 24 -10.40 -35.39 1.52
CA ILE V 24 -9.59 -36.54 1.13
C ILE V 24 -9.13 -36.41 -0.31
N VAL V 25 -10.04 -36.09 -1.22
CA VAL V 25 -9.65 -36.03 -2.63
C VAL V 25 -8.67 -34.89 -2.87
N ALA V 26 -8.92 -33.71 -2.28
CA ALA V 26 -8.01 -32.58 -2.49
C ALA V 26 -6.63 -32.88 -1.93
N PHE V 27 -6.57 -33.43 -0.71
CA PHE V 27 -5.29 -33.74 -0.09
C PHE V 27 -4.52 -34.79 -0.89
N GLN V 28 -5.22 -35.82 -1.39
CA GLN V 28 -4.54 -36.85 -2.15
C GLN V 28 -3.98 -36.30 -3.45
N ILE V 29 -4.73 -35.43 -4.13
CA ILE V 29 -4.23 -34.86 -5.38
C ILE V 29 -3.00 -34.00 -5.12
N VAL V 30 -3.06 -33.14 -4.10
CA VAL V 30 -1.92 -32.28 -3.80
C VAL V 30 -0.71 -33.10 -3.39
N LEU V 31 -0.93 -34.15 -2.58
CA LEU V 31 0.18 -35.01 -2.16
C LEU V 31 0.81 -35.73 -3.34
N GLY V 32 -0.02 -36.22 -4.28
CA GLY V 32 0.53 -36.88 -5.45
C GLY V 32 1.39 -35.94 -6.27
N LEU V 33 0.90 -34.73 -6.52
CA LEU V 33 1.71 -33.76 -7.26
C LEU V 33 3.03 -33.47 -6.54
N LEU V 34 2.96 -33.25 -5.23
CA LEU V 34 4.16 -32.90 -4.47
C LEU V 34 5.19 -34.04 -4.51
N ILE V 35 4.74 -35.28 -4.31
CA ILE V 35 5.68 -36.39 -4.30
C ILE V 35 6.28 -36.61 -5.68
N HIS V 36 5.49 -36.42 -6.74
CA HIS V 36 6.07 -36.54 -8.08
C HIS V 36 7.14 -35.48 -8.31
N MET V 37 6.90 -34.24 -7.88
CA MET V 37 7.93 -33.20 -8.02
C MET V 37 9.20 -33.55 -7.24
N ILE V 38 9.03 -34.02 -5.99
CA ILE V 38 10.20 -34.34 -5.17
C ILE V 38 11.01 -35.47 -5.80
N VAL V 39 10.33 -36.50 -6.33
CA VAL V 39 11.05 -37.58 -6.98
C VAL V 39 11.74 -37.09 -8.25
N LEU V 40 11.12 -36.14 -8.96
CA LEU V 40 11.76 -35.56 -10.14
C LEU V 40 13.03 -34.80 -9.78
N SER V 41 13.01 -34.07 -8.66
CA SER V 41 14.16 -33.24 -8.31
C SER V 41 15.36 -34.04 -7.82
N THR V 42 15.20 -35.34 -7.53
CA THR V 42 16.29 -36.15 -7.02
C THR V 42 16.98 -36.93 -8.15
N ASP V 43 17.84 -37.87 -7.76
CA ASP V 43 18.58 -38.72 -8.68
C ASP V 43 17.70 -39.79 -9.32
N LEU V 44 16.46 -39.94 -8.87
CA LEU V 44 15.54 -40.94 -9.38
C LEU V 44 14.71 -40.42 -10.56
N ASN V 45 15.09 -39.30 -11.15
CA ASN V 45 14.37 -38.75 -12.30
C ASN V 45 14.35 -39.75 -13.44
N TRP V 46 13.20 -39.85 -14.10
CA TRP V 46 13.02 -40.79 -15.20
C TRP V 46 12.88 -40.13 -16.56
N LEU V 47 12.67 -38.81 -16.61
CA LEU V 47 12.56 -38.11 -17.88
C LEU V 47 13.91 -37.63 -18.39
N ASP V 48 14.67 -36.94 -17.55
CA ASP V 48 15.99 -36.42 -17.92
C ASP V 48 17.12 -37.36 -17.50
N ASP V 49 17.06 -38.62 -17.94
CA ASP V 49 18.12 -39.57 -17.62
C ASP V 49 18.67 -40.29 -18.84
N ASN V 50 18.26 -39.90 -20.05
CA ASN V 50 18.81 -40.44 -21.30
C ASN V 50 18.68 -41.96 -21.35
N ILE V 51 17.55 -42.48 -20.87
CA ILE V 51 17.23 -43.90 -20.96
C ILE V 51 15.85 -44.01 -21.61
N PRO V 52 15.66 -44.84 -22.65
CA PRO V 52 16.65 -45.76 -23.25
C PRO V 52 17.72 -45.07 -24.10
N VAL V 53 17.34 -44.02 -24.81
CA VAL V 53 18.26 -43.26 -25.65
C VAL V 53 18.00 -41.77 -25.46
N SER V 54 19.01 -40.97 -25.80
CA SER V 54 18.89 -39.52 -25.77
C SER V 54 18.30 -39.06 -27.10
N TYR V 55 17.20 -38.31 -27.03
CA TYR V 55 16.49 -37.89 -28.22
C TYR V 55 16.89 -36.50 -28.69
N GLN V 56 17.48 -35.68 -27.82
CA GLN V 56 17.99 -34.38 -28.23
C GLN V 56 19.43 -34.51 -28.71
N ALA V 57 19.65 -35.41 -29.66
CA ALA V 57 21.01 -35.67 -30.14
C ALA V 57 21.40 -34.73 -31.27
N LYS W 5 -31.19 -34.65 16.33
CA LYS W 5 -30.67 -35.74 17.15
C LYS W 5 -29.15 -35.78 17.10
N SER W 6 -28.61 -36.26 15.98
CA SER W 6 -27.17 -36.33 15.80
C SER W 6 -26.64 -35.03 15.19
N LEU W 7 -25.34 -34.79 15.39
CA LEU W 7 -24.73 -33.56 14.89
C LEU W 7 -24.74 -33.51 13.37
N THR W 8 -24.45 -34.62 12.70
CA THR W 8 -24.43 -34.68 11.25
C THR W 8 -25.80 -35.02 10.65
N GLY W 9 -26.79 -35.36 11.46
CA GLY W 9 -28.11 -35.69 10.97
C GLY W 9 -28.27 -37.11 10.47
N LEU W 10 -27.23 -37.92 10.50
CA LEU W 10 -27.31 -39.29 10.04
C LEU W 10 -27.90 -40.19 11.12
N THR W 11 -28.56 -41.26 10.68
CA THR W 11 -29.06 -42.28 11.58
C THR W 11 -28.01 -43.38 11.75
N ASP W 12 -28.37 -44.42 12.51
CA ASP W 12 -27.43 -45.51 12.75
C ASP W 12 -27.21 -46.36 11.51
N ASP W 13 -28.31 -46.71 10.81
CA ASP W 13 -28.20 -47.54 9.62
C ASP W 13 -27.44 -46.81 8.51
N GLU W 14 -27.70 -45.52 8.34
CA GLU W 14 -26.97 -44.74 7.35
C GLU W 14 -25.48 -44.73 7.65
N ALA W 15 -25.12 -44.57 8.93
CA ALA W 15 -23.72 -44.59 9.32
C ALA W 15 -23.08 -45.95 9.04
N LYS W 16 -23.81 -47.03 9.33
CA LYS W 16 -23.27 -48.36 9.06
C LYS W 16 -23.02 -48.57 7.57
N GLU W 17 -23.98 -48.18 6.74
CA GLU W 17 -23.83 -48.36 5.29
C GLU W 17 -22.67 -47.52 4.75
N PHE W 18 -22.57 -46.26 5.21
CA PHE W 18 -21.48 -45.42 4.77
C PHE W 18 -20.13 -45.98 5.20
N HIS W 19 -20.05 -46.50 6.42
CA HIS W 19 -18.80 -47.09 6.89
C HIS W 19 -18.40 -48.29 6.05
N ALA W 20 -19.36 -49.15 5.72
CA ALA W 20 -19.04 -50.33 4.91
C ALA W 20 -18.51 -49.92 3.54
N ILE W 21 -19.20 -49.00 2.87
CA ILE W 21 -18.77 -48.61 1.53
C ILE W 21 -17.44 -47.86 1.58
N PHE W 22 -17.24 -47.02 2.59
CA PHE W 22 -15.99 -46.30 2.76
C PHE W 22 -14.83 -47.27 2.95
N MET W 23 -15.01 -48.28 3.79
CA MET W 23 -13.94 -49.25 4.02
C MET W 23 -13.62 -50.03 2.75
N GLN W 24 -14.64 -50.44 2.00
CA GLN W 24 -14.40 -51.16 0.75
C GLN W 24 -13.58 -50.31 -0.23
N SER W 25 -14.00 -49.05 -0.42
CA SER W 25 -13.31 -48.17 -1.36
C SER W 25 -11.88 -47.90 -0.91
N MET W 26 -11.67 -47.69 0.40
CA MET W 26 -10.33 -47.43 0.90
C MET W 26 -9.42 -48.64 0.69
N TYR W 27 -9.94 -49.84 0.92
CA TYR W 27 -9.13 -51.04 0.68
C TYR W 27 -8.77 -51.18 -0.79
N ALA W 28 -9.71 -50.90 -1.69
CA ALA W 28 -9.41 -50.97 -3.12
C ALA W 28 -8.32 -49.96 -3.50
N TRP W 29 -8.43 -48.74 -3.00
CA TRP W 29 -7.42 -47.72 -3.29
C TRP W 29 -6.04 -48.13 -2.77
N PHE W 30 -6.00 -48.69 -1.55
CA PHE W 30 -4.72 -49.12 -1.01
C PHE W 30 -4.13 -50.28 -1.82
N GLY W 31 -4.98 -51.18 -2.30
CA GLY W 31 -4.48 -52.25 -3.15
C GLY W 31 -3.87 -51.73 -4.45
N LEU W 32 -4.53 -50.75 -5.08
CA LEU W 32 -3.97 -50.14 -6.27
C LEU W 32 -2.63 -49.48 -5.98
N VAL W 33 -2.54 -48.76 -4.87
CA VAL W 33 -1.28 -48.11 -4.50
C VAL W 33 -0.18 -49.14 -4.29
N VAL W 34 -0.50 -50.25 -3.63
CA VAL W 34 0.49 -51.29 -3.37
C VAL W 34 0.99 -51.88 -4.68
N ILE W 35 0.08 -52.14 -5.63
CA ILE W 35 0.49 -52.69 -6.92
C ILE W 35 1.42 -51.72 -7.65
N ALA W 36 1.06 -50.43 -7.64
CA ALA W 36 1.90 -49.44 -8.31
C ALA W 36 3.29 -49.37 -7.68
N HIS W 37 3.36 -49.43 -6.35
CA HIS W 37 4.66 -49.37 -5.69
C HIS W 37 5.48 -50.64 -5.94
N LEU W 38 4.82 -51.79 -6.05
CA LEU W 38 5.55 -53.02 -6.42
C LEU W 38 6.15 -52.88 -7.81
N LEU W 39 5.38 -52.33 -8.76
CA LEU W 39 5.92 -52.12 -10.11
C LEU W 39 7.09 -51.15 -10.09
N ALA W 40 6.96 -50.05 -9.32
CA ALA W 40 8.04 -49.07 -9.24
C ALA W 40 9.30 -49.67 -8.64
N TRP W 41 9.16 -50.50 -7.61
CA TRP W 41 10.32 -51.16 -7.02
C TRP W 41 10.94 -52.13 -8.01
N LEU W 42 10.11 -52.86 -8.78
CA LEU W 42 10.67 -53.76 -9.78
C LEU W 42 11.43 -53.01 -10.87
N TYR W 43 11.02 -51.78 -11.17
CA TYR W 43 11.70 -51.00 -12.21
C TYR W 43 12.91 -50.25 -11.65
N ARG W 44 12.69 -49.39 -10.66
CA ARG W 44 13.72 -48.49 -10.13
C ARG W 44 13.79 -48.62 -8.62
N PRO W 45 14.55 -49.59 -8.11
CA PRO W 45 14.75 -49.68 -6.66
C PRO W 45 15.43 -48.44 -6.11
N TRP W 46 15.01 -48.02 -4.91
CA TRP W 46 15.55 -46.83 -4.29
C TRP W 46 16.22 -47.07 -2.95
N LEU W 47 16.01 -48.23 -2.33
CA LEU W 47 16.60 -48.52 -1.03
C LEU W 47 17.76 -49.51 -1.17
N ASN X 5 -6.33 -41.70 36.17
CA ASN X 5 -7.44 -41.76 37.11
C ASN X 5 -8.62 -42.49 36.49
N ALA X 6 -9.61 -42.82 37.32
CA ALA X 6 -10.80 -43.52 36.85
C ALA X 6 -11.82 -42.60 36.21
N ASN X 7 -11.69 -41.28 36.36
CA ASN X 7 -12.62 -40.31 35.81
C ASN X 7 -11.98 -39.45 34.73
N LEU X 8 -11.06 -40.02 33.96
CA LEU X 8 -10.40 -39.27 32.90
C LEU X 8 -11.34 -38.99 31.74
N TYR X 9 -12.32 -39.88 31.51
CA TYR X 9 -13.25 -39.71 30.39
C TYR X 9 -14.00 -38.38 30.45
N LYS X 10 -14.16 -37.81 31.65
CA LYS X 10 -14.83 -36.53 31.78
C LYS X 10 -14.12 -35.41 31.03
N ILE X 11 -12.91 -35.65 30.51
CA ILE X 11 -12.26 -34.67 29.66
C ILE X 11 -13.09 -34.40 28.42
N TRP X 12 -13.97 -35.32 28.04
CA TRP X 12 -14.85 -35.12 26.89
C TRP X 12 -16.10 -34.33 27.24
N LEU X 13 -16.31 -34.00 28.52
CA LEU X 13 -17.34 -33.06 28.91
C LEU X 13 -16.83 -31.62 28.95
N ILE X 14 -15.57 -31.41 28.57
CA ILE X 14 -14.97 -30.08 28.51
C ILE X 14 -14.52 -29.72 27.10
N LEU X 15 -13.88 -30.65 26.40
CA LEU X 15 -13.34 -30.43 25.07
C LEU X 15 -14.25 -31.04 24.01
N ASP X 16 -14.47 -30.29 22.93
CA ASP X 16 -15.35 -30.76 21.86
C ASP X 16 -14.65 -31.84 21.05
N PRO X 17 -15.25 -33.03 20.92
CA PRO X 17 -14.55 -34.13 20.20
C PRO X 17 -14.20 -33.82 18.75
N ARG X 18 -15.08 -33.12 18.03
CA ARG X 18 -14.83 -32.88 16.61
C ARG X 18 -13.63 -31.97 16.40
N ARG X 19 -13.55 -30.89 17.17
CA ARG X 19 -12.41 -29.98 17.05
C ARG X 19 -11.12 -30.69 17.42
N VAL X 20 -11.16 -31.53 18.46
CA VAL X 20 -9.98 -32.28 18.86
C VAL X 20 -9.53 -33.21 17.74
N LEU X 21 -10.47 -33.92 17.11
CA LEU X 21 -10.11 -34.84 16.04
C LEU X 21 -9.52 -34.10 14.84
N VAL X 22 -10.14 -32.99 14.44
CA VAL X 22 -9.63 -32.23 13.29
C VAL X 22 -8.25 -31.68 13.59
N SER X 23 -8.05 -31.14 14.79
CA SER X 23 -6.74 -30.61 15.17
C SER X 23 -5.69 -31.71 15.18
N ILE X 24 -6.05 -32.89 15.70
CA ILE X 24 -5.10 -34.00 15.74
C ILE X 24 -4.69 -34.39 14.32
N VAL X 25 -5.65 -34.53 13.42
CA VAL X 25 -5.35 -34.95 12.06
C VAL X 25 -4.44 -33.93 11.37
N ALA X 26 -4.82 -32.64 11.45
CA ALA X 26 -4.02 -31.61 10.77
C ALA X 26 -2.61 -31.53 11.35
N PHE X 27 -2.50 -31.57 12.68
CA PHE X 27 -1.19 -31.49 13.31
C PHE X 27 -0.32 -32.68 12.93
N GLN X 28 -0.91 -33.89 12.90
CA GLN X 28 -0.12 -35.07 12.55
C GLN X 28 0.37 -34.99 11.12
N ILE X 29 -0.47 -34.52 10.19
CA ILE X 29 -0.05 -34.42 8.79
C ILE X 29 1.09 -33.39 8.65
N VAL X 30 0.92 -32.23 9.28
CA VAL X 30 1.94 -31.18 9.17
C VAL X 30 3.25 -31.65 9.80
N LEU X 31 3.17 -32.32 10.96
CA LEU X 31 4.36 -32.82 11.62
C LEU X 31 5.06 -33.88 10.77
N GLY X 32 4.28 -34.76 10.13
CA GLY X 32 4.89 -35.76 9.27
C GLY X 32 5.66 -35.12 8.12
N LEU X 33 5.04 -34.13 7.46
CA LEU X 33 5.74 -33.44 6.38
C LEU X 33 7.01 -32.75 6.90
N LEU X 34 6.92 -32.07 8.05
CA LEU X 34 8.06 -31.35 8.58
C LEU X 34 9.20 -32.29 8.91
N ILE X 35 8.91 -33.41 9.56
CA ILE X 35 9.97 -34.33 9.95
C ILE X 35 10.58 -35.00 8.73
N HIS X 36 9.75 -35.33 7.73
CA HIS X 36 10.31 -35.91 6.51
C HIS X 36 11.27 -34.95 5.82
N MET X 37 10.90 -33.66 5.72
CA MET X 37 11.82 -32.69 5.13
C MET X 37 13.09 -32.53 5.98
N ILE X 38 12.94 -32.50 7.31
CA ILE X 38 14.10 -32.30 8.18
C ILE X 38 15.10 -33.44 8.02
N VAL X 39 14.61 -34.68 8.01
CA VAL X 39 15.49 -35.82 7.80
C VAL X 39 16.03 -35.83 6.36
N LEU X 40 15.26 -35.31 5.41
CA LEU X 40 15.70 -35.28 4.02
C LEU X 40 16.80 -34.27 3.77
N SER X 41 16.92 -33.24 4.61
CA SER X 41 17.95 -32.22 4.43
C SER X 41 19.28 -32.57 5.08
N THR X 42 19.35 -33.64 5.86
CA THR X 42 20.58 -34.05 6.53
C THR X 42 21.33 -35.06 5.67
N ASP X 43 22.34 -35.72 6.24
CA ASP X 43 23.07 -36.76 5.55
C ASP X 43 22.42 -38.14 5.69
N LEU X 44 21.23 -38.20 6.29
CA LEU X 44 20.43 -39.41 6.33
C LEU X 44 19.52 -39.54 5.10
N ASN X 45 19.71 -38.68 4.10
CA ASN X 45 18.90 -38.71 2.90
C ASN X 45 18.98 -40.08 2.22
N TRP X 46 17.81 -40.58 1.81
CA TRP X 46 17.72 -41.88 1.15
C TRP X 46 17.46 -41.78 -0.34
N LEU X 47 17.01 -40.63 -0.84
CA LEU X 47 16.73 -40.47 -2.26
C LEU X 47 18.00 -40.14 -3.03
N ASP X 48 18.64 -39.03 -2.66
CA ASP X 48 19.82 -38.53 -3.38
C ASP X 48 21.10 -38.97 -2.68
N ASP X 49 21.34 -40.29 -2.64
CA ASP X 49 22.56 -40.82 -2.04
C ASP X 49 23.21 -41.91 -2.87
N ASN X 50 22.74 -42.16 -4.10
CA ASN X 50 23.37 -43.09 -5.03
C ASN X 50 23.47 -44.50 -4.45
N ILE X 51 22.43 -44.91 -3.74
CA ILE X 51 22.32 -46.27 -3.21
C ILE X 51 20.98 -46.84 -3.66
N PRO X 52 20.92 -48.05 -4.23
CA PRO X 52 22.05 -48.97 -4.42
C PRO X 52 22.90 -48.70 -5.65
N VAL X 53 22.43 -47.82 -6.54
CA VAL X 53 23.18 -47.48 -7.75
C VAL X 53 22.66 -46.15 -8.25
N SER X 54 23.56 -45.38 -8.87
CA SER X 54 23.18 -44.10 -9.46
C SER X 54 22.53 -44.33 -10.82
N TYR X 55 21.37 -43.71 -11.04
CA TYR X 55 20.60 -43.94 -12.25
C TYR X 55 20.78 -42.84 -13.29
N GLN X 56 21.03 -41.61 -12.87
CA GLN X 56 21.31 -40.53 -13.84
C GLN X 56 22.61 -40.80 -14.59
N ALA X 57 23.63 -41.27 -13.89
CA ALA X 57 24.92 -41.55 -14.52
C ALA X 57 25.40 -42.96 -14.17
N THR Y 8 -20.05 -29.18 25.98
CA THR Y 8 -19.97 -30.06 24.82
C THR Y 8 -21.31 -30.74 24.55
N GLY Y 9 -22.17 -30.80 25.57
CA GLY Y 9 -23.47 -31.41 25.44
C GLY Y 9 -23.48 -32.92 25.55
N LEU Y 10 -22.34 -33.55 25.82
CA LEU Y 10 -22.27 -34.99 25.93
C LEU Y 10 -22.71 -35.45 27.31
N THR Y 11 -23.32 -36.63 27.36
CA THR Y 11 -23.69 -37.25 28.62
C THR Y 11 -22.52 -38.07 29.15
N ASP Y 12 -22.75 -38.80 30.25
CA ASP Y 12 -21.69 -39.60 30.84
C ASP Y 12 -21.37 -40.82 29.98
N ASP Y 13 -22.40 -41.53 29.52
CA ASP Y 13 -22.19 -42.75 28.73
C ASP Y 13 -21.52 -42.42 27.40
N GLU Y 14 -21.93 -41.32 26.76
CA GLU Y 14 -21.30 -40.92 25.51
C GLU Y 14 -19.82 -40.62 25.72
N ALA Y 15 -19.49 -39.93 26.81
CA ALA Y 15 -18.09 -39.64 27.10
C ALA Y 15 -17.30 -40.93 27.34
N LYS Y 16 -17.88 -41.88 28.07
CA LYS Y 16 -17.19 -43.14 28.33
C LYS Y 16 -16.91 -43.90 27.04
N GLU Y 17 -17.92 -43.99 26.17
CA GLU Y 17 -17.74 -44.70 24.90
C GLU Y 17 -16.70 -44.02 24.02
N PHE Y 18 -16.76 -42.69 23.93
CA PHE Y 18 -15.78 -41.97 23.13
C PHE Y 18 -14.38 -42.16 23.68
N HIS Y 19 -14.23 -42.12 25.01
CA HIS Y 19 -12.91 -42.33 25.60
C HIS Y 19 -12.36 -43.72 25.29
N ALA Y 20 -13.22 -44.74 25.39
CA ALA Y 20 -12.75 -46.09 25.09
C ALA Y 20 -12.28 -46.22 23.65
N ILE Y 21 -13.08 -45.73 22.71
CA ILE Y 21 -12.71 -45.87 21.30
C ILE Y 21 -11.49 -45.03 20.98
N PHE Y 22 -11.39 -43.82 21.56
CA PHE Y 22 -10.24 -42.97 21.35
C PHE Y 22 -8.96 -43.62 21.84
N MET Y 23 -9.01 -44.22 23.04
CA MET Y 23 -7.84 -44.89 23.58
C MET Y 23 -7.42 -46.07 22.69
N GLN Y 24 -8.38 -46.87 22.24
CA GLN Y 24 -8.05 -48.02 21.40
C GLN Y 24 -7.39 -47.57 20.09
N SER Y 25 -7.96 -46.56 19.44
CA SER Y 25 -7.41 -46.07 18.18
C SER Y 25 -6.02 -45.47 18.38
N MET Y 26 -5.82 -44.73 19.48
CA MET Y 26 -4.53 -44.13 19.75
C MET Y 26 -3.47 -45.21 19.97
N TYR Y 27 -3.83 -46.27 20.70
CA TYR Y 27 -2.88 -47.37 20.91
C TYR Y 27 -2.51 -48.05 19.59
N ALA Y 28 -3.50 -48.25 18.71
CA ALA Y 28 -3.20 -48.85 17.41
C ALA Y 28 -2.25 -47.96 16.59
N TRP Y 29 -2.50 -46.65 16.58
CA TRP Y 29 -1.64 -45.73 15.85
C TRP Y 29 -0.22 -45.75 16.42
N PHE Y 30 -0.08 -45.77 17.74
CA PHE Y 30 1.24 -45.83 18.34
C PHE Y 30 1.95 -47.13 18.01
N GLY Y 31 1.21 -48.24 17.96
CA GLY Y 31 1.82 -49.49 17.55
C GLY Y 31 2.37 -49.46 16.13
N LEU Y 32 1.58 -48.90 15.20
CA LEU Y 32 2.08 -48.76 13.83
C LEU Y 32 3.32 -47.89 13.79
N VAL Y 33 3.33 -46.79 14.54
CA VAL Y 33 4.49 -45.90 14.57
C VAL Y 33 5.72 -46.64 15.09
N VAL Y 34 5.54 -47.43 16.15
CA VAL Y 34 6.66 -48.17 16.73
C VAL Y 34 7.22 -49.17 15.72
N ILE Y 35 6.33 -49.87 15.00
CA ILE Y 35 6.81 -50.84 14.01
C ILE Y 35 7.60 -50.12 12.91
N ALA Y 36 7.10 -48.98 12.43
CA ALA Y 36 7.80 -48.25 11.39
C ALA Y 36 9.16 -47.78 11.87
N HIS Y 37 9.25 -47.30 13.10
CA HIS Y 37 10.54 -46.84 13.62
C HIS Y 37 11.51 -48.01 13.84
N LEU Y 38 11.00 -49.18 14.22
CA LEU Y 38 11.87 -50.36 14.30
C LEU Y 38 12.43 -50.71 12.94
N LEU Y 39 11.61 -50.67 11.90
CA LEU Y 39 12.11 -50.94 10.55
C LEU Y 39 13.15 -49.91 10.13
N ALA Y 40 12.90 -48.63 10.43
CA ALA Y 40 13.84 -47.59 10.07
C ALA Y 40 15.17 -47.78 10.80
N TRP Y 41 15.14 -48.15 12.07
CA TRP Y 41 16.37 -48.41 12.81
C TRP Y 41 17.11 -49.61 12.24
N LEU Y 42 16.38 -50.65 11.84
CA LEU Y 42 17.03 -51.81 11.23
C LEU Y 42 17.72 -51.43 9.92
N TYR Y 43 17.10 -50.54 9.14
CA TYR Y 43 17.68 -50.15 7.87
C TYR Y 43 18.82 -49.14 8.05
N ARG Y 44 18.53 -47.99 8.65
CA ARG Y 44 19.46 -46.86 8.70
C ARG Y 44 19.54 -46.33 10.13
N PRO Y 45 20.41 -46.92 10.96
CA PRO Y 45 20.60 -46.40 12.31
C PRO Y 45 21.14 -44.98 12.30
N TRP Y 46 20.73 -44.18 13.28
CA TRP Y 46 21.14 -42.79 13.37
C TRP Y 46 21.81 -42.41 14.67
N LEU Y 47 21.75 -43.24 15.71
CA LEU Y 47 22.39 -42.92 16.97
C LEU Y 47 23.62 -43.77 17.20
N ASN Z 5 -0.99 -24.00 49.70
CA ASN Z 5 -1.92 -24.14 50.82
C ASN Z 5 -2.86 -25.31 50.57
N ALA Z 6 -3.87 -25.46 51.44
CA ALA Z 6 -4.86 -26.51 51.33
C ALA Z 6 -6.05 -26.11 50.47
N ASN Z 7 -6.12 -24.85 50.05
CA ASN Z 7 -7.21 -24.35 49.21
C ASN Z 7 -6.72 -23.96 47.82
N LEU Z 8 -5.70 -24.65 47.32
CA LEU Z 8 -5.15 -24.34 46.00
C LEU Z 8 -6.13 -24.66 44.88
N TYR Z 9 -6.98 -25.67 45.06
CA TYR Z 9 -7.92 -26.07 44.03
C TYR Z 9 -8.83 -24.93 43.58
N LYS Z 10 -9.11 -23.96 44.45
CA LYS Z 10 -9.95 -22.84 44.05
C LYS Z 10 -9.37 -22.02 42.92
N ILE Z 11 -8.15 -22.33 42.47
CA ILE Z 11 -7.63 -21.71 41.24
C ILE Z 11 -8.57 -21.96 40.07
N TRP Z 12 -9.39 -23.00 40.14
CA TRP Z 12 -10.31 -23.28 39.05
C TRP Z 12 -11.61 -22.48 39.17
N LEU Z 13 -11.69 -21.52 40.09
CA LEU Z 13 -12.82 -20.60 40.14
C LEU Z 13 -12.53 -19.27 39.43
N ILE Z 14 -11.33 -19.08 38.88
CA ILE Z 14 -11.03 -17.99 37.97
C ILE Z 14 -10.87 -18.48 36.53
N LEU Z 15 -9.92 -19.36 36.32
CA LEU Z 15 -9.44 -19.70 34.98
C LEU Z 15 -10.32 -20.78 34.38
N ASP Z 16 -10.79 -20.54 33.16
CA ASP Z 16 -11.61 -21.51 32.47
C ASP Z 16 -10.75 -22.74 32.16
N PRO Z 17 -11.12 -23.93 32.61
CA PRO Z 17 -10.27 -25.11 32.39
C PRO Z 17 -9.97 -25.37 30.92
N ARG Z 18 -10.94 -25.13 30.03
CA ARG Z 18 -10.73 -25.36 28.61
C ARG Z 18 -9.64 -24.46 28.06
N ARG Z 19 -9.69 -23.16 28.39
CA ARG Z 19 -8.68 -22.23 27.91
C ARG Z 19 -7.30 -22.58 28.46
N VAL Z 20 -7.25 -22.97 29.73
CA VAL Z 20 -5.97 -23.34 30.34
C VAL Z 20 -5.38 -24.55 29.64
N LEU Z 21 -6.20 -25.57 29.39
CA LEU Z 21 -5.70 -26.77 28.73
C LEU Z 21 -5.22 -26.49 27.31
N VAL Z 22 -5.99 -25.70 26.56
CA VAL Z 22 -5.58 -25.36 25.19
C VAL Z 22 -4.27 -24.59 25.19
N SER Z 23 -4.15 -23.61 26.10
CA SER Z 23 -2.92 -22.83 26.18
C SER Z 23 -1.74 -23.71 26.56
N ILE Z 24 -1.93 -24.63 27.51
CA ILE Z 24 -0.85 -25.51 27.91
C ILE Z 24 -0.39 -26.37 26.75
N VAL Z 25 -1.33 -26.96 26.02
CA VAL Z 25 -0.97 -27.85 24.92
C VAL Z 25 -0.21 -27.07 23.84
N ALA Z 26 -0.74 -25.91 23.44
CA ALA Z 26 -0.09 -25.14 22.39
C ALA Z 26 1.30 -24.69 22.81
N PHE Z 27 1.44 -24.19 24.05
CA PHE Z 27 2.73 -23.74 24.53
C PHE Z 27 3.74 -24.89 24.58
N GLN Z 28 3.31 -26.05 25.06
CA GLN Z 28 4.22 -27.19 25.13
C GLN Z 28 4.69 -27.62 23.75
N ILE Z 29 3.78 -27.65 22.77
CA ILE Z 29 4.18 -28.06 21.43
C ILE Z 29 5.17 -27.06 20.82
N VAL Z 30 4.88 -25.76 20.95
CA VAL Z 30 5.76 -24.75 20.38
C VAL Z 30 7.12 -24.78 21.06
N LEU Z 31 7.13 -24.94 22.39
CA LEU Z 31 8.39 -25.01 23.12
C LEU Z 31 9.20 -26.23 22.72
N GLY Z 32 8.54 -27.38 22.52
CA GLY Z 32 9.26 -28.56 22.08
C GLY Z 32 9.91 -28.36 20.73
N LEU Z 33 9.17 -27.79 19.77
CA LEU Z 33 9.75 -27.52 18.46
C LEU Z 33 10.93 -26.56 18.56
N LEU Z 34 10.77 -25.48 19.34
CA LEU Z 34 11.83 -24.49 19.46
C LEU Z 34 13.09 -25.07 20.10
N ILE Z 35 12.93 -25.88 21.15
CA ILE Z 35 14.10 -26.46 21.80
C ILE Z 35 14.78 -27.47 20.91
N HIS Z 36 14.00 -28.26 20.15
CA HIS Z 36 14.63 -29.18 19.20
C HIS Z 36 15.44 -28.42 18.15
N MET Z 37 14.90 -27.32 17.62
CA MET Z 37 15.67 -26.50 16.69
C MET Z 37 16.94 -25.95 17.31
N ILE Z 38 16.84 -25.43 18.54
CA ILE Z 38 18.00 -24.80 19.18
C ILE Z 38 19.10 -25.83 19.42
N VAL Z 39 18.74 -27.02 19.89
CA VAL Z 39 19.74 -28.06 20.08
C VAL Z 39 20.28 -28.55 18.74
N LEU Z 40 19.46 -28.50 17.67
CA LEU Z 40 19.97 -28.87 16.35
C LEU Z 40 20.99 -27.87 15.84
N SER Z 41 20.85 -26.59 16.18
CA SER Z 41 21.76 -25.57 15.64
C SER Z 41 23.13 -25.55 16.32
N THR Z 42 23.31 -26.27 17.42
CA THR Z 42 24.58 -26.30 18.13
C THR Z 42 25.41 -27.51 17.69
N ASP Z 43 26.48 -27.79 18.43
CA ASP Z 43 27.32 -28.95 18.14
C ASP Z 43 26.87 -30.20 18.87
N LEU Z 44 25.65 -30.20 19.42
CA LEU Z 44 25.02 -31.39 19.97
C LEU Z 44 24.13 -32.08 18.95
N ASN Z 45 24.23 -31.68 17.68
CA ASN Z 45 23.42 -32.28 16.62
C ASN Z 45 23.65 -33.78 16.54
N TRP Z 46 22.55 -34.53 16.39
CA TRP Z 46 22.61 -35.98 16.28
C TRP Z 46 22.36 -36.50 14.87
N LEU Z 47 21.90 -35.64 13.96
CA LEU Z 47 21.65 -36.05 12.58
C LEU Z 47 22.90 -35.87 11.71
N ASP Z 48 23.47 -34.68 11.71
CA ASP Z 48 24.67 -34.38 10.93
C ASP Z 48 25.94 -34.52 11.77
N ASP Z 49 26.13 -35.69 12.39
CA ASP Z 49 27.33 -35.93 13.20
C ASP Z 49 28.15 -37.11 12.69
N ASN Z 50 27.73 -37.75 11.59
CA ASN Z 50 28.47 -38.86 10.99
C ASN Z 50 28.68 -39.99 11.99
N ILE Z 51 27.70 -40.21 12.85
CA ILE Z 51 27.71 -41.31 13.81
C ILE Z 51 26.38 -42.08 13.63
N PRO Z 52 26.40 -43.42 13.54
CA PRO Z 52 27.53 -44.34 13.66
C PRO Z 52 28.47 -44.32 12.45
N VAL Z 53 27.94 -43.98 11.27
CA VAL Z 53 28.73 -43.97 10.04
C VAL Z 53 28.07 -43.00 9.07
N SER Z 54 28.90 -42.36 8.24
CA SER Z 54 28.37 -41.50 7.20
C SER Z 54 27.77 -42.32 6.09
N TYR Z 55 26.56 -41.95 5.66
CA TYR Z 55 25.83 -42.72 4.66
C TYR Z 55 25.89 -42.12 3.27
N GLN Z 56 26.01 -40.80 3.14
CA GLN Z 56 26.17 -40.19 1.84
C GLN Z 56 27.52 -40.56 1.22
N ALA Z 57 28.57 -40.59 2.03
CA ALA Z 57 29.90 -40.95 1.55
C ALA Z 57 30.38 -42.26 2.17
N THR AA 8 -13.70 -4.74 41.51
CA THR AA 8 -13.35 -6.15 41.32
C THR AA 8 -14.44 -7.06 41.86
N GLY AA 9 -15.31 -6.51 42.70
CA GLY AA 9 -16.42 -7.26 43.27
C GLY AA 9 -16.05 -8.21 44.38
N LEU AA 10 -14.82 -8.14 44.88
CA LEU AA 10 -14.37 -9.03 45.95
C LEU AA 10 -14.73 -8.44 47.31
N THR AA 11 -15.09 -9.32 48.25
CA THR AA 11 -15.34 -8.90 49.62
C THR AA 11 -14.03 -8.87 50.40
N ASP AA 12 -14.11 -8.56 51.69
CA ASP AA 12 -12.91 -8.44 52.51
C ASP AA 12 -12.27 -9.80 52.75
N ASP AA 13 -13.07 -10.82 53.05
CA ASP AA 13 -12.53 -12.15 53.35
C ASP AA 13 -11.87 -12.76 52.12
N GLU AA 14 -12.47 -12.58 50.95
CA GLU AA 14 -11.87 -13.08 49.72
C GLU AA 14 -10.51 -12.43 49.48
N ALA AA 15 -10.42 -11.12 49.71
CA ALA AA 15 -9.14 -10.43 49.55
C ALA AA 15 -8.11 -10.93 50.55
N LYS AA 16 -8.52 -11.19 51.79
CA LYS AA 16 -7.58 -11.69 52.79
C LYS AA 16 -7.02 -13.04 52.39
N GLU AA 17 -7.89 -13.97 51.98
CA GLU AA 17 -7.43 -15.30 51.61
C GLU AA 17 -6.56 -15.24 50.34
N PHE AA 18 -6.99 -14.43 49.36
CA PHE AA 18 -6.14 -14.11 48.21
C PHE AA 18 -4.74 -13.72 48.64
N HIS AA 19 -4.62 -12.72 49.51
CA HIS AA 19 -3.29 -12.25 49.89
C HIS AA 19 -2.49 -13.36 50.57
N ALA AA 20 -3.13 -14.14 51.44
CA ALA AA 20 -2.41 -15.17 52.16
C ALA AA 20 -1.78 -16.18 51.21
N ILE AA 21 -2.59 -16.76 50.32
CA ILE AA 21 -2.03 -17.82 49.48
C ILE AA 21 -1.18 -17.24 48.35
N PHE AA 22 -1.44 -15.99 47.95
CA PHE AA 22 -0.54 -15.30 47.03
C PHE AA 22 0.86 -15.21 47.61
N MET AA 23 0.97 -14.76 48.87
CA MET AA 23 2.27 -14.65 49.51
C MET AA 23 2.93 -16.02 49.64
N GLN AA 24 2.16 -17.04 50.02
CA GLN AA 24 2.72 -18.38 50.19
C GLN AA 24 3.33 -18.88 48.89
N SER AA 25 2.57 -18.81 47.79
CA SER AA 25 3.07 -19.35 46.52
C SER AA 25 4.22 -18.53 45.98
N MET AA 26 4.20 -17.21 46.17
CA MET AA 26 5.30 -16.38 45.71
C MET AA 26 6.58 -16.72 46.47
N TYR AA 27 6.48 -16.97 47.78
CA TYR AA 27 7.64 -17.39 48.54
C TYR AA 27 8.17 -18.73 48.04
N ALA AA 28 7.28 -19.66 47.71
CA ALA AA 28 7.73 -20.94 47.15
C ALA AA 28 8.49 -20.75 45.84
N TRP AA 29 7.97 -19.89 44.96
CA TRP AA 29 8.64 -19.63 43.70
C TRP AA 29 10.01 -19.00 43.92
N PHE AA 30 10.10 -18.07 44.89
CA PHE AA 30 11.39 -17.48 45.25
C PHE AA 30 12.37 -18.54 45.73
N GLY AA 31 11.89 -19.50 46.54
CA GLY AA 31 12.78 -20.55 46.99
C GLY AA 31 13.33 -21.38 45.85
N LEU AA 32 12.46 -21.74 44.90
CA LEU AA 32 12.93 -22.49 43.73
C LEU AA 32 13.97 -21.70 42.94
N VAL AA 33 13.69 -20.41 42.71
CA VAL AA 33 14.62 -19.58 41.93
C VAL AA 33 15.96 -19.46 42.64
N VAL AA 34 15.94 -19.27 43.96
CA VAL AA 34 17.17 -19.14 44.73
C VAL AA 34 17.99 -20.42 44.66
N ILE AA 35 17.34 -21.58 44.78
CA ILE AA 35 18.07 -22.84 44.67
C ILE AA 35 18.71 -22.98 43.30
N ALA AA 36 17.94 -22.67 42.24
CA ALA AA 36 18.49 -22.78 40.89
C ALA AA 36 19.69 -21.87 40.70
N HIS AA 37 19.61 -20.63 41.20
CA HIS AA 37 20.72 -19.71 41.05
C HIS AA 37 21.93 -20.12 41.88
N LEU AA 38 21.71 -20.71 43.06
CA LEU AA 38 22.83 -21.20 43.86
C LEU AA 38 23.58 -22.30 43.13
N LEU AA 39 22.86 -23.26 42.54
CA LEU AA 39 23.55 -24.32 41.82
C LEU AA 39 24.20 -23.82 40.53
N ALA AA 40 23.56 -22.85 39.86
CA ALA AA 40 24.18 -22.25 38.68
C ALA AA 40 25.48 -21.55 39.04
N TRP AA 41 25.50 -20.83 40.18
CA TRP AA 41 26.75 -20.23 40.63
C TRP AA 41 27.79 -21.28 40.98
N LEU AA 42 27.35 -22.39 41.59
CA LEU AA 42 28.28 -23.47 41.90
C LEU AA 42 28.92 -24.03 40.63
N TYR AA 43 28.16 -24.09 39.54
CA TYR AA 43 28.70 -24.64 38.30
C TYR AA 43 29.55 -23.63 37.53
N ARG AA 44 28.95 -22.50 37.15
CA ARG AA 44 29.57 -21.53 36.26
C ARG AA 44 29.48 -20.13 36.86
N PRO AA 45 30.40 -19.76 37.75
CA PRO AA 45 30.39 -18.40 38.30
C PRO AA 45 30.60 -17.36 37.20
N TRP AA 46 29.92 -16.23 37.35
CA TRP AA 46 29.99 -15.16 36.36
C TRP AA 46 30.56 -13.85 36.90
N LEU AA 47 30.66 -13.67 38.20
CA LEU AA 47 31.20 -12.43 38.76
C LEU AA 47 32.58 -12.69 39.38
N ALA BA 6 0.73 17.32 54.54
CA ALA BA 6 -0.42 18.03 55.07
C ALA BA 6 -1.71 17.56 54.40
N ASN BA 7 -1.94 18.04 53.18
CA ASN BA 7 -3.13 17.71 52.41
C ASN BA 7 -2.74 17.16 51.04
N LEU BA 8 -1.62 16.44 50.97
CA LEU BA 8 -1.19 15.82 49.72
C LEU BA 8 -2.01 14.58 49.39
N TYR BA 9 -2.66 13.96 50.38
CA TYR BA 9 -3.44 12.76 50.15
C TYR BA 9 -4.64 13.02 49.23
N LYS BA 10 -4.99 14.28 49.00
CA LYS BA 10 -6.06 14.64 48.09
C LYS BA 10 -5.66 14.45 46.63
N ILE BA 11 -4.38 14.15 46.36
CA ILE BA 11 -3.96 13.84 45.00
C ILE BA 11 -4.64 12.58 44.46
N TRP BA 12 -5.28 11.80 45.32
CA TRP BA 12 -6.02 10.63 44.90
C TRP BA 12 -7.50 10.93 44.65
N LEU BA 13 -7.95 12.14 44.94
CA LEU BA 13 -9.26 12.61 44.50
C LEU BA 13 -9.21 13.28 43.14
N ILE BA 14 -8.04 13.25 42.48
CA ILE BA 14 -7.86 13.81 41.16
C ILE BA 14 -7.41 12.70 40.22
N LEU BA 15 -6.43 11.92 40.65
CA LEU BA 15 -5.87 10.83 39.85
C LEU BA 15 -6.51 9.51 40.25
N ASP BA 16 -6.44 8.54 39.33
CA ASP BA 16 -7.07 7.24 39.53
C ASP BA 16 -6.04 6.24 40.02
N PRO BA 17 -6.19 5.68 41.22
CA PRO BA 17 -5.18 4.76 41.77
C PRO BA 17 -4.80 3.61 40.86
N ARG BA 18 -5.78 2.97 40.21
CA ARG BA 18 -5.50 1.78 39.42
C ARG BA 18 -4.63 2.11 38.21
N ARG BA 19 -5.00 3.17 37.48
CA ARG BA 19 -4.19 3.58 36.33
C ARG BA 19 -2.80 4.01 36.76
N VAL BA 20 -2.69 4.70 37.90
CA VAL BA 20 -1.37 5.12 38.46
C VAL BA 20 -0.54 3.88 38.80
N LEU BA 21 -1.14 2.81 39.35
CA LEU BA 21 -0.40 1.60 39.79
C LEU BA 21 -0.01 0.73 38.60
N VAL BA 22 -0.81 0.72 37.54
CA VAL BA 22 -0.50 -0.06 36.30
C VAL BA 22 0.49 0.74 35.43
N SER BA 23 0.64 2.05 35.69
CA SER BA 23 1.59 2.90 34.93
C SER BA 23 2.96 2.90 35.59
N ILE BA 24 3.01 2.82 36.92
CA ILE BA 24 4.32 2.71 37.64
C ILE BA 24 4.92 1.35 37.27
N VAL BA 25 4.17 0.26 37.32
CA VAL BA 25 4.74 -1.09 37.04
C VAL BA 25 5.31 -1.14 35.62
N ALA BA 26 4.54 -0.87 34.59
CA ALA BA 26 4.98 -0.97 33.19
C ALA BA 26 6.17 -0.04 32.87
N PHE BA 27 6.27 1.14 33.48
CA PHE BA 27 7.37 2.10 33.26
C PHE BA 27 8.65 1.55 33.89
N GLN BA 28 8.56 1.01 35.09
CA GLN BA 28 9.77 0.56 35.80
C GLN BA 28 10.30 -0.76 35.24
N ILE BA 29 9.49 -1.54 34.52
CA ILE BA 29 10.00 -2.77 33.85
C ILE BA 29 10.68 -2.36 32.55
N VAL BA 30 10.13 -1.40 31.80
CA VAL BA 30 10.77 -0.88 30.55
C VAL BA 30 12.01 -0.05 30.88
N LEU BA 31 12.03 0.67 32.01
CA LEU BA 31 13.26 1.38 32.42
C LEU BA 31 14.32 0.34 32.82
N GLY BA 32 13.99 -0.66 33.62
CA GLY BA 32 14.92 -1.71 34.04
C GLY BA 32 15.59 -2.41 32.90
N LEU BA 33 14.84 -2.81 31.87
CA LEU BA 33 15.40 -3.49 30.69
C LEU BA 33 16.31 -2.55 29.91
N LEU BA 34 15.99 -1.26 29.80
CA LEU BA 34 16.83 -0.25 29.12
C LEU BA 34 18.14 -0.01 29.87
N ILE BA 35 18.11 0.33 31.16
CA ILE BA 35 19.34 0.65 31.93
C ILE BA 35 20.25 -0.58 32.03
N HIS BA 36 19.77 -1.79 31.78
CA HIS BA 36 20.61 -3.01 31.81
C HIS BA 36 21.29 -3.23 30.47
N MET BA 37 20.68 -2.83 29.35
CA MET BA 37 21.25 -2.93 27.97
C MET BA 37 22.17 -1.76 27.66
N ILE BA 38 22.03 -0.63 28.34
CA ILE BA 38 22.89 0.57 28.15
C ILE BA 38 24.20 0.34 28.91
N VAL BA 39 24.19 -0.43 29.99
CA VAL BA 39 25.41 -0.78 30.77
C VAL BA 39 26.05 -2.08 30.23
N LEU BA 40 25.41 -2.80 29.31
CA LEU BA 40 26.01 -4.00 28.66
C LEU BA 40 26.74 -3.57 27.39
N SER BA 41 26.41 -2.43 26.81
CA SER BA 41 27.09 -1.89 25.61
C SER BA 41 28.29 -1.02 25.97
N THR BA 42 28.75 -1.02 27.23
CA THR BA 42 29.84 -0.14 27.72
C THR BA 42 31.04 -0.98 28.20
N ASP BA 43 31.97 -0.37 28.93
CA ASP BA 43 33.17 -1.06 29.49
C ASP BA 43 32.83 -1.63 30.86
N LEU BA 44 31.54 -1.76 31.17
CA LEU BA 44 31.08 -2.26 32.48
C LEU BA 44 30.36 -3.59 32.28
N ASN BA 45 30.14 -4.07 31.05
CA ASN BA 45 29.58 -5.42 30.78
C ASN BA 45 30.20 -6.42 31.75
N TRP BA 46 29.39 -7.29 32.35
CA TRP BA 46 29.86 -8.26 33.37
C TRP BA 46 29.77 -9.67 32.81
N LEU BA 47 29.17 -9.86 31.64
CA LEU BA 47 28.93 -11.22 31.12
C LEU BA 47 30.05 -11.58 30.16
N ASP BA 48 30.42 -10.65 29.26
CA ASP BA 48 31.50 -10.85 28.28
C ASP BA 48 32.72 -10.03 28.72
N ASP BA 49 33.25 -10.29 29.91
CA ASP BA 49 34.42 -9.55 30.45
C ASP BA 49 35.52 -10.55 30.79
N ASN BA 50 35.31 -11.86 30.59
CA ASN BA 50 36.29 -12.93 30.89
C ASN BA 50 36.81 -12.80 32.32
N ILE BA 51 35.93 -12.49 33.28
CA ILE BA 51 36.25 -12.46 34.74
C ILE BA 51 35.02 -13.11 35.38
N PRO BA 52 35.04 -14.33 35.95
CA PRO BA 52 36.18 -14.87 36.69
C PRO BA 52 37.22 -15.63 35.83
N VAL BA 53 36.81 -16.29 34.74
CA VAL BA 53 37.69 -17.04 33.79
C VAL BA 53 36.93 -17.11 32.47
N SER BA 54 37.61 -17.29 31.34
CA SER BA 54 36.91 -17.49 30.04
C SER BA 54 36.48 -18.94 29.98
N TYR BA 55 35.26 -19.19 29.55
CA TYR BA 55 34.70 -20.55 29.61
C TYR BA 55 34.73 -21.17 28.22
N GLN BA 56 34.69 -20.38 27.15
CA GLN BA 56 34.84 -20.87 25.76
C GLN BA 56 36.31 -20.75 25.40
N ALA BA 57 37.19 -21.36 26.19
CA ALA BA 57 38.64 -21.28 25.96
C ALA BA 57 39.36 -21.66 27.24
N ALA CA 6 -0.39 -5.51 57.02
CA ALA CA 6 -1.46 -4.83 57.74
C ALA CA 6 -2.74 -4.79 56.91
N ASN CA 7 -2.80 -3.84 55.96
CA ASN CA 7 -3.96 -3.66 55.10
C ASN CA 7 -3.56 -3.73 53.63
N LEU CA 8 -2.51 -4.49 53.31
CA LEU CA 8 -2.10 -4.66 51.93
C LEU CA 8 -3.04 -5.55 51.13
N TYR CA 9 -3.79 -6.43 51.80
CA TYR CA 9 -4.71 -7.32 51.13
C TYR CA 9 -5.81 -6.56 50.38
N LYS CA 10 -6.02 -5.29 50.69
CA LYS CA 10 -6.99 -4.47 49.99
C LYS CA 10 -6.56 -4.12 48.58
N ILE CA 11 -5.31 -4.41 48.21
CA ILE CA 11 -4.86 -4.18 46.83
C ILE CA 11 -5.61 -5.05 45.84
N TRP CA 12 -6.32 -6.07 46.31
CA TRP CA 12 -7.13 -6.91 45.45
C TRP CA 12 -8.57 -6.42 45.33
N LEU CA 13 -8.93 -5.34 46.03
CA LEU CA 13 -10.18 -4.64 45.78
C LEU CA 13 -10.00 -3.50 44.79
N ILE CA 14 -8.83 -3.39 44.17
CA ILE CA 14 -8.51 -2.36 43.19
C ILE CA 14 -8.13 -3.03 41.88
N LEU CA 15 -7.26 -4.04 41.96
CA LEU CA 15 -6.75 -4.73 40.79
C LEU CA 15 -7.49 -6.04 40.56
N ASP CA 16 -7.72 -6.36 39.30
CA ASP CA 16 -8.47 -7.57 38.94
C ASP CA 16 -7.55 -8.79 39.01
N PRO CA 17 -7.93 -9.85 39.74
CA PRO CA 17 -7.07 -11.04 39.81
C PRO CA 17 -6.69 -11.66 38.46
N ARG CA 18 -7.69 -12.00 37.64
CA ARG CA 18 -7.42 -12.81 36.44
C ARG CA 18 -6.48 -12.10 35.48
N ARG CA 19 -6.71 -10.80 35.25
CA ARG CA 19 -5.85 -10.05 34.36
C ARG CA 19 -4.41 -10.03 34.86
N VAL CA 20 -4.27 -10.07 36.21
CA VAL CA 20 -2.95 -10.09 36.92
C VAL CA 20 -2.28 -11.47 36.90
N LEU CA 21 -2.98 -12.56 37.18
CA LEU CA 21 -2.40 -13.93 37.16
C LEU CA 21 -2.03 -14.30 35.72
N VAL CA 22 -2.73 -13.80 34.73
CA VAL CA 22 -2.41 -14.03 33.29
C VAL CA 22 -1.28 -13.09 32.86
N SER CA 23 -1.04 -11.99 33.60
CA SER CA 23 0.07 -11.05 33.29
C SER CA 23 1.38 -11.52 33.93
N ILE CA 24 1.34 -12.07 35.14
CA ILE CA 24 2.56 -12.64 35.79
C ILE CA 24 3.04 -13.81 34.92
N VAL CA 25 2.18 -14.75 34.55
CA VAL CA 25 2.62 -15.94 33.77
C VAL CA 25 3.29 -15.48 32.47
N ALA CA 26 2.58 -14.76 31.60
CA ALA CA 26 3.11 -14.36 30.28
C ALA CA 26 4.40 -13.54 30.34
N PHE CA 27 4.61 -12.71 31.37
CA PHE CA 27 5.84 -11.91 31.54
C PHE CA 27 6.98 -12.82 31.94
N GLN CA 28 6.76 -13.76 32.85
CA GLN CA 28 7.85 -14.62 33.36
C GLN CA 28 8.29 -15.64 32.31
N ILE CA 29 7.46 -15.94 31.32
CA ILE CA 29 7.84 -16.87 30.21
C ILE CA 29 8.59 -16.08 29.13
N VAL CA 30 8.21 -14.85 28.83
CA VAL CA 30 8.95 -13.99 27.86
C VAL CA 30 10.26 -13.51 28.49
N LEU CA 31 10.33 -13.30 29.81
CA LEU CA 31 11.62 -12.98 30.47
C LEU CA 31 12.51 -14.24 30.47
N GLY CA 32 11.97 -15.43 30.72
CA GLY CA 32 12.75 -16.68 30.67
C GLY CA 32 13.46 -16.85 29.36
N LEU CA 33 12.78 -16.63 28.24
CA LEU CA 33 13.36 -16.81 26.90
C LEU CA 33 14.36 -15.67 26.58
N LEU CA 34 14.21 -14.47 27.14
CA LEU CA 34 15.19 -13.37 26.95
C LEU CA 34 16.45 -13.63 27.77
N ILE CA 35 16.36 -13.88 29.08
CA ILE CA 35 17.57 -14.03 29.94
C ILE CA 35 18.34 -15.27 29.51
N HIS CA 36 17.77 -16.17 28.72
CA HIS CA 36 18.45 -17.42 28.27
C HIS CA 36 19.16 -17.21 26.94
N MET CA 37 18.65 -16.36 26.04
CA MET CA 37 19.28 -16.02 24.73
C MET CA 37 20.36 -14.96 24.91
N ILE CA 38 20.33 -14.19 26.00
CA ILE CA 38 21.33 -13.15 26.31
C ILE CA 38 22.54 -13.83 26.95
N VAL CA 39 22.37 -14.96 27.64
CA VAL CA 39 23.50 -15.74 28.23
C VAL CA 39 24.01 -16.78 27.21
N LEU CA 40 23.39 -16.91 26.05
CA LEU CA 40 23.89 -17.83 24.98
C LEU CA 40 24.72 -17.02 24.00
N SER CA 41 24.49 -15.73 23.86
CA SER CA 41 25.31 -14.84 22.98
C SER CA 41 26.59 -14.38 23.68
N THR CA 42 26.90 -14.88 24.88
CA THR CA 42 28.05 -14.43 25.70
C THR CA 42 29.13 -15.53 25.78
N ASP CA 43 30.07 -15.42 26.71
CA ASP CA 43 31.16 -16.41 26.91
C ASP CA 43 30.72 -17.42 27.97
N LEU CA 44 29.41 -17.49 28.22
CA LEU CA 44 28.85 -18.40 29.24
C LEU CA 44 28.00 -19.46 28.53
N ASN CA 45 27.80 -19.41 27.21
CA ASN CA 45 27.13 -20.48 26.42
C ASN CA 45 27.56 -21.85 26.95
N TRP CA 46 26.62 -22.78 27.12
CA TRP CA 46 26.92 -24.12 27.69
C TRP CA 46 26.73 -25.18 26.61
N LEU CA 47 26.15 -24.83 25.46
CA LEU CA 47 25.80 -25.82 24.43
C LEU CA 47 26.94 -25.91 23.42
N ASP CA 48 27.37 -24.79 22.88
CA ASP CA 48 28.47 -24.71 21.90
C ASP CA 48 29.74 -24.27 22.61
N ASP CA 49 30.25 -25.08 23.53
CA ASP CA 49 31.44 -24.73 24.35
C ASP CA 49 32.43 -25.90 24.36
N ASN CA 50 32.13 -27.02 23.69
CA ASN CA 50 33.03 -28.21 23.60
C ASN CA 50 33.45 -28.69 24.98
N ILE CA 51 32.58 -28.58 25.98
CA ILE CA 51 32.80 -29.15 27.35
C ILE CA 51 31.46 -29.84 27.66
N PRO CA 52 31.33 -31.18 27.74
CA PRO CA 52 32.38 -32.10 28.22
C PRO CA 52 33.36 -32.61 27.14
N VAL CA 53 32.91 -32.80 25.88
CA VAL CA 53 33.72 -33.23 24.72
C VAL CA 53 33.04 -32.67 23.48
N SER CA 54 33.70 -32.65 22.32
CA SER CA 54 33.04 -32.22 21.06
C SER CA 54 32.49 -33.47 20.39
N TYR CA 55 31.23 -33.42 19.99
CA TYR CA 55 30.55 -34.63 19.49
C TYR CA 55 30.59 -34.64 17.96
N GLN CA 56 30.78 -33.48 17.33
CA GLN CA 56 30.88 -33.36 15.86
C GLN CA 56 32.35 -33.23 15.48
N ALA CA 57 33.23 -33.96 16.14
CA ALA CA 57 34.67 -33.93 15.85
C ALA CA 57 35.31 -35.15 16.50
N THR DA 8 -15.84 -18.91 35.61
CA THR DA 8 -15.84 -20.34 35.34
C THR DA 8 -17.22 -20.96 35.43
N GLY DA 9 -17.94 -20.65 36.51
CA GLY DA 9 -19.22 -21.25 36.75
C GLY DA 9 -19.16 -22.65 37.34
N LEU DA 10 -18.01 -23.05 37.85
CA LEU DA 10 -17.83 -24.37 38.42
C LEU DA 10 -18.13 -24.36 39.92
N THR DA 11 -18.81 -25.40 40.39
CA THR DA 11 -19.03 -25.56 41.82
C THR DA 11 -17.74 -25.98 42.51
N ASP DA 12 -17.77 -25.96 43.84
CA ASP DA 12 -16.57 -26.25 44.62
C ASP DA 12 -16.09 -27.68 44.40
N ASP DA 13 -17.02 -28.63 44.35
CA ASP DA 13 -16.66 -30.04 44.18
C ASP DA 13 -16.03 -30.29 42.81
N GLU DA 14 -16.56 -29.66 41.77
CA GLU DA 14 -15.95 -29.77 40.46
C GLU DA 14 -14.53 -29.23 40.44
N ALA DA 15 -14.30 -28.13 41.17
CA ALA DA 15 -12.94 -27.60 41.29
C ALA DA 15 -12.02 -28.61 41.99
N LYS DA 16 -12.51 -29.24 43.05
CA LYS DA 16 -11.70 -30.25 43.74
C LYS DA 16 -11.32 -31.39 42.80
N GLU DA 17 -12.30 -31.92 42.07
CA GLU DA 17 -12.05 -33.06 41.19
C GLU DA 17 -11.09 -32.68 40.07
N PHE DA 18 -11.33 -31.52 39.44
CA PHE DA 18 -10.45 -31.07 38.37
C PHE DA 18 -9.02 -30.87 38.88
N HIS DA 19 -8.87 -30.31 40.08
CA HIS DA 19 -7.53 -30.13 40.64
C HIS DA 19 -6.83 -31.46 40.86
N ALA DA 20 -7.54 -32.44 41.41
CA ALA DA 20 -6.93 -33.75 41.64
C ALA DA 20 -6.44 -34.36 40.34
N ILE DA 21 -7.31 -34.39 39.32
CA ILE DA 21 -6.92 -35.03 38.06
C ILE DA 21 -5.81 -34.24 37.36
N PHE DA 22 -5.88 -32.90 37.40
CA PHE DA 22 -4.85 -32.06 36.79
C PHE DA 22 -3.50 -32.31 37.44
N MET DA 23 -3.46 -32.38 38.78
CA MET DA 23 -2.21 -32.59 39.48
C MET DA 23 -1.62 -33.95 39.12
N GLN DA 24 -2.46 -35.00 39.11
CA GLN DA 24 -1.94 -36.32 38.79
C GLN DA 24 -1.40 -36.39 37.38
N SER DA 25 -2.11 -35.79 36.41
CA SER DA 25 -1.63 -35.80 35.03
C SER DA 25 -0.34 -35.02 34.89
N MET DA 26 -0.23 -33.87 35.57
CA MET DA 26 1.00 -33.08 35.48
C MET DA 26 2.18 -33.84 36.07
N TYR DA 27 1.97 -34.55 37.17
CA TYR DA 27 3.04 -35.37 37.73
C TYR DA 27 3.47 -36.47 36.77
N ALA DA 28 2.51 -37.13 36.11
CA ALA DA 28 2.89 -38.15 35.13
C ALA DA 28 3.70 -37.56 33.97
N TRP DA 29 3.29 -36.39 33.49
CA TRP DA 29 4.02 -35.74 32.40
C TRP DA 29 5.45 -35.40 32.84
N PHE DA 30 5.60 -34.89 34.06
CA PHE DA 30 6.94 -34.59 34.56
C PHE DA 30 7.79 -35.84 34.74
N GLY DA 31 7.17 -36.96 35.14
CA GLY DA 31 7.93 -38.20 35.22
C GLY DA 31 8.45 -38.66 33.87
N LEU DA 32 7.60 -38.58 32.84
CA LEU DA 32 8.06 -38.92 31.49
C LEU DA 32 9.20 -38.01 31.06
N VAL DA 33 9.08 -36.71 31.33
CA VAL DA 33 10.15 -35.77 30.98
C VAL DA 33 11.45 -36.13 31.68
N VAL DA 34 11.38 -36.48 32.96
CA VAL DA 34 12.58 -36.84 33.71
C VAL DA 34 13.23 -38.08 33.12
N ILE DA 35 12.43 -39.08 32.76
CA ILE DA 35 13.00 -40.30 32.17
C ILE DA 35 13.71 -39.98 30.85
N ALA DA 36 13.06 -39.16 30.01
CA ALA DA 36 13.66 -38.80 28.73
C ALA DA 36 14.97 -38.04 28.93
N HIS DA 37 15.03 -37.14 29.92
CA HIS DA 37 16.25 -36.39 30.17
C HIS DA 37 17.35 -37.26 30.77
N LEU DA 38 17.01 -38.26 31.57
CA LEU DA 38 18.03 -39.21 32.02
C LEU DA 38 18.60 -39.99 30.84
N LEU DA 39 17.76 -40.41 29.90
CA LEU DA 39 18.28 -41.09 28.71
C LEU DA 39 19.18 -40.18 27.89
N ALA DA 40 18.77 -38.92 27.71
CA ALA DA 40 19.58 -37.97 26.95
C ALA DA 40 20.91 -37.67 27.63
N TRP DA 41 20.93 -37.61 28.95
CA TRP DA 41 22.19 -37.46 29.66
C TRP DA 41 23.06 -38.70 29.55
N LEU DA 42 22.44 -39.88 29.49
CA LEU DA 42 23.22 -41.10 29.30
C LEU DA 42 23.82 -41.19 27.90
N TYR DA 43 23.19 -40.59 26.91
CA TYR DA 43 23.71 -40.65 25.53
C TYR DA 43 24.68 -39.50 25.26
N ARG DA 44 24.20 -38.25 25.37
CA ARG DA 44 25.02 -37.06 25.13
C ARG DA 44 25.03 -36.18 26.38
N PRO DA 45 26.01 -36.33 27.27
CA PRO DA 45 26.18 -35.34 28.34
C PRO DA 45 26.55 -33.99 27.76
N TRP DA 46 25.88 -32.94 28.26
CA TRP DA 46 26.09 -31.60 27.74
C TRP DA 46 26.81 -30.66 28.70
N LEU DA 47 26.87 -30.99 29.99
CA LEU DA 47 27.49 -30.12 30.97
C LEU DA 47 28.79 -30.73 31.48
MG BCL EA . 21.11 3.14 38.52
CHA BCL EA . 18.18 1.39 38.25
CHB BCL EA . 19.48 5.83 39.54
CHC BCL EA . 24.07 4.79 38.49
CHD BCL EA . 22.77 0.56 36.82
NA BCL EA . 19.19 3.55 38.90
C1A BCL EA . 18.17 2.74 38.87
C2A BCL EA . 16.89 3.44 39.20
C3A BCL EA . 17.27 4.88 39.14
C4A BCL EA . 18.75 4.78 39.19
CMA BCL EA . 16.74 5.53 37.88
CAA BCL EA . 16.33 3.14 40.56
CBA BCL EA . 14.88 2.71 40.55
CGA BCL EA . 13.91 3.85 40.66
O1A BCL EA . 13.04 3.95 39.83
O2A BCL EA . 13.98 4.80 41.75
NB BCL EA . 21.70 5.05 38.93
C1B BCL EA . 20.92 6.03 39.37
C2B BCL EA . 21.58 7.32 39.63
C3B BCL EA . 22.99 7.03 39.31
C4B BCL EA . 22.93 5.59 38.92
CMB BCL EA . 20.85 8.54 40.10
CAB BCL EA . 24.22 7.91 39.36
OBB BCL EA . 25.32 7.46 39.20
CBB BCL EA . 24.13 9.37 39.56
NC BCL EA . 23.01 2.75 37.93
C1C BCL EA . 24.05 3.57 37.98
C2C BCL EA . 25.30 2.97 37.44
C3C BCL EA . 24.93 1.57 37.17
C4C BCL EA . 23.47 1.68 37.38
CMC BCL EA . 25.73 3.61 36.15
CAC BCL EA . 25.53 0.54 38.11
CBC BCL EA . 26.78 -0.07 37.53
ND BCL EA . 20.69 1.37 37.65
C1D BCL EA . 21.37 0.42 37.07
C2D BCL EA . 20.60 -0.72 36.67
C3D BCL EA . 19.27 -0.33 37.17
C4D BCL EA . 19.43 0.87 37.73
CMD BCL EA . 21.10 -1.90 35.94
CAD BCL EA . 17.86 -0.70 37.27
OBD BCL EA . 17.32 -1.76 36.88
CBD BCL EA . 17.11 0.33 38.05
CGD BCL EA . 15.76 0.58 37.43
O1D BCL EA . 15.60 0.98 36.32
O2D BCL EA . 14.61 0.27 38.24
CED BCL EA . 13.37 -0.08 37.67
C1 BCL EA . 14.34 6.18 41.53
C2 BCL EA . 14.59 6.81 42.88
C3 BCL EA . 15.80 6.90 43.43
C4 BCL EA . 15.94 7.55 44.77
C5 BCL EA . 17.03 6.38 42.72
C6 BCL EA . 18.04 5.79 43.71
C7 BCL EA . 19.29 5.32 42.98
C8 BCL EA . 20.56 5.32 43.83
C9 BCL EA . 20.32 5.88 45.22
C10 BCL EA . 21.65 6.11 43.13
C11 BCL EA . 22.97 6.02 43.86
C12 BCL EA . 24.16 6.27 42.93
C13 BCL EA . 25.16 7.23 43.58
C14 BCL EA . 24.58 8.63 43.69
C15 BCL EA . 26.46 7.26 42.78
C16 BCL EA . 27.66 6.99 43.68
C17 BCL EA . 28.47 8.26 43.91
C18 BCL EA . 29.74 7.97 44.70
C19 BCL EA . 29.43 7.74 46.18
C20 BCL EA . 30.77 9.08 44.54
C1 8K6 FA . 19.87 -6.83 42.44
C2 8K6 FA . 21.17 -6.73 41.70
C3 8K6 FA . 22.33 -6.47 42.63
C4 8K6 FA . 23.56 -5.99 41.95
C5 8K6 FA . 24.82 -6.29 42.69
C6 8K6 FA . 25.82 -7.10 41.89
C7 8K6 FA . 27.13 -7.31 42.59
C8 8K6 FA . 27.14 -8.48 43.52
C9 8K6 FA . 28.48 -8.77 44.13
C10 8K6 FA . 28.92 -7.76 45.15
C11 8K6 FA . 29.49 -8.36 46.40
C12 8K6 FA . 30.11 -7.35 47.34
C13 8K6 FA . 31.41 -6.78 46.86
C14 8K6 FA . 32.55 -7.75 46.83
C15 8K6 FA . 33.41 -7.67 45.59
C16 8K6 FA . 34.88 -7.50 45.86
C17 8K6 FA . 35.62 -6.73 44.80
C18 8K6 FA . 35.76 -7.47 43.49
MG BCL GA . 21.39 11.39 36.61
CHA BCL GA . 18.97 13.70 37.22
CHB BCL GA . 19.12 8.94 36.65
CHC BCL GA . 23.78 9.29 35.54
CHD BCL GA . 23.73 13.98 36.19
NA BCL GA . 19.44 11.28 37.01
C1A BCL GA . 18.62 12.25 37.22
C2A BCL GA . 17.23 11.77 37.46
C3A BCL GA . 17.40 10.30 37.66
C4A BCL GA . 18.75 10.14 37.10
CMA BCL GA . 17.33 9.92 39.13
CAA BCL GA . 16.33 12.01 36.27
CBA BCL GA . 15.16 12.84 36.75
CGA BCL GA . 13.90 12.49 36.02
O1A BCL GA . 13.92 12.10 34.88
O2A BCL GA . 12.65 12.68 36.71
NB BCL GA . 21.46 9.40 36.13
C1B BCL GA . 20.45 8.53 36.22
C2B BCL GA . 20.74 7.15 35.82
C3B BCL GA . 22.16 7.24 35.48
C4B BCL GA . 22.48 8.67 35.73
CMB BCL GA . 19.78 6.01 35.83
CAB BCL GA . 23.11 6.18 35.00
OBB BCL GA . 24.25 6.49 34.76
CBB BCL GA . 22.67 4.77 34.77
NC BCL GA . 23.36 11.52 36.17
C1C BCL GA . 24.15 10.51 35.88
C2C BCL GA . 25.60 10.85 35.84
C3C BCL GA . 25.53 12.35 35.86
C4C BCL GA . 24.09 12.58 36.09
CMC BCL GA . 26.39 10.34 37.03
CAC BCL GA . 25.90 12.98 34.54
CBC BCL GA . 27.35 13.41 34.52
ND BCL GA . 21.47 13.42 36.63
C1D BCL GA . 22.39 14.37 36.52
C2D BCL GA . 21.86 15.73 36.70
C3D BCL GA . 20.47 15.42 36.99
C4D BCL GA . 20.33 14.09 36.95
CMD BCL GA . 22.44 17.10 36.66
CAD BCL GA . 19.16 16.01 37.30
OBD BCL GA . 18.92 17.25 37.43
CBD BCL GA . 18.16 14.92 37.49
CGD BCL GA . 17.64 14.97 38.87
O1D BCL GA . 18.35 14.68 39.81
O2D BCL GA . 16.30 15.37 39.18
CED BCL GA . 15.99 15.62 40.55
C1 BCL GA . 11.49 13.19 36.06
C2 BCL GA . 10.32 12.46 36.64
C3 BCL GA . 9.30 13.05 37.26
C4 BCL GA . 9.18 14.53 37.41
C5 BCL GA . 8.20 12.17 37.83
C6 BCL GA . 8.25 12.17 39.36
C7 BCL GA . 9.34 11.25 39.90
C8 BCL GA . 9.08 10.70 41.30
C9 BCL GA . 7.85 11.31 41.97
C10 BCL GA . 10.32 10.93 42.16
C11 BCL GA . 11.38 9.88 41.88
C12 BCL GA . 12.80 10.39 42.11
C13 BCL GA . 13.12 11.58 41.23
C14 BCL GA . 13.51 11.13 39.84
C15 BCL GA . 14.22 12.44 41.83
C16 BCL GA . 15.10 11.72 42.84
C17 BCL GA . 16.57 11.89 42.49
C18 BCL GA . 17.47 11.50 43.64
C19 BCL GA . 18.32 12.69 44.07
C20 BCL GA . 18.33 10.30 43.28
CA CA HA . 33.56 6.41 34.53
C1M CRT IA . -8.83 2.35 47.80
O1 CRT IA . -7.82 1.95 48.71
C1 CRT IA . -8.18 1.16 49.85
C2 CRT IA . -9.21 1.93 50.66
C3 CRT IA . -8.77 -0.15 49.32
C4 CRT IA . -6.94 0.88 50.69
C5 CRT IA . -5.85 0.11 50.03
C6 CRT IA . -4.68 0.60 49.62
C7 CRT IA . -3.59 -0.11 49.09
C8 CRT IA . -3.61 -1.59 49.19
C9 CRT IA . -2.51 0.50 48.45
C10 CRT IA . -1.36 -0.06 47.92
C11 CRT IA . -0.37 0.65 47.27
C12 CRT IA . 0.88 0.22 46.78
C13 CRT IA . 1.26 -1.20 46.92
C14 CRT IA . 1.78 1.11 46.16
C15 CRT IA . 3.05 0.90 45.68
C16 CRT IA . 3.77 1.92 45.08
C17 CRT IA . 5.08 1.94 44.56
C18 CRT IA . 5.92 0.71 44.67
C19 CRT IA . 5.60 3.08 43.94
C20 CRT IA . 6.85 3.30 43.39
C21 CRT IA . 7.26 4.42 42.70
C22 CRT IA . 8.44 4.80 42.09
C23 CRT IA . 8.68 5.92 41.28
C24 CRT IA . 7.58 6.85 41.03
C25 CRT IA . 9.93 6.19 40.68
C26 CRT IA . 10.22 7.10 39.69
C27 CRT IA . 11.46 7.28 39.10
C28 CRT IA . 11.78 7.97 37.91
C29 CRT IA . 10.71 8.71 37.21
C30 CRT IA . 13.08 7.98 37.37
C31 CRT IA . 13.49 8.39 36.13
C32 CRT IA . 14.79 8.29 35.66
C33 CRT IA . 15.30 8.53 34.38
C34 CRT IA . 14.37 8.99 33.33
C35 CRT IA . 16.65 8.36 34.04
C36 CRT IA . 17.16 8.41 32.82
C37 CRT IA . 18.61 8.23 32.47
C38 CRT IA . 18.95 6.93 31.74
C39 CRT IA . 20.40 6.97 31.25
C40 CRT IA . 18.71 5.74 32.65
O2 CRT IA . 18.06 6.80 30.63
C2M CRT IA . 17.94 5.53 30.03
MG BCL JA . 20.85 20.13 33.20
CHA BCL JA . 18.15 18.06 33.75
CHB BCL JA . 18.85 22.78 33.11
CHC BCL JA . 23.56 21.98 32.38
CHD BCL JA . 22.83 17.28 32.55
NA BCL JA . 18.88 20.41 33.45
C1A BCL JA . 17.97 19.55 33.79
C2A BCL JA . 16.60 20.17 33.91
C3A BCL JA . 16.80 21.51 33.27
C4A BCL JA . 18.27 21.59 33.25
CMA BCL JA . 16.18 21.56 31.88
CAA BCL JA . 16.10 20.40 35.31
CBA BCL JA . 14.68 19.91 35.55
CGA BCL JA . 13.59 20.89 35.21
O1A BCL JA . 12.83 20.64 34.32
O2A BCL JA . 13.42 22.12 35.99
NB BCL JA . 21.17 22.10 32.77
C1B BCL JA . 20.25 23.07 32.80
C2B BCL JA . 20.72 24.44 32.50
C3B BCL JA . 22.17 24.22 32.27
C4B BCL JA . 22.31 22.75 32.49
CMB BCL JA . 19.84 25.65 32.46
CAB BCL JA . 23.26 25.19 31.92
OBB BCL JA . 24.41 24.86 31.92
CBB BCL JA . 22.97 26.60 31.53
NC BCL JA . 22.76 19.75 32.69
C1C BCL JA . 23.69 20.66 32.36
C2C BCL JA . 24.99 20.06 31.98
C3C BCL JA . 24.83 18.63 32.33
C4C BCL JA . 23.37 18.62 32.58
CMC BCL JA . 25.28 20.16 30.51
CAC BCL JA . 25.59 18.17 33.57
CBC BCL JA . 26.89 17.50 33.20
ND BCL JA . 20.66 18.11 33.09
C1D BCL JA . 21.45 17.09 32.89
C2D BCL JA . 20.81 15.79 32.99
C3D BCL JA . 19.46 16.20 33.36
C4D BCL JA . 19.45 17.53 33.41
CMD BCL JA . 21.35 14.42 32.79
CAD BCL JA . 18.10 15.71 33.64
OBD BCL JA . 17.75 14.49 33.70
CBD BCL JA . 17.22 16.87 33.99
CGD BCL JA . 15.88 16.80 33.33
O1D BCL JA . 15.75 16.64 32.15
O2D BCL JA . 14.70 16.92 34.15
CED BCL JA . 13.70 15.93 34.17
C1 BCL JA . 13.37 23.41 35.38
C2 BCL JA . 14.76 23.94 35.23
C3 BCL JA . 15.41 24.62 36.18
C4 BCL JA . 14.79 24.96 37.49
C5 BCL JA . 16.82 25.06 35.93
C6 BCL JA . 17.70 24.50 37.03
C7 BCL JA . 18.94 23.83 36.47
C8 BCL JA . 20.23 24.22 37.17
C9 BCL JA . 19.99 24.98 38.46
C10 BCL JA . 21.07 25.05 36.22
C11 BCL JA . 22.52 24.64 36.32
C12 BCL JA . 23.41 25.82 35.99
C13 BCL JA . 24.88 25.42 35.96
C14 BCL JA . 25.36 25.07 37.37
C15 BCL JA . 25.67 26.56 35.34
C16 BCL JA . 27.13 26.56 35.75
C17 BCL JA . 27.63 27.98 35.98
C18 BCL JA . 28.92 27.99 36.78
C19 BCL JA . 28.63 28.17 38.27
C20 BCL JA . 29.88 29.06 36.29
C1 8K6 KA . 20.59 12.31 40.88
C2 8K6 KA . 21.80 12.31 39.98
C3 8K6 KA . 22.75 13.39 40.37
C4 8K6 KA . 24.17 12.94 40.53
C5 8K6 KA . 25.14 13.60 39.61
C6 8K6 KA . 26.49 13.82 40.21
C7 8K6 KA . 27.33 12.58 40.30
C8 8K6 KA . 27.95 12.36 41.66
C9 8K6 KA . 29.42 12.58 41.71
C10 8K6 KA . 29.97 12.70 43.10
C11 8K6 KA . 29.99 14.10 43.65
C12 8K6 KA . 31.08 14.37 44.64
C13 8K6 KA . 32.08 15.42 44.21
C14 8K6 KA . 33.51 15.05 44.48
C15 8K6 KA . 34.22 14.40 43.32
C16 8K6 KA . 35.54 15.03 42.96
C17 8K6 KA . 36.42 14.14 42.14
C18 8K6 KA . 36.78 14.69 40.78
C1M CRT LA . -8.82 19.91 43.64
O1 CRT LA . -7.72 20.00 44.53
C1 CRT LA . -7.93 19.68 45.92
C2 CRT LA . -9.00 20.64 46.45
C3 CRT LA . -8.40 18.24 45.99
C4 CRT LA . -6.62 19.88 46.68
C5 CRT LA . -5.48 19.00 46.26
C6 CRT LA . -4.39 19.41 45.62
C7 CRT LA . -3.24 18.66 45.32
C8 CRT LA . -3.11 17.30 45.92
C9 CRT LA . -2.22 19.12 44.49
C10 CRT LA . -1.02 18.52 44.14
C11 CRT LA . -0.11 19.05 43.25
C12 CRT LA . 1.16 18.59 42.87
C13 CRT LA . 1.70 17.36 43.49
C14 CRT LA . 1.95 19.28 41.93
C15 CRT LA . 3.24 19.02 41.49
C16 CRT LA . 3.85 19.83 40.55
C17 CRT LA . 5.12 19.77 39.98
C18 CRT LA . 6.07 18.72 40.44
C19 CRT LA . 5.53 20.65 38.96
C20 CRT LA . 6.71 20.72 38.26
C21 CRT LA . 6.99 21.53 37.17
C22 CRT LA . 8.13 21.71 36.39
C23 CRT LA . 8.26 22.46 35.21
C24 CRT LA . 7.06 23.17 34.69
C25 CRT LA . 9.45 22.57 34.48
C26 CRT LA . 9.65 23.06 33.21
C27 CRT LA . 10.86 23.08 32.53
C28 CRT LA . 11.11 23.31 31.16
C29 CRT LA . 9.97 23.69 30.29
C30 CRT LA . 12.38 23.20 30.60
C31 CRT LA . 12.73 23.17 29.26
C32 CRT LA . 14.02 23.00 28.79
C33 CRT LA . 14.46 22.85 27.46
C34 CRT LA . 13.45 22.92 26.37
C35 CRT LA . 15.80 22.65 27.12
C36 CRT LA . 16.24 22.33 25.90
C37 CRT LA . 17.65 22.12 25.48
C38 CRT LA . 18.10 20.66 25.37
C39 CRT LA . 19.42 20.56 24.62
C40 CRT LA . 18.21 20.05 26.75
O2 CRT LA . 17.08 19.93 24.67
C2M CRT LA . 17.15 18.51 24.65
MG BCL MA . 20.09 27.11 28.08
CHA BCL MA . 17.44 29.24 27.96
CHB BCL MA . 18.13 24.66 29.21
CHC BCL MA . 22.71 25.03 27.81
CHD BCL MA . 22.11 29.57 26.59
NA BCL MA . 18.17 26.97 28.61
C1A BCL MA . 17.26 27.87 28.50
C2A BCL MA . 15.92 27.38 28.98
C3A BCL MA . 16.24 26.09 29.66
C4A BCL MA . 17.62 25.87 29.15
CMA BCL MA . 16.21 26.17 31.17
CAA BCL MA . 14.96 27.17 27.84
CBA BCL MA . 13.65 26.83 28.49
CGA BCL MA . 12.47 26.89 27.58
O1A BCL MA . 12.56 26.48 26.45
O2A BCL MA . 11.24 27.46 28.09
NB BCL MA . 20.40 25.12 28.44
C1B BCL MA . 19.50 24.25 28.91
C2B BCL MA . 19.94 22.86 29.09
C3B BCL MA . 21.35 22.95 28.66
C4B BCL MA . 21.50 24.39 28.31
CMB BCL MA . 19.12 21.73 29.59
CAB BCL MA . 22.41 21.90 28.60
OBB BCL MA . 23.50 22.17 28.16
CBB BCL MA . 22.14 20.49 29.02
NC BCL MA . 22.01 27.27 27.52
C1C BCL MA . 22.93 26.31 27.62
C2C BCL MA . 24.33 26.78 27.40
C3C BCL MA . 24.09 28.14 26.85
C4C BCL MA . 22.63 28.28 27.03
CMC BCL MA . 25.14 26.81 28.67
CAC BCL MA . 24.41 28.26 25.38
CBC BCL MA . 25.85 28.67 25.16
ND BCL MA . 19.94 28.99 27.35
C1D BCL MA . 20.75 29.93 26.84
C2D BCL MA . 20.07 31.20 26.55
C3D BCL MA . 18.73 30.89 27.02
C4D BCL MA . 18.75 29.64 27.48
CMD BCL MA . 20.50 32.50 25.98
CAD BCL MA . 17.37 31.43 27.19
OBD BCL MA . 17.00 32.60 26.87
CBD BCL MA . 16.50 30.39 27.81
CGD BCL MA . 15.98 30.88 29.12
O1D BCL MA . 16.72 31.07 30.06
O2D BCL MA . 14.59 31.13 29.36
CED BCL MA . 14.24 31.78 30.58
C1 BCL MA . 10.02 27.36 27.36
C2 BCL MA . 8.91 26.96 28.30
C3 BCL MA . 7.89 27.75 28.61
C4 BCL MA . 7.73 29.14 28.07
C5 BCL MA . 6.83 27.24 29.56
C6 BCL MA . 6.47 28.37 30.53
C7 BCL MA . 7.43 28.41 31.73
C8 BCL MA . 7.47 27.10 32.49
C9 BCL MA . 6.28 26.95 33.42
C10 BCL MA . 8.77 27.06 33.28
C11 BCL MA . 9.97 27.08 32.35
C12 BCL MA . 11.24 26.97 33.15
C13 BCL MA . 12.03 28.25 32.96
C14 BCL MA . 12.72 28.22 31.63
C15 BCL MA . 13.02 28.40 34.11
C16 BCL MA . 14.12 29.39 33.77
C17 BCL MA . 14.80 29.88 35.04
C18 BCL MA . 16.31 29.89 34.93
C19 BCL MA . 16.80 31.03 34.04
C20 BCL MA . 16.84 28.54 34.43
CA CA NA . 32.77 22.93 27.52
C1 8K6 OA . 19.26 29.29 31.64
C2 8K6 OA . 20.46 29.31 30.74
C3 8K6 OA . 21.43 30.39 31.12
C4 8K6 OA . 22.57 30.56 30.16
C5 8K6 OA . 23.89 30.73 30.84
C6 8K6 OA . 25.06 30.58 29.90
C7 8K6 OA . 26.35 30.21 30.58
C8 8K6 OA . 26.49 30.74 31.97
C9 8K6 OA . 27.91 30.94 32.41
C10 8K6 OA . 28.10 32.08 33.38
C11 8K6 OA . 29.46 32.71 33.34
C12 8K6 OA . 29.48 34.19 33.53
C13 8K6 OA . 30.66 34.90 32.91
C14 8K6 OA . 32.00 34.49 33.49
C15 8K6 OA . 32.92 33.82 32.50
C16 8K6 OA . 33.77 34.75 31.69
C17 8K6 OA . 35.03 34.14 31.15
C18 8K6 OA . 34.80 33.03 30.15
MG BCL PA . 18.52 33.61 21.63
CHA BCL PA . 16.07 31.67 23.05
CHB BCL PA . 16.26 35.84 20.66
CHC BCL PA . 21.00 35.26 20.01
CHD BCL PA . 20.81 30.99 22.08
NA BCL PA . 16.53 33.78 21.87
C1A BCL PA . 15.73 33.03 22.53
C2A BCL PA . 14.30 33.51 22.47
C3A BCL PA . 14.34 34.55 21.40
C4A BCL PA . 15.82 34.74 21.27
CMA BCL PA . 13.70 34.07 20.12
CAA BCL PA . 13.73 34.12 23.72
CBA BCL PA . 12.38 33.52 24.08
CGA BCL PA . 11.17 34.31 23.64
O1A BCL PA . 10.09 34.05 24.11
O2A BCL PA . 11.24 35.35 22.64
NB BCL PA . 18.63 35.30 20.47
C1B BCL PA . 17.62 36.11 20.20
C2B BCL PA . 17.92 37.28 19.36
C3B BCL PA . 19.38 37.13 19.14
C4B BCL PA . 19.69 35.88 19.89
CMB BCL PA . 16.91 38.28 18.93
CAB BCL PA . 20.34 37.99 18.35
OBB BCL PA . 21.52 37.77 18.38
CBB BCL PA . 19.87 39.14 17.54
NC BCL PA . 20.47 33.28 21.23
C1C BCL PA . 21.28 34.07 20.52
C2C BCL PA . 22.65 33.51 20.35
C3C BCL PA . 22.65 32.33 21.25
C4C BCL PA . 21.20 32.27 21.55
CMC BCL PA . 22.91 33.04 18.95
CAC BCL PA . 23.45 32.50 22.53
CBC BCL PA . 24.84 31.92 22.39
ND BCL PA . 18.55 31.72 22.34
C1D BCL PA . 19.47 30.78 22.52
C2D BCL PA . 18.98 29.57 23.14
C3D BCL PA . 17.58 29.96 23.38
C4D BCL PA . 17.44 31.20 22.91
CMD BCL PA . 19.68 28.32 23.47
CAD BCL PA . 16.30 29.48 23.89
OBD BCL PA . 16.09 28.35 24.43
CBD BCL PA . 15.29 30.59 23.80
CGD BCL PA . 13.94 30.10 23.38
O1D BCL PA . 13.65 29.77 22.26
O2D BCL PA . 12.95 30.00 24.43
CED BCL PA . 11.59 29.75 24.16
C1 BCL PA . 10.75 36.68 22.86
C2 BCL PA . 11.80 37.61 22.33
C3 BCL PA . 12.50 38.38 23.15
C4 BCL PA . 12.25 38.38 24.62
C5 BCL PA . 13.56 39.28 22.59
C6 BCL PA . 14.76 39.27 23.55
C7 BCL PA . 15.83 38.27 23.15
C8 BCL PA . 17.21 38.68 23.63
C9 BCL PA . 17.13 39.61 24.82
C10 BCL PA . 17.97 39.36 22.52
C11 BCL PA . 19.47 39.18 22.73
C12 BCL PA . 20.23 40.24 21.96
C13 BCL PA . 21.72 39.98 21.96
C14 BCL PA . 22.33 40.23 23.34
C15 BCL PA . 22.38 40.85 20.89
C16 BCL PA . 23.85 41.12 21.16
C17 BCL PA . 24.25 42.47 20.59
C18 BCL PA . 25.54 42.99 21.21
C19 BCL PA . 25.25 43.79 22.47
C20 BCL PA . 26.34 43.83 20.23
C1M CRT QA . -10.89 34.18 32.92
O1 CRT QA . -9.82 34.78 33.65
C1 CRT QA . -10.01 35.04 35.05
C2 CRT QA . -11.20 35.98 35.20
C3 CRT QA . -10.26 33.72 35.74
C4 CRT QA . -8.74 35.71 35.60
C5 CRT QA . -7.49 34.89 35.55
C6 CRT QA . -6.48 35.08 34.70
C7 CRT QA . -5.23 34.45 34.72
C8 CRT QA . -4.88 33.60 35.88
C9 CRT QA . -4.29 34.57 33.67
C10 CRT QA . -3.01 34.06 33.58
C11 CRT QA . -2.20 34.21 32.47
C12 CRT QA . -0.85 33.85 32.27
C13 CRT QA . -0.12 33.18 33.37
C14 CRT QA . -0.18 34.11 31.06
C15 CRT QA . 1.14 33.93 30.71
C16 CRT QA . 1.62 34.28 29.46
C17 CRT QA . 2.91 34.23 28.93
C18 CRT QA . 4.03 33.73 29.78
C19 CRT QA . 3.19 34.65 27.62
C20 CRT QA . 4.37 34.66 26.91
C21 CRT QA . 4.55 34.99 25.58
C22 CRT QA . 5.64 35.04 24.74
C23 CRT QA . 5.67 35.25 23.36
C24 CRT QA . 4.39 35.53 22.67
C25 CRT QA . 6.84 35.21 22.58
C26 CRT QA . 6.96 35.15 21.20
C27 CRT QA . 8.15 35.05 20.50
C28 CRT QA . 8.34 34.74 19.14
C29 CRT QA . 7.14 34.58 18.28
C30 CRT QA . 9.60 34.54 18.58
C31 CRT QA . 9.94 34.03 17.34
C32 CRT QA . 11.22 33.83 16.88
C33 CRT QA . 11.66 33.19 15.70
C34 CRT QA . 10.63 32.65 14.78
C35 CRT QA . 13.01 33.04 15.36
C36 CRT QA . 13.46 32.30 14.36
C37 CRT QA . 14.90 32.15 13.97
C38 CRT QA . 15.58 30.85 14.41
C39 CRT QA . 16.93 30.69 13.74
C40 CRT QA . 15.71 30.83 15.93
O2 CRT QA . 14.72 29.75 14.06
C2M CRT QA . 14.99 28.48 14.59
MG BCL RA . 16.88 37.93 14.32
CHA BCL RA . 13.99 39.51 13.47
CHB BCL RA . 15.22 35.92 16.39
CHC BCL RA . 19.72 36.20 14.73
CHD BCL RA . 18.59 39.81 11.88
NA BCL RA . 14.99 37.79 14.95
C1A BCL RA . 13.97 38.46 14.53
C2A BCL RA . 12.71 38.06 15.24
C3A BCL RA . 13.19 37.20 16.37
C4A BCL RA . 14.57 36.95 15.91
CMA BCL RA . 13.15 37.92 17.70
CAA BCL RA . 11.78 37.25 14.37
CBA BCL RA . 10.39 37.81 14.54
CGA BCL RA . 9.34 36.77 14.32
O1A BCL RA . 9.57 35.78 13.65
O2A BCL RA . 8.03 36.95 14.90
NB BCL RA . 17.41 36.28 15.39
C1B BCL RA . 16.63 35.58 16.20
C2B BCL RA . 17.24 34.42 16.87
C3B BCL RA . 18.62 34.49 16.37
C4B BCL RA . 18.60 35.68 15.49
CMB BCL RA . 16.55 33.50 17.81
CAB BCL RA . 19.79 33.61 16.66
OBB BCL RA . 20.83 33.80 16.09
CBB BCL RA . 19.71 32.47 17.63
NC BCL RA . 18.76 38.07 13.63
C1C BCL RA . 19.79 37.32 14.05
C2C BCL RA . 21.12 37.79 13.58
C3C BCL RA . 20.72 38.79 12.55
C4C BCL RA . 19.25 38.85 12.74
CMC BCL RA . 21.93 38.44 14.68
CAC BCL RA . 20.97 38.34 11.13
CBC BCL RA . 22.33 38.80 10.64
ND BCL RA . 16.50 39.35 12.90
C1D BCL RA . 17.18 40.07 12.03
C2D BCL RA . 16.36 41.03 11.27
C3D BCL RA . 15.06 40.78 11.90
C4D BCL RA . 15.24 39.83 12.81
CMD BCL RA . 16.61 42.03 10.20
CAD BCL RA . 13.64 41.18 11.89
OBD BCL RA . 13.12 42.06 11.14
CBD BCL RA . 12.92 40.38 12.91
CGD BCL RA . 12.36 41.30 13.94
O1D BCL RA . 13.09 41.92 14.67
O2D BCL RA . 10.96 41.50 14.13
CED BCL RA . 10.56 42.47 15.09
C1 BCL RA . 6.87 36.97 14.08
C2 BCL RA . 5.64 36.65 14.89
C3 BCL RA . 4.57 37.45 14.84
C4 BCL RA . 4.55 38.67 14.00
C5 BCL RA . 3.34 37.14 15.64
C6 BCL RA . 2.39 38.33 15.58
C7 BCL RA . 2.30 38.98 16.96
C8 BCL RA . 1.73 40.37 16.86
C9 BCL RA . 2.85 41.40 16.84
C10 BCL RA . 0.76 40.61 18.01
C11 BCL RA . -0.68 40.38 17.58
C12 BCL RA . -1.26 39.17 18.28
C13 BCL RA . -2.52 38.70 17.59
C14 BCL RA . -3.67 39.60 17.95
C15 BCL RA . -2.84 37.27 18.02
CA CA SA . 29.90 35.41 14.71
MG BCL TA . 14.48 41.17 5.90
CHA BCL TA . 12.30 39.73 8.14
CHB BCL TA . 11.97 42.50 4.21
CHC BCL TA . 16.76 42.36 3.70
CHD BCL TA . 17.06 39.16 7.19
NA BCL TA . 12.49 41.22 6.17
C1A BCL TA . 11.78 40.73 7.14
C2A BCL TA . 10.30 40.95 6.94
C3A BCL TA . 10.23 41.53 5.55
C4A BCL TA . 11.67 41.76 5.27
CMA BCL TA . 9.62 40.55 4.57
CAA BCL TA . 9.55 41.89 7.89
CBA BCL TA . 8.18 41.29 8.16
CGA BCL TA . 7.00 42.14 7.74
O1A BCL TA . 6.20 42.49 8.56
O2A BCL TA . 6.76 42.51 6.35
NB BCL TA . 14.39 42.26 4.17
C1B BCL TA . 13.29 42.75 3.63
C2B BCL TA . 13.44 43.54 2.39
C3B BCL TA . 14.91 43.52 2.20
C4B BCL TA . 15.37 42.71 3.38
CMB BCL TA . 12.33 44.16 1.61
CAB BCL TA . 15.76 44.12 1.12
OBB BCL TA . 16.96 44.13 1.20
CBB BCL TA . 15.18 44.75 -0.11
NC BCL TA . 16.46 40.92 5.57
C1C BCL TA . 17.17 41.46 4.59
C2C BCL TA . 18.60 41.02 4.58
C3C BCL TA . 18.74 40.31 5.87
C4C BCL TA . 17.30 40.19 6.22
CMC BCL TA . 18.92 40.05 3.47
CAC BCL TA . 19.51 41.05 6.94
CBC BCL TA . 20.96 40.65 6.94
ND BCL TA . 14.74 39.72 7.29
C1D BCL TA . 15.76 39.03 7.77
C2D BCL TA . 15.43 38.12 8.85
C3D BCL TA . 14.01 38.43 9.00
C4D BCL TA . 13.69 39.36 8.09
CMD BCL TA . 16.28 37.17 9.58
CAD BCL TA . 12.79 38.07 9.74
OBD BCL TA . 12.72 37.24 10.70
CBD BCL TA . 11.67 38.96 9.30
CGD BCL TA . 10.37 38.22 9.15
O1D BCL TA . 10.21 37.28 8.42
O2D BCL TA . 9.27 38.66 9.97
CED BCL TA . 8.25 37.78 10.40
C1 BCL TA . 6.34 43.82 5.97
C2 BCL TA . 7.48 44.44 5.24
C3 BCL TA . 8.14 45.49 5.72
C4 BCL TA . 7.75 46.14 7.02
C5 BCL TA . 9.30 46.05 4.96
C6 BCL TA . 10.56 45.76 5.78
C7 BCL TA . 11.79 46.04 4.97
C8 BCL TA . 12.81 46.73 5.85
C9 BCL TA . 12.42 48.18 6.06
C10 BCL TA . 14.19 46.62 5.22
C11 BCL TA . 14.27 47.02 3.77
C12 BCL TA . 15.38 48.04 3.55
C13 BCL TA . 16.78 47.48 3.56
C14 BCL TA . 17.57 48.11 4.71
C15 BCL TA . 17.41 47.74 2.20
C16 BCL TA . 18.81 48.35 2.26
C17 BCL TA . 18.89 49.63 1.45
C18 BCL TA . 20.07 50.48 1.91
C19 BCL TA . 19.58 51.65 2.76
C20 BCL TA . 20.88 50.99 0.73
C1 8K6 UA . 30.96 45.79 13.36
C2 8K6 UA . 30.28 47.14 13.36
C3 8K6 UA . 29.87 47.62 14.73
C4 8K6 UA . 28.50 47.16 15.15
C5 8K6 UA . 27.43 48.22 15.05
C6 8K6 UA . 26.38 48.15 16.13
C7 8K6 UA . 25.06 47.61 15.67
C8 8K6 UA . 24.53 46.48 16.51
C9 8K6 UA . 24.68 45.12 15.87
C10 8K6 UA . 24.16 43.98 16.69
C11 8K6 UA . 22.79 43.52 16.31
C12 8K6 UA . 22.76 42.55 15.16
C13 8K6 UA . 21.47 42.52 14.41
C14 8K6 UA . 20.25 42.80 15.24
C15 8K6 UA . 18.97 42.36 14.60
C16 8K6 UA . 18.15 41.43 15.44
C17 8K6 UA . 16.88 42.05 15.96
C18 8K6 UA . 16.05 41.06 16.73
C1 8K6 VA . 25.05 50.84 -7.62
C2 8K6 VA . 24.35 51.41 -6.42
C3 8K6 VA . 23.34 52.49 -6.73
C4 8K6 VA . 22.27 52.65 -5.69
C5 8K6 VA . 20.87 52.75 -6.24
C6 8K6 VA . 19.78 52.76 -5.19
C7 8K6 VA . 19.95 51.74 -4.11
C8 8K6 VA . 19.06 50.53 -4.26
C9 8K6 VA . 18.37 50.10 -2.98
C10 8K6 VA . 18.20 48.62 -2.83
C11 8K6 VA . 17.97 47.89 -4.12
C12 8K6 VA . 16.88 46.86 -4.04
C13 8K6 VA . 15.57 47.41 -3.56
C14 8K6 VA . 14.38 46.66 -4.04
C15 8K6 VA . 13.16 46.85 -3.18
C16 8K6 VA . 12.56 45.56 -2.70
C17 8K6 VA . 11.57 45.73 -1.60
C18 8K6 VA . 10.55 46.80 -1.88
C1M CRT WA . -14.74 42.93 17.59
O1 CRT WA . -13.74 43.87 17.99
C1 CRT WA . -13.96 44.61 19.19
C2 CRT WA . -15.25 45.41 19.03
C3 CRT WA . -14.06 43.62 20.35
C4 CRT WA . -12.77 45.57 19.42
C5 CRT WA . -11.44 44.93 19.60
C6 CRT WA . -10.44 44.95 18.72
C7 CRT WA . -9.13 44.49 18.90
C8 CRT WA . -8.71 44.10 20.27
C9 CRT WA . -8.20 44.36 17.85
C10 CRT WA . -6.89 43.96 17.89
C11 CRT WA . -6.09 43.81 16.77
C12 CRT WA . -4.72 43.50 16.66
C13 CRT WA . -3.94 43.28 17.89
C14 CRT WA . -4.08 43.40 15.41
C15 CRT WA . -2.76 43.17 15.10
C16 CRT WA . -2.33 43.12 13.78
C17 CRT WA . -1.05 42.91 13.24
C18 CRT WA . 0.09 42.74 14.16
C19 CRT WA . -0.84 42.86 11.85
C20 CRT WA . 0.33 42.63 11.14
C21 CRT WA . 0.45 42.45 9.77
C22 CRT WA . 1.52 42.22 8.93
C23 CRT WA . 1.50 41.90 7.56
C24 CRT WA . 0.19 41.80 6.89
C25 CRT WA . 2.66 41.66 6.80
C26 CRT WA . 2.77 41.12 5.54
C27 CRT WA . 3.94 40.86 4.87
C28 CRT WA . 4.16 40.08 3.72
C29 CRT WA . 3.00 39.51 3.01
C30 CRT WA . 5.45 39.81 3.23
C31 CRT WA . 5.86 38.92 2.26
C32 CRT WA . 7.19 38.70 1.94
C33 CRT WA . 7.75 37.78 1.05
C34 CRT WA . 6.85 36.87 0.30
C35 CRT WA . 9.13 37.69 0.83
C36 CRT WA . 9.77 36.79 0.08
C37 CRT WA . 11.25 36.77 -0.16
C38 CRT WA . 11.98 35.51 0.30
C39 CRT WA . 13.47 35.61 0.00
C40 CRT WA . 11.73 35.25 1.79
O2 CRT WA . 11.45 34.40 -0.44
C2M CRT WA . 11.98 33.12 -0.14
MG BCL XA . 12.28 42.08 -2.32
CHA BCL XA . 9.19 42.86 -3.55
CHB BCL XA . 10.85 40.75 0.40
CHC BCL XA . 15.31 41.02 -1.39
CHD BCL XA . 13.70 43.01 -5.38
NA BCL XA . 10.42 41.99 -1.59
C1A BCL XA . 9.32 42.32 -2.17
C2A BCL XA . 8.12 42.07 -1.29
C3A BCL XA . 8.74 41.86 0.06
C4A BCL XA . 10.11 41.53 -0.37
CMA BCL XA . 8.66 43.11 0.92
CAA BCL XA . 7.36 40.84 -1.71
CBA BCL XA . 5.94 41.25 -2.01
CGA BCL XA . 4.98 40.16 -1.64
O1A BCL XA . 5.25 39.01 -1.83
O2A BCL XA . 3.70 40.52 -1.08
NB BCL XA . 13.00 41.01 -0.72
C1B BCL XA . 12.30 40.54 0.31
C2B BCL XA . 13.05 39.79 1.34
C3B BCL XA . 14.41 39.86 0.80
C4B BCL XA . 14.25 40.65 -0.46
CMB BCL XA . 12.49 39.16 2.58
CAB BCL XA . 15.70 39.31 1.35
OBB BCL XA . 16.72 39.46 0.72
CBB BCL XA . 15.76 38.55 2.63
NC BCL XA . 14.12 42.13 -3.10
C1C BCL XA . 15.22 41.75 -2.48
C2C BCL XA . 16.49 42.12 -3.19
C3C BCL XA . 15.96 42.58 -4.50
C4C BCL XA . 14.50 42.55 -4.26
CMC BCL XA . 17.26 43.22 -2.50
CAC BCL XA . 16.27 41.65 -5.64
CBC BCL XA . 17.46 42.12 -6.43
ND BCL XA . 11.70 42.75 -4.14
C1D BCL XA . 12.28 43.15 -5.27
C2D BCL XA . 11.34 43.65 -6.30
C3D BCL XA . 10.08 43.51 -5.55
C4D BCL XA . 10.38 43.03 -4.35
CMD BCL XA . 11.46 44.16 -7.69
CAD BCL XA . 8.64 43.72 -5.65
OBD BCL XA . 8.01 44.17 -6.65
CBD BCL XA . 8.01 43.32 -4.35
CGD BCL XA . 7.34 44.51 -3.78
O1D BCL XA . 7.98 45.46 -3.42
O2D BCL XA . 5.92 44.62 -3.59
CED BCL XA . 5.42 45.86 -3.09
C1 BCL XA . 2.49 40.02 -1.67
C2 BCL XA . 1.39 40.00 -0.64
C3 BCL XA . 0.19 40.54 -0.88
C4 BCL XA . -0.15 41.21 -2.17
C5 BCL XA . -0.87 40.49 0.18
C6 BCL XA . -1.61 41.82 0.18
C7 BCL XA . -0.91 42.90 0.99
C8 BCL XA . -0.39 42.41 2.35
C9 BCL XA . -1.52 42.35 3.38
C10 BCL XA . 0.71 43.34 2.81
C11 BCL XA . 1.93 43.18 1.92
C12 BCL XA . 3.11 43.94 2.49
C13 BCL XA . 3.90 44.55 1.36
C14 BCL XA . 4.70 43.47 0.66
C15 BCL XA . 4.82 45.61 1.90
C16 BCL XA . 5.36 46.44 0.74
C17 BCL XA . 6.22 47.58 1.24
C18 BCL XA . 7.56 47.57 0.54
C19 BCL XA . 8.68 47.18 1.51
C20 BCL XA . 7.85 48.91 -0.11
CA CA YA . 25.52 41.29 -1.72
MG BCL ZA . 9.36 41.58 -11.25
CHA BCL ZA . 7.39 40.83 -8.52
CHB BCL ZA . 6.67 41.93 -13.16
CHC BCL ZA . 11.43 41.99 -13.88
CHD BCL ZA . 12.18 40.49 -9.44
NA BCL ZA . 7.37 41.49 -10.91
C1A BCL ZA . 6.75 41.31 -9.79
C2A BCL ZA . 5.25 41.27 -9.97
C3A BCL ZA . 5.10 41.24 -11.46
C4A BCL ZA . 6.47 41.57 -11.90
CMA BCL ZA . 4.64 39.89 -11.96
CAA BCL ZA . 4.41 42.42 -9.43
CBA BCL ZA . 3.10 41.85 -8.89
CGA BCL ZA . 1.85 42.33 -9.58
O1A BCL ZA . 1.00 42.89 -8.93
O2A BCL ZA . 1.62 42.10 -10.99
NB BCL ZA . 9.11 41.89 -13.26
C1B BCL ZA . 7.94 42.04 -13.89
C2B BCL ZA . 8.00 42.28 -15.35
C3B BCL ZA . 9.47 42.30 -15.58
C4B BCL ZA . 10.02 42.06 -14.22
CMB BCL ZA . 6.81 42.44 -16.24
CAB BCL ZA . 10.26 42.48 -16.85
OBB BCL ZA . 11.44 42.68 -16.84
CBB BCL ZA . 9.61 42.43 -18.20
NC BCL ZA . 11.34 41.42 -11.57
C1C BCL ZA . 11.97 41.60 -12.74
C2C BCL ZA . 13.43 41.35 -12.67
C3C BCL ZA . 13.68 41.15 -11.23
C4C BCL ZA . 12.28 41.07 -10.76
CMC BCL ZA . 13.81 40.10 -13.42
CAC BCL ZA . 14.41 42.29 -10.54
CBC BCL ZA . 15.91 42.04 -10.49
ND BCL ZA . 9.81 40.79 -9.44
C1D BCL ZA . 10.91 40.45 -8.80
C2D BCL ZA . 10.70 39.97 -7.44
C3D BCL ZA . 9.26 40.15 -7.34
C4D BCL ZA . 8.82 40.64 -8.50
CMD BCL ZA . 11.66 39.46 -6.43
CAD BCL ZA . 8.10 39.96 -6.45
OBD BCL ZA . 8.16 39.53 -5.25
CBD BCL ZA . 6.86 40.46 -7.12
CGD BCL ZA . 5.68 39.56 -6.92
O1D BCL ZA . 5.70 38.39 -7.16
O2D BCL ZA . 4.49 40.15 -6.38
CED BCL ZA . 3.82 39.59 -5.27
C1 BCL ZA . 0.95 43.04 -11.84
C2 BCL ZA . 1.93 43.48 -12.88
C3 BCL ZA . 2.42 44.71 -12.88
C4 BCL ZA . 2.01 45.71 -11.84
C5 BCL ZA . 3.41 45.12 -13.92
C6 BCL ZA . 4.44 46.03 -13.27
C7 BCL ZA . 5.73 45.30 -12.96
C8 BCL ZA . 6.96 46.14 -13.26
C9 BCL ZA . 6.66 47.63 -13.19
C10 BCL ZA . 7.46 45.85 -14.65
C11 BCL ZA . 8.96 46.06 -14.66
C12 BCL ZA . 9.38 46.60 -16.00
C13 BCL ZA . 10.90 46.58 -16.10
C14 BCL ZA . 11.49 47.76 -15.35
C15 BCL ZA . 11.25 46.58 -17.58
C16 BCL ZA . 12.70 46.90 -17.81
C17 BCL ZA . 12.84 47.94 -18.92
C18 BCL ZA . 14.04 48.81 -18.66
C19 BCL ZA . 14.33 49.74 -19.83
C20 BCL ZA . 15.26 47.95 -18.32
C1M CRT AB . -19.70 44.56 0.37
O1 CRT AB . -18.84 45.69 0.32
C1 CRT AB . -19.11 46.81 1.18
C2 CRT AB . -20.50 47.33 0.82
C3 CRT AB . -19.06 46.32 2.62
C4 CRT AB . -18.07 47.90 0.93
C5 CRT AB . -16.65 47.54 1.27
C6 CRT AB . -15.68 47.32 0.39
C7 CRT AB . -14.32 47.11 0.67
C8 CRT AB . -13.84 47.34 2.06
C9 CRT AB . -13.40 46.68 -0.29
C10 CRT AB . -12.03 46.46 -0.18
C11 CRT AB . -11.25 45.97 -1.20
C12 CRT AB . -9.85 45.76 -1.25
C13 CRT AB . -9.04 46.09 -0.05
C14 CRT AB . -9.22 45.27 -2.40
C15 CRT AB . -7.88 45.07 -2.66
C16 CRT AB . -7.44 44.57 -3.89
C17 CRT AB . -6.15 44.31 -4.36
C18 CRT AB . -4.99 44.63 -3.49
C19 CRT AB . -5.93 43.72 -5.61
C20 CRT AB . -4.74 43.37 -6.23
C21 CRT AB . -4.61 42.68 -7.43
C22 CRT AB . -3.52 42.27 -8.17
C23 CRT AB . -3.50 41.45 -9.31
C24 CRT AB . -4.79 40.95 -9.83
C25 CRT AB . -2.33 41.07 -9.98
C26 CRT AB . -2.15 40.08 -10.94
C27 CRT AB . -0.95 39.73 -11.53
C28 CRT AB . -0.66 38.59 -12.30
C29 CRT AB . -1.75 37.65 -12.63
C30 CRT AB . 0.64 38.30 -12.74
C31 CRT AB . 1.14 37.12 -13.26
C32 CRT AB . 2.44 36.90 -13.64
C33 CRT AB . 3.05 35.70 -14.05
C34 CRT AB . 2.24 34.47 -14.12
C35 CRT AB . 4.42 35.62 -14.40
C36 CRT AB . 5.08 34.49 -14.62
C37 CRT AB . 6.53 34.38 -15.01
C38 CRT AB . 7.49 34.03 -13.87
C39 CRT AB . 8.87 33.71 -14.43
C40 CRT AB . 7.55 35.18 -12.87
O2 CRT AB . 6.98 32.87 -13.17
C2M CRT AB . 7.56 32.53 -11.93
MG BCL BB . 7.08 38.84 -19.18
CHA BCL BB . 3.95 38.81 -20.47
CHB BCL BB . 5.88 38.72 -16.07
CHC BCL BB . 10.23 38.43 -18.08
CHD BCL BB . 8.41 38.76 -22.45
NA BCL BB . 5.25 38.85 -18.37
C1A BCL BB . 4.12 38.82 -19.00
C2A BCL BB . 2.96 38.78 -18.06
C3A BCL BB . 3.58 39.07 -16.72
C4A BCL BB . 5.01 38.88 -17.06
CMA BCL BB . 3.33 40.48 -16.22
CAA BCL BB . 2.27 37.43 -18.05
CBA BCL BB . 1.02 37.64 -17.22
CGA BCL BB . 0.04 36.52 -17.28
O1A BCL BB . 0.41 35.37 -17.23
O2A BCL BB . -1.36 36.89 -17.39
NB BCL BB . 7.95 38.59 -17.34
C1B BCL BB . 7.32 38.58 -16.17
C2B BCL BB . 8.17 38.39 -14.97
C3B BCL BB . 9.50 38.30 -15.58
C4B BCL BB . 9.24 38.46 -17.02
CMB BCL BB . 7.70 38.35 -13.55
CAB BCL BB . 10.85 38.11 -14.94
OBB BCL BB . 11.83 38.06 -15.62
CBB BCL BB . 10.98 37.93 -13.45
NC BCL BB . 8.92 38.80 -20.01
C1C BCL BB . 10.06 38.77 -19.34
C2C BCL BB . 11.27 39.04 -20.17
C3C BCL BB . 10.69 38.92 -21.54
C4C BCL BB . 9.24 38.82 -21.25
CMC BCL BB . 11.85 40.42 -19.92
CAC BCL BB . 11.12 37.68 -22.29
CBC BCL BB . 12.38 37.92 -23.08
ND BCL BB . 6.45 38.76 -21.10
C1D BCL BB . 6.98 38.77 -22.32
C2D BCL BB . 5.99 38.77 -23.41
C3D BCL BB . 4.76 38.78 -22.61
C4D BCL BB . 5.11 38.79 -21.33
CMD BCL BB . 6.05 38.75 -24.88
CAD BCL BB . 3.29 38.78 -22.70
OBD BCL BB . 2.62 38.78 -23.78
CBD BCL BB . 2.72 38.81 -21.33
CGD BCL BB . 1.92 40.06 -21.16
O1D BCL BB . 2.46 41.14 -21.16
O2D BCL BB . 0.50 40.06 -20.98
CED BCL BB . -0.14 41.33 -20.90
C1 BCL BB . -2.39 35.94 -17.16
C2 BCL BB . -3.37 36.49 -16.14
C3 BCL BB . -4.62 36.86 -16.45
C4 BCL BB . -5.17 36.77 -17.83
C5 BCL BB . -5.51 37.39 -15.37
C6 BCL BB . -6.35 38.53 -15.93
C7 BCL BB . -5.64 39.88 -15.77
C8 BCL BB . -5.32 40.19 -14.32
C9 BCL BB . -6.52 40.77 -13.60
C10 BCL BB . -4.16 41.19 -14.29
C11 BCL BB . -2.93 40.59 -14.94
C12 BCL BB . -1.79 41.59 -14.90
C13 BCL BB . -1.42 41.94 -16.32
C14 BCL BB . -0.66 40.79 -16.92
C15 BCL BB . -0.61 43.22 -16.32
C16 BCL BB . 0.22 43.38 -17.58
C17 BCL BB . 0.42 44.84 -17.90
C18 BCL BB . 1.85 45.17 -18.29
C19 BCL BB . 2.13 44.84 -19.75
C20 BCL BB . 2.85 44.46 -17.38
CA CA CB . 20.33 39.78 -19.00
C1M CRT DB . -24.45 38.62 -16.22
O1 CRT DB . -23.92 39.88 -16.63
C1 CRT DB . -24.42 41.06 -16.00
C2 CRT DB . -25.92 41.12 -16.24
C3 CRT DB . -24.09 40.97 -14.52
C4 CRT DB . -23.75 42.30 -16.62
C5 CRT DB . -22.27 42.42 -16.44
C6 CRT DB . -21.33 41.59 -16.92
C7 CRT DB . -19.94 41.79 -16.81
C8 CRT DB . -19.45 42.94 -16.03
C9 CRT DB . -19.00 40.93 -17.41
C10 CRT DB . -17.62 41.05 -17.44
C11 CRT DB . -16.78 40.18 -18.11
C12 CRT DB . -15.38 40.23 -18.28
C13 CRT DB . -14.61 41.30 -17.59
C14 CRT DB . -14.68 39.31 -19.09
C15 CRT DB . -13.35 39.26 -19.44
C16 CRT DB . -12.84 38.31 -20.31
C17 CRT DB . -11.55 38.10 -20.80
C18 CRT DB . -10.45 38.99 -20.33
C19 CRT DB . -11.25 37.08 -21.70
C20 CRT DB . -10.05 36.71 -22.28
C21 CRT DB . -9.82 35.61 -23.11
C22 CRT DB . -8.69 35.10 -23.73
C23 CRT DB . -8.58 33.89 -24.44
C24 CRT DB . -9.79 33.05 -24.60
C25 CRT DB . -7.37 33.43 -24.99
C26 CRT DB . -7.08 32.17 -25.50
C27 CRT DB . -5.86 31.74 -25.98
C28 CRT DB . -5.44 30.42 -26.27
C29 CRT DB . -6.43 29.32 -26.12
C30 CRT DB . -4.14 30.11 -26.65
C31 CRT DB . -3.51 28.88 -26.70
C32 CRT DB . -2.19 28.64 -27.04
C33 CRT DB . -1.46 27.45 -26.94
C34 CRT DB . -2.14 26.23 -26.44
C35 CRT DB . -0.11 27.35 -27.32
C36 CRT DB . 0.69 26.33 -27.01
C37 CRT DB . 2.13 26.18 -27.42
C38 CRT DB . 3.16 26.46 -26.32
C39 CRT DB . 4.55 26.06 -26.79
C40 CRT DB . 3.11 27.92 -25.91
O2 CRT DB . 2.82 25.68 -25.15
C2M CRT DB . 3.50 25.96 -23.94
C1 8K6 EB . 19.04 45.99 -27.30
C2 8K6 EB . 18.07 46.72 -28.21
C3 8K6 EB . 17.43 47.92 -27.58
C4 8K6 EB . 16.14 47.63 -26.86
C5 8K6 EB . 14.96 48.44 -27.33
C6 8K6 EB . 13.94 48.74 -26.27
C7 8K6 EB . 12.95 47.63 -26.05
C8 8K6 EB . 12.25 47.69 -24.71
C9 8K6 EB . 12.92 46.92 -23.61
C10 8K6 EB . 12.64 45.44 -23.62
C11 8K6 EB . 11.64 44.99 -22.60
C12 8K6 EB . 11.46 43.50 -22.54
C13 8K6 EB . 10.13 43.03 -23.05
C14 8K6 EB . 8.96 43.43 -22.22
C15 8K6 EB . 7.91 42.37 -22.08
C16 8K6 EB . 7.28 42.30 -20.72
C17 8K6 EB . 5.86 42.76 -20.70
C18 8K6 EB . 5.18 42.47 -19.40
MG BCL FB . 4.20 34.59 -26.95
CHA BCL FB . 2.37 34.77 -24.04
CHB BCL FB . 1.45 34.06 -28.69
CHC BCL FB . 6.19 34.00 -29.63
CHD BCL FB . 7.15 34.62 -25.04
NA BCL FB . 2.26 34.44 -26.48
C1A BCL FB . 1.67 34.65 -25.35
C2A BCL FB . 0.18 34.43 -25.43
C3A BCL FB . 0.02 33.73 -26.75
C4A BCL FB . 1.33 34.07 -27.36
CMA BCL FB . -0.21 32.25 -26.58
CAA BCL FB . -0.66 35.69 -25.46
CBA BCL FB . -1.81 35.66 -24.47
CGA BCL FB . -3.09 35.04 -24.97
O1A BCL FB . -3.51 34.03 -24.45
O2A BCL FB . -3.84 35.68 -26.05
NB BCL FB . 3.88 34.07 -28.89
C1B BCL FB . 2.68 33.92 -29.47
C2B BCL FB . 2.66 33.56 -30.90
C3B BCL FB . 4.11 33.54 -31.22
C4B BCL FB . 4.75 33.88 -29.90
CMB BCL FB . 1.42 33.33 -31.69
CAB BCL FB . 4.82 33.24 -32.51
OBB BCL FB . 6.00 33.42 -32.65
CBB BCL FB . 4.07 32.73 -33.71
NC BCL FB . 6.19 34.52 -27.30
C1C BCL FB . 6.77 34.26 -28.47
C2C BCL FB . 8.26 34.30 -28.39
C3C BCL FB . 8.53 34.74 -27.01
C4C BCL FB . 7.16 34.65 -26.47
CMC BCL FB . 8.87 32.94 -28.58
CAC BCL FB . 9.10 36.14 -26.87
CBC BCL FB . 10.60 36.13 -26.77
ND BCL FB . 4.77 34.63 -25.00
C1D BCL FB . 5.91 34.69 -24.34
C2D BCL FB . 5.78 34.77 -22.90
C3D BCL FB . 4.31 34.82 -22.78
C4D BCL FB . 3.82 34.76 -24.02
CMD BCL FB . 6.81 34.80 -21.84
CAD BCL FB . 3.20 34.86 -21.83
OBD BCL FB . 3.30 34.96 -20.57
CBD BCL FB . 1.91 34.94 -22.60
CGD BCL FB . 0.82 34.08 -22.00
O1D BCL FB . 0.94 32.91 -21.79
O2D BCL FB . -0.42 34.72 -21.67
CED BCL FB . -1.07 34.46 -20.43
C1 BCL FB . -4.26 34.99 -27.23
C2 BCL FB . -3.14 35.02 -28.25
C3 BCL FB . -2.87 36.06 -29.04
C4 BCL FB . -3.67 37.32 -29.02
C5 BCL FB . -1.72 35.94 -29.99
C6 BCL FB . -0.61 36.95 -29.69
C7 BCL FB . 0.27 36.97 -30.92
C8 BCL FB . 1.50 37.83 -30.83
C9 BCL FB . 1.18 39.21 -31.37
C10 BCL FB . 2.59 37.11 -31.61
C11 BCL FB . 3.49 38.04 -32.42
C12 BCL FB . 4.77 37.32 -32.79
C13 BCL FB . 5.06 37.47 -34.29
C14 BCL FB . 4.76 36.18 -35.04
C15 BCL FB . 6.51 37.91 -34.49
C16 BCL FB . 7.01 37.58 -35.88
C17 BCL FB . 6.87 38.76 -36.84
C18 BCL FB . 8.18 39.01 -37.57
C19 BCL FB . 8.18 40.41 -38.19
C20 BCL FB . 8.45 37.96 -38.63
MG BCL GB . 2.20 28.82 -33.02
CHA BCL GB . -0.93 27.91 -33.97
CHB BCL GB . 1.07 29.88 -30.06
CHC BCL GB . 5.39 29.18 -32.06
CHD BCL GB . 3.48 27.52 -36.04
NA BCL GB . 0.40 28.98 -32.18
C1A BCL GB . -0.71 28.56 -32.64
C2A BCL GB . -1.85 28.78 -31.68
C3A BCL GB . -1.26 29.72 -30.68
C4A BCL GB . 0.17 29.55 -30.99
CMA BCL GB . -1.72 31.15 -30.89
CAA BCL GB . -2.24 27.50 -30.99
CBA BCL GB . -3.71 27.24 -31.26
CGA BCL GB . -4.38 26.64 -30.06
O1A BCL GB . -3.82 25.80 -29.40
O2A BCL GB . -5.70 27.06 -29.71
NB BCL GB . 3.12 29.42 -31.31
C1B BCL GB . 2.52 29.84 -30.19
C2B BCL GB . 3.41 30.24 -29.07
C3B BCL GB . 4.73 30.02 -29.67
C4B BCL GB . 4.42 29.55 -31.03
CMB BCL GB . 2.98 30.74 -27.73
CAB BCL GB . 6.10 30.23 -29.09
OBB BCL GB . 7.06 29.86 -29.71
CBB BCL GB . 6.27 30.85 -27.74
NC BCL GB . 4.01 28.63 -33.89
C1C BCL GB . 5.18 28.97 -33.33
C2C BCL GB . 6.32 29.00 -34.28
C3C BCL GB . 5.73 28.32 -35.47
C4C BCL GB . 4.31 28.17 -35.05
CMC BCL GB . 6.80 30.39 -34.62
CAC BCL GB . 6.30 26.94 -35.72
CBC BCL GB . 7.50 26.99 -36.63
ND BCL GB . 1.56 27.87 -34.69
C1D BCL GB . 2.06 27.44 -35.84
C2D BCL GB . 1.05 26.86 -36.76
C3D BCL GB . -0.14 27.08 -35.96
C4D BCL GB . 0.22 27.67 -34.82
CMD BCL GB . 1.10 26.23 -38.10
CAD BCL GB . -1.60 26.89 -35.94
OBD BCL GB . -2.29 26.37 -36.87
CBD BCL GB . -2.15 27.43 -34.67
CGD BCL GB . -3.12 28.50 -35.00
O1D BCL GB . -2.77 29.50 -35.55
O2D BCL GB . -4.51 28.42 -34.67
CED BCL GB . -5.35 29.48 -35.15
C1 BCL GB . -6.77 26.12 -29.67
C2 BCL GB . -7.87 26.66 -28.79
C3 BCL GB . -9.16 26.64 -29.15
C4 BCL GB . -9.63 26.08 -30.45
C5 BCL GB . -10.17 27.20 -28.20
C6 BCL GB . -11.23 27.95 -29.02
C7 BCL GB . -10.82 29.38 -29.37
C8 BCL GB . -10.30 30.17 -28.19
C9 BCL GB . -11.43 30.71 -27.33
C10 BCL GB . -9.44 31.31 -28.73
C11 BCL GB . -8.17 30.76 -29.34
C12 BCL GB . -7.20 31.88 -29.70
C13 BCL GB . -6.59 31.56 -31.04
C14 BCL GB . -5.67 30.36 -30.92
C15 BCL GB . -5.81 32.77 -31.53
C16 BCL GB . -5.78 32.76 -33.06
C17 BCL GB . -5.08 34.00 -33.58
C18 BCL GB . -3.68 33.66 -34.07
C19 BCL GB . -2.63 34.51 -33.37
C20 BCL GB . -3.59 33.82 -35.58
CA CA HB . 15.26 31.20 -34.03
C1 8K6 IB . 13.18 33.21 -44.13
C2 8K6 IB . 12.11 33.75 -45.05
C3 8K6 IB . 11.43 34.98 -44.53
C4 8K6 IB . 10.00 35.14 -44.97
C5 8K6 IB . 9.00 35.13 -43.84
C6 8K6 IB . 7.57 35.33 -44.28
C7 8K6 IB . 6.56 35.06 -43.20
C8 8K6 IB . 6.96 35.54 -41.84
C9 8K6 IB . 6.21 34.90 -40.70
C10 8K6 IB . 7.10 34.40 -39.59
C11 8K6 IB . 6.74 33.03 -39.09
C12 8K6 IB . 5.41 32.97 -38.41
C13 8K6 IB . 4.94 31.58 -38.12
C14 8K6 IB . 3.46 31.42 -38.21
C15 8K6 IB . 2.82 30.96 -36.95
C16 8K6 IB . 1.51 31.61 -36.64
C17 8K6 IB . 1.03 31.37 -35.25
C18 8K6 IB . -0.40 31.78 -35.07
MG BCL JB . -0.24 21.52 -38.45
CHA BCL JB . -2.09 22.60 -35.75
CHB BCL JB . -2.87 19.90 -39.67
CHC BCL JB . 1.80 20.27 -40.85
CHD BCL JB . 2.68 22.63 -36.83
NA BCL JB . -2.16 21.33 -37.87
C1A BCL JB . -2.77 21.89 -36.87
C2A BCL JB . -4.21 21.42 -36.73
C3A BCL JB . -4.29 20.32 -37.76
C4A BCL JB . -3.02 20.51 -38.49
CMA BCL JB . -4.39 18.97 -37.09
CAA BCL JB . -5.33 22.43 -36.99
CBA BCL JB . -6.49 22.09 -36.07
CGA BCL JB . -7.78 21.81 -36.79
O1A BCL JB . -8.67 22.61 -36.73
O2A BCL JB . -7.99 20.58 -37.55
NB BCL JB . -0.48 20.24 -40.03
C1B BCL JB . -1.63 19.68 -40.41
C2B BCL JB . -1.57 18.81 -41.60
C3B BCL JB . -0.15 18.92 -41.98
C4B BCL JB . 0.41 19.83 -40.94
CMB BCL JB . -2.73 18.07 -42.19
CAB BCL JB . 0.61 18.28 -43.11
OBB BCL JB . 1.73 18.63 -43.39
CBB BCL JB . 0.02 17.19 -43.94
NC BCL JB . 1.75 21.54 -38.84
C1C BCL JB . 2.36 20.96 -39.87
C2C BCL JB . 3.84 21.14 -39.87
C3C BCL JB . 4.06 22.08 -38.74
C4C BCL JB . 2.70 22.08 -38.16
CMC BCL JB . 4.59 19.87 -39.58
CAC BCL JB . 4.47 23.48 -39.12
CBC BCL JB . 5.98 23.65 -39.14
ND BCL JB . 0.31 22.38 -36.70
C1D BCL JB . 1.44 22.82 -36.17
C2D BCL JB . 1.29 23.44 -34.86
C3D BCL JB . -0.17 23.35 -34.71
C4D BCL JB . -0.64 22.75 -35.80
CMD BCL JB . 2.27 24.01 -33.94
CAD BCL JB . -1.26 23.65 -33.79
OBD BCL JB . -1.14 24.24 -32.68
CBD BCL JB . -2.56 23.26 -34.45
CGD BCL JB . -3.49 22.56 -33.51
O1D BCL JB . -3.19 21.59 -32.86
O2D BCL JB . -4.82 23.10 -33.36
CED BCL JB . -5.30 23.53 -32.11
C1 BCL JB . -8.67 20.53 -38.80
C2 BCL JB . -7.61 20.38 -39.86
C3 BCL JB . -7.39 21.36 -40.75
C4 BCL JB . -8.19 22.62 -40.74
C5 BCL JB . -6.31 21.18 -41.77
C6 BCL JB . -5.58 22.51 -41.95
C7 BCL JB . -4.08 22.32 -41.89
C8 BCL JB . -3.34 22.87 -43.09
C9 BCL JB . -4.25 23.53 -44.12
C10 BCL JB . -2.57 21.74 -43.73
C11 BCL JB . -1.15 22.15 -44.05
C12 BCL JB . -0.77 21.64 -45.42
C13 BCL JB . 0.68 21.93 -45.76
C14 BCL JB . 0.86 23.37 -46.24
C15 BCL JB . 1.13 20.91 -46.79
C16 BCL JB . 2.27 21.40 -47.66
C17 BCL JB . 2.02 21.08 -49.13
C18 BCL JB . 3.01 21.79 -50.02
C19 BCL JB . 2.37 22.98 -50.72
C20 BCL JB . 3.62 20.84 -51.04
C1M CRT KB . -30.20 29.02 -27.00
O1 CRT KB . -29.50 29.47 -28.14
C1 CRT KB . -29.55 28.66 -29.33
C2 CRT KB . -28.96 27.31 -29.01
C3 CRT KB . -31.01 28.55 -29.76
C4 CRT KB . -28.74 29.35 -30.45
C5 CRT KB . -27.29 29.63 -30.14
C6 CRT KB . -26.25 29.02 -30.70
C7 CRT KB . -24.90 29.36 -30.57
C8 CRT KB . -24.55 30.61 -29.88
C9 CRT KB . -23.87 28.55 -31.06
C10 CRT KB . -22.49 28.75 -31.03
C11 CRT KB . -21.57 27.86 -31.55
C12 CRT KB . -20.18 27.94 -31.63
C13 CRT KB . -19.50 29.15 -31.08
C14 CRT KB . -19.40 26.92 -32.20
C15 CRT KB . -18.04 26.83 -32.40
C16 CRT KB . -17.47 25.73 -33.01
C17 CRT KB . -16.14 25.43 -33.33
C18 CRT KB . -15.10 26.46 -33.07
C19 CRT KB . -15.75 24.20 -33.85
C20 CRT KB . -14.50 23.72 -34.20
C21 CRT KB . -14.17 22.42 -34.58
C22 CRT KB . -12.99 21.82 -34.95
C23 CRT KB . -12.74 20.45 -35.17
C24 CRT KB . -13.86 19.50 -35.01
C25 CRT KB . -11.48 19.93 -35.52
C26 CRT KB . -11.06 18.63 -35.52
C27 CRT KB . -9.79 18.17 -35.85
C28 CRT KB . -9.21 16.92 -35.62
C29 CRT KB . -10.04 15.85 -35.00
C30 CRT KB . -7.87 16.62 -35.93
C31 CRT KB . -7.11 15.53 -35.54
C32 CRT KB . -5.77 15.34 -35.85
C33 CRT KB . -4.89 14.37 -35.37
C34 CRT KB . -5.41 13.36 -34.41
C35 CRT KB . -3.54 14.31 -35.73
C36 CRT KB . -2.61 13.57 -35.13
C37 CRT KB . -1.18 13.46 -35.52
C38 CRT KB . -0.18 14.25 -34.65
C39 CRT KB . 1.24 13.87 -35.00
C40 CRT KB . -0.42 15.74 -34.82
O2 CRT KB . -0.44 13.94 -33.27
C2M CRT KB . 0.17 14.74 -32.27
MG BCL LB . -1.52 13.66 -41.60
CHA BCL LB . -4.52 12.13 -41.99
CHB BCL LB . -2.76 15.67 -39.26
CHC BCL LB . 1.60 14.74 -41.02
CHD BCL LB . -0.10 11.45 -43.96
NA BCL LB . -3.32 13.94 -40.80
C1A BCL LB . -4.39 13.26 -41.02
C2A BCL LB . -5.53 13.72 -40.17
C3A BCL LB . -5.05 15.01 -39.61
C4A BCL LB . -3.60 14.90 -39.92
CMA BCL LB . -5.66 16.21 -40.30
CAA BCL LB . -5.81 12.77 -39.05
CBA BCL LB . -7.24 12.29 -39.14
CGA BCL LB . -7.85 12.14 -37.78
O1A BCL LB . -7.20 11.70 -36.86
O2A BCL LB . -9.23 12.52 -37.57
NB BCL LB . -0.67 15.01 -40.31
C1B BCL LB . -1.31 15.76 -39.41
C2B BCL LB . -0.47 16.66 -38.60
C3B BCL LB . 0.85 16.38 -39.13
C4B BCL LB . 0.60 15.37 -40.18
CMB BCL LB . -0.96 17.60 -37.54
CAB BCL LB . 2.18 16.96 -38.74
OBB BCL LB . 3.17 16.57 -39.29
CBB BCL LB . 2.31 17.99 -37.66
NC BCL LB . 0.30 13.37 -42.42
C1C BCL LB . 1.40 14.05 -42.13
C2C BCL LB . 2.52 13.86 -43.09
C3C BCL LB . 2.03 12.67 -43.84
C4C BCL LB . 0.65 12.53 -43.34
CMC BCL LB . 2.73 15.03 -44.03
CAC BCL LB . 2.78 11.39 -43.53
CBC BCL LB . 3.89 11.13 -44.51
ND BCL LB . -2.05 12.08 -42.75
C1D BCL LB . -1.50 11.29 -43.68
C2D BCL LB . -2.44 10.31 -44.27
C3D BCL LB . -3.65 10.69 -43.55
C4D BCL LB . -3.35 11.70 -42.74
CMD BCL LB . -2.31 9.23 -45.27
CAD BCL LB . -5.08 10.36 -43.40
OBD BCL LB . -5.70 9.46 -44.03
CBD BCL LB . -5.68 11.28 -42.40
CGD BCL LB . -6.77 12.05 -43.07
O1D BCL LB . -6.52 12.85 -43.94
O2D BCL LB . -8.16 11.89 -42.74
CED BCL LB . -9.09 12.65 -43.51
C1 BCL LB . -10.16 11.55 -37.09
C2 BCL LB . -11.32 12.24 -36.43
C3 BCL LB . -12.59 11.90 -36.67
C4 BCL LB . -12.96 10.80 -37.61
C5 BCL LB . -13.70 12.63 -35.99
C6 BCL LB . -14.81 12.89 -37.02
C7 BCL LB . -14.54 14.13 -37.88
C8 BCL LB . -14.08 15.34 -37.07
C9 BCL LB . -15.24 16.06 -36.42
C10 BCL LB . -13.33 16.27 -38.01
C11 BCL LB . -12.01 15.66 -38.44
C12 BCL LB . -11.17 16.67 -39.18
C13 BCL LB . -10.58 16.01 -40.41
C14 BCL LB . -9.44 15.10 -40.01
C15 BCL LB . -10.11 17.10 -41.36
C16 BCL LB . -9.42 16.49 -42.57
C17 BCL LB . -9.57 17.43 -43.77
C18 BCL LB . -8.27 17.61 -44.55
C19 BCL LB . -8.07 16.45 -45.50
C20 BCL LB . -7.07 17.80 -43.63
CA CA MB . 11.15 16.89 -44.21
C1M CRT NB . -32.22 9.79 -34.90
O1 CRT NB . -31.98 10.40 -36.17
C1 CRT NB . -32.77 11.54 -36.53
C2 CRT NB . -34.23 11.09 -36.54
C3 CRT NB . -32.53 12.63 -35.51
C4 CRT NB . -32.38 12.02 -37.94
C5 CRT NB . -30.97 12.51 -38.10
C6 CRT NB . -29.86 11.79 -37.97
C7 CRT NB . -28.55 12.26 -38.22
C8 CRT NB . -28.37 13.68 -38.58
C9 CRT NB . -27.41 11.44 -38.15
C10 CRT NB . -26.10 11.74 -38.45
C11 CRT NB . -25.04 10.85 -38.42
C12 CRT NB . -23.70 11.04 -38.78
C13 CRT NB . -23.24 12.38 -39.18
C14 CRT NB . -22.77 9.97 -38.80
C15 CRT NB . -21.45 9.94 -39.20
C16 CRT NB . -20.72 8.76 -39.22
C17 CRT NB . -19.38 8.51 -39.58
C18 CRT NB . -18.53 9.64 -40.01
C19 CRT NB . -18.84 7.22 -39.52
C20 CRT NB . -17.56 6.77 -39.81
C21 CRT NB . -17.06 5.49 -39.63
C22 CRT NB . -15.82 4.91 -39.85
C23 CRT NB . -15.40 3.60 -39.51
C24 CRT NB . -16.39 2.69 -38.89
C25 CRT NB . -14.10 3.13 -39.73
C26 CRT NB . -13.52 1.98 -39.25
C27 CRT NB . -12.21 1.59 -39.45
C28 CRT NB . -11.46 0.59 -38.79
C29 CRT NB . -12.14 -0.26 -37.80
C30 CRT NB . -10.09 0.39 -39.02
C31 CRT NB . -9.18 -0.38 -38.33
C32 CRT NB . -7.83 -0.40 -38.61
C33 CRT NB . -6.77 -1.05 -37.94
C34 CRT NB . -7.09 -1.87 -36.75
C35 CRT NB . -5.44 -0.94 -38.35
C36 CRT NB . -4.36 -1.46 -37.76
C37 CRT NB . -2.97 -1.35 -38.29
C38 CRT NB . -1.95 -0.69 -37.36
C39 CRT NB . -0.58 -0.61 -38.02
C40 CRT NB . -2.43 0.69 -36.92
O2 CRT NB . -1.82 -1.51 -36.19
C2M CRT NB . -0.94 -1.07 -35.17
C1 8K6 OB . 8.69 14.68 -54.19
C2 8K6 OB . 7.57 14.71 -55.20
C3 8K6 OB . 6.55 15.78 -54.95
C4 8K6 OB . 5.15 15.41 -55.33
C5 8K6 OB . 4.08 16.27 -54.70
C6 8K6 OB . 2.80 15.53 -54.39
C7 8K6 OB . 1.84 16.30 -53.51
C8 8K6 OB . 2.45 16.84 -52.24
C9 8K6 OB . 2.34 15.90 -51.07
C10 8K6 OB . 2.28 16.60 -49.73
C11 8K6 OB . 2.09 15.65 -48.58
C12 8K6 OB . 0.66 15.43 -48.22
C13 8K6 OB . 0.44 14.27 -47.28
C14 8K6 OB . -0.99 13.89 -47.12
C15 8K6 OB . -1.82 14.89 -46.38
C16 8K6 OB . -2.18 14.47 -44.99
C17 8K6 OB . -3.30 15.25 -44.37
C18 8K6 OB . -4.56 15.20 -45.18
MG BCL PB . -3.04 4.65 -43.65
CHA BCL PB . -4.99 6.51 -41.50
CHB BCL PB . -5.44 2.39 -43.92
CHC BCL PB . -0.92 2.80 -45.53
CHD BCL PB . -0.27 6.62 -42.78
NA BCL PB . -4.91 4.50 -42.93
C1A BCL PB . -5.58 5.35 -42.22
C2A BCL PB . -6.97 4.86 -41.91
C3A BCL PB . -6.91 3.42 -42.31
C4A BCL PB . -5.66 3.41 -43.11
CMA BCL PB . -6.86 2.50 -41.12
CAA BCL PB . -8.08 5.50 -42.70
CBA BCL PB . -9.24 5.99 -41.85
CGA BCL PB . -10.31 4.95 -41.60
O1A BCL PB . -10.49 4.56 -40.47
O2A BCL PB . -11.14 4.45 -42.68
NB BCL PB . -3.14 2.83 -44.58
C1B BCL PB . -4.20 2.04 -44.62
C2B BCL PB . -4.07 0.78 -45.38
C3B BCL PB . -2.69 0.89 -45.89
C4B BCL PB . -2.23 2.20 -45.34
CMB BCL PB . -5.16 -0.24 -45.51
CAB BCL PB . -1.89 -0.07 -46.74
OBB BCL PB . -0.83 0.25 -47.23
CBB BCL PB . -2.34 -1.47 -47.01
NC BCL PB . -1.08 4.74 -44.15
C1C BCL PB . -0.42 3.86 -44.90
C2C BCL PB . 1.03 4.18 -45.04
C3C BCL PB . 1.15 5.51 -44.40
C4C BCL PB . -0.19 5.60 -43.79
CMC BCL PB . 1.91 3.22 -44.29
CAC BCL PB . 1.38 6.67 -45.36
CBC BCL PB . 2.85 6.99 -45.52
ND BCL PB . -2.59 6.19 -42.42
C1D BCL PB . -1.51 6.93 -42.17
C2D BCL PB . -1.74 7.99 -41.22
C3D BCL PB . -3.17 7.82 -40.95
C4D BCL PB . -3.58 6.79 -41.69
CMD BCL PB . -0.77 8.97 -40.65
CAD BCL PB . -4.30 8.31 -40.18
OBD BCL PB . -4.26 9.31 -39.39
CBD BCL PB . -5.54 7.56 -40.55
CGD BCL PB . -6.38 7.19 -39.36
O1D BCL PB . -5.94 6.66 -38.39
O2D BCL PB . -7.78 7.53 -39.37
CED BCL PB . -8.34 8.36 -38.36
C1 BCL PB . -11.32 3.06 -42.95
C2 BCL PB . -10.21 2.58 -43.87
C3 BCL PB . -10.25 2.69 -45.20
C4 BCL PB . -11.42 3.27 -45.92
C5 BCL PB . -9.07 2.21 -46.00
C6 BCL PB . -8.55 3.38 -46.82
C7 BCL PB . -7.04 3.43 -46.85
C8 BCL PB . -6.42 3.65 -48.22
C9 BCL PB . -7.44 3.59 -49.34
C10 BCL PB . -5.34 2.61 -48.43
C11 BCL PB . -4.54 2.88 -49.69
C12 BCL PB . -3.14 2.26 -49.61
C13 BCL PB . -2.88 1.33 -50.79
C14 BCL PB . -3.68 0.04 -50.69
C15 BCL PB . -1.39 1.02 -50.91
C16 BCL PB . -0.86 1.46 -52.26
C17 BCL PB . -0.82 0.31 -53.26
C18 BCL PB . 0.04 0.65 -54.47
C19 BCL PB . -0.77 1.32 -55.56
C20 BCL PB . 0.73 -0.60 -55.01
C1 8K6 QB . 6.42 -7.20 -56.21
C2 8K6 QB . 5.16 -6.44 -56.57
C3 8K6 QB . 4.17 -7.23 -57.38
C4 8K6 QB . 2.85 -6.55 -57.60
C5 8K6 QB . 2.05 -6.31 -56.35
C6 8K6 QB . 0.57 -6.51 -56.50
C7 8K6 QB . -0.25 -5.98 -55.36
C8 8K6 QB . 0.25 -4.68 -54.78
C9 8K6 QB . -0.44 -4.24 -53.51
C10 8K6 QB . 0.19 -4.75 -52.26
C11 8K6 QB . -0.33 -4.11 -51.00
C12 8K6 QB . -0.72 -5.08 -49.93
C13 8K6 QB . -2.20 -5.29 -49.83
C14 8K6 QB . -2.69 -5.50 -48.43
C15 8K6 QB . -4.09 -5.04 -48.21
C16 8K6 QB . -4.34 -4.49 -46.84
C17 8K6 QB . -5.56 -3.62 -46.71
C18 8K6 QB . -6.78 -4.25 -47.33
MG BCL RB . -3.42 -3.91 -43.54
CHA BCL RB . -6.23 -5.83 -43.12
CHB BCL RB . -4.85 -1.43 -41.83
CHC BCL RB . -0.50 -2.30 -43.69
CHD BCL RB . -1.77 -6.71 -44.89
NA BCL RB . -5.24 -3.58 -42.77
C1A BCL RB . -6.23 -4.40 -42.68
C2A BCL RB . -7.43 -3.78 -42.05
C3A BCL RB . -7.08 -2.33 -42.01
C4A BCL RB . -5.62 -2.41 -42.24
CMA BCL RB . -7.79 -1.53 -43.10
CAA BCL RB . -7.69 -4.29 -40.65
CBA BCL RB . -9.09 -3.86 -40.31
CGA BCL RB . -9.62 -4.46 -39.06
O1A BCL RB . -8.87 -4.69 -38.13
O2A BCL RB . -11.03 -4.75 -38.98
NB BCL RB . -2.74 -2.11 -42.84
C1B BCL RB . -3.45 -1.19 -42.17
C2B BCL RB . -2.72 0.04 -41.78
C3B BCL RB . -1.39 -0.23 -42.34
C4B BCL RB . -1.54 -1.56 -42.97
CMB BCL RB . -3.29 1.20 -41.02
CAB BCL RB . -0.15 0.61 -42.31
OBB BCL RB . 0.87 0.17 -42.77
CBB BCL RB . -0.12 1.99 -41.72
NC BCL RB . -1.60 -4.31 -44.27
C1C BCL RB . -0.59 -3.44 -44.33
C2C BCL RB . 0.56 -3.90 -45.16
C3C BCL RB . 0.22 -5.34 -45.35
C4C BCL RB . -1.14 -5.41 -44.78
CMC BCL RB . 0.68 -3.19 -46.49
CAC BCL RB . 1.11 -6.30 -44.59
CBC BCL RB . 2.20 -6.86 -45.47
ND BCL RB . -3.77 -5.88 -43.92
C1D BCL RB . -3.14 -6.90 -44.50
C2D BCL RB . -3.94 -8.13 -44.60
C3D BCL RB . -5.19 -7.66 -44.02
C4D BCL RB . -5.03 -6.38 -43.70
CMD BCL RB . -3.70 -9.51 -45.10
CAD BCL RB . -6.56 -8.05 -43.67
OBD BCL RB . -7.07 -9.21 -43.87
CBD BCL RB . -7.27 -6.90 -43.09
CGD BCL RB . -8.45 -6.57 -43.95
O1D BCL RB . -8.31 -6.05 -45.02
O2D BCL RB . -9.82 -6.81 -43.55
CED BCL RB . -10.83 -6.62 -44.54
C1 BCL RB . -11.68 -4.97 -37.74
C2 BCL RB . -12.89 -4.07 -37.65
C3 BCL RB . -14.15 -4.53 -37.75
C4 BCL RB . -14.48 -5.96 -37.97
C5 BCL RB . -15.28 -3.54 -37.66
C6 BCL RB . -16.32 -3.87 -38.72
C7 BCL RB . -15.99 -3.25 -40.07
C8 BCL RB . -15.96 -1.73 -40.02
C9 BCL RB . -17.37 -1.16 -40.13
C10 BCL RB . -15.10 -1.21 -41.15
C11 BCL RB . -13.68 -1.76 -41.04
C12 BCL RB . -12.84 -1.23 -42.19
C13 BCL RB . -12.72 -2.33 -43.21
C14 BCL RB . -11.47 -3.13 -42.91
C15 BCL RB . -12.69 -1.73 -44.59
C16 BCL RB . -11.96 -2.61 -45.59
C17 BCL RB . -11.89 -1.90 -46.94
C18 BCL RB . -10.53 -2.05 -47.60
C19 BCL RB . -10.33 -3.48 -48.06
C20 BCL RB . -9.41 -1.58 -46.67
CA CA SB . 8.78 -0.51 -47.68
C1M CRT TB . -32.92 -24.30 -26.40
O1 CRT TB . -32.52 -24.77 -27.68
C1 CRT TB . -33.44 -24.63 -28.78
C2 CRT TB . -34.71 -25.39 -28.44
C3 CRT TB . -33.72 -23.13 -28.97
C4 CRT TB . -32.80 -25.21 -30.04
C5 CRT TB . -31.54 -24.54 -30.52
C6 CRT TB . -30.32 -25.06 -30.45
C7 CRT TB . -29.15 -24.53 -31.02
C8 CRT TB . -29.27 -23.38 -31.94
C9 CRT TB . -27.87 -25.03 -30.74
C10 CRT TB . -26.64 -24.64 -31.25
C11 CRT TB . -25.43 -25.18 -30.85
C12 CRT TB . -24.14 -24.93 -31.34
C13 CRT TB . -23.95 -23.93 -32.41
C14 CRT TB . -23.02 -25.60 -30.82
C15 CRT TB . -21.68 -25.53 -31.18
C16 CRT TB . -20.73 -26.30 -30.53
C17 CRT TB . -19.33 -26.38 -30.72
C18 CRT TB . -18.71 -25.62 -31.82
C19 CRT TB . -18.53 -27.17 -29.88
C20 CRT TB . -17.16 -27.35 -29.89
C21 CRT TB . -16.40 -28.02 -28.95
C22 CRT TB . -15.05 -28.30 -28.83
C23 CRT TB . -14.36 -28.87 -27.75
C24 CRT TB . -15.15 -29.25 -26.55
C25 CRT TB . -12.98 -29.10 -27.74
C26 CRT TB . -12.16 -29.42 -26.66
C27 CRT TB . -10.79 -29.57 -26.72
C28 CRT TB . -9.86 -29.62 -25.66
C29 CRT TB . -10.36 -29.61 -24.27
C30 CRT TB . -8.48 -29.65 -25.88
C31 CRT TB . -7.43 -29.49 -25.00
C32 CRT TB . -6.11 -29.45 -25.38
C33 CRT TB . -4.95 -29.23 -24.61
C34 CRT TB . -5.09 -29.01 -23.16
C35 CRT TB . -3.67 -29.20 -25.18
C36 CRT TB . -2.52 -28.94 -24.55
C37 CRT TB . -1.18 -28.97 -25.20
C38 CRT TB . -0.39 -27.65 -25.16
C39 CRT TB . 0.95 -27.81 -25.89
C40 CRT TB . -1.21 -26.51 -25.75
O2 CRT TB . -0.12 -27.36 -23.79
C2M CRT TB . 0.57 -26.15 -23.51
C1M CRT UB . -33.38 -8.22 -34.18
O1 CRT UB . -33.22 -8.12 -35.58
C1 CRT UB . -34.16 -7.31 -36.32
C2 CRT UB . -35.55 -7.87 -36.06
C3 CRT UB . -34.03 -5.88 -35.79
C4 CRT UB . -33.83 -7.35 -37.81
C5 CRT UB . -32.50 -6.82 -38.23
C6 CRT UB . -31.31 -7.30 -37.89
C7 CRT UB . -30.07 -6.84 -38.38
C8 CRT UB . -30.06 -5.65 -39.27
C9 CRT UB . -28.84 -7.44 -38.05
C10 CRT UB . -27.57 -7.13 -38.52
C11 CRT UB . -26.42 -7.84 -38.22
C12 CRT UB . -25.12 -7.67 -38.70
C13 CRT UB . -24.83 -6.53 -39.60
C14 CRT UB . -24.07 -8.55 -38.37
C15 CRT UB . -22.76 -8.60 -38.80
C16 CRT UB . -21.89 -9.59 -38.39
C17 CRT UB . -20.54 -9.83 -38.71
C18 CRT UB . -19.86 -8.91 -39.66
C19 CRT UB . -19.83 -10.92 -38.17
C20 CRT UB . -18.52 -11.29 -38.36
C21 CRT UB . -17.85 -12.33 -37.70
C22 CRT UB . -16.57 -12.84 -37.76
C23 CRT UB . -15.99 -13.83 -36.95
C24 CRT UB . -16.83 -14.45 -35.89
C25 CRT UB . -14.66 -14.25 -37.05
C26 CRT UB . -13.92 -15.02 -36.17
C27 CRT UB . -12.59 -15.34 -36.29
C28 CRT UB . -11.72 -15.90 -35.33
C29 CRT UB . -12.28 -16.34 -34.04
C30 CRT UB . -10.34 -16.04 -35.55
C31 CRT UB . -9.33 -16.36 -34.65
C32 CRT UB . -7.99 -16.38 -34.99
C33 CRT UB . -6.86 -16.59 -34.17
C34 CRT UB . -7.08 -16.86 -32.73
C35 CRT UB . -5.55 -16.53 -34.67
C36 CRT UB . -4.42 -16.63 -33.96
C37 CRT UB . -3.05 -16.56 -34.55
C38 CRT UB . -2.16 -15.43 -34.01
C39 CRT UB . -0.79 -15.46 -34.67
C40 CRT UB . -2.84 -14.08 -34.18
O2 CRT UB . -1.98 -15.65 -32.60
C2M CRT UB . -1.25 -14.68 -31.88
MG BCL VB . -3.84 -13.16 -41.84
CHA BCL VB . -6.00 -10.86 -40.44
CHB BCL VB . -5.93 -15.62 -41.07
CHC BCL VB . -1.50 -15.32 -42.95
CHD BCL VB . -1.34 -10.69 -41.93
NA BCL VB . -5.67 -13.25 -41.00
C1A BCL VB . -6.44 -12.28 -40.63
C2A BCL VB . -7.76 -12.76 -40.08
C3A BCL VB . -7.52 -14.23 -39.90
C4A BCL VB . -6.28 -14.39 -40.70
CMA BCL VB . -7.33 -14.58 -38.43
CAA BCL VB . -8.98 -12.61 -40.96
CBA BCL VB . -10.14 -11.96 -40.21
CGA BCL VB . -11.22 -12.88 -39.70
O1A BCL VB . -12.32 -12.44 -39.45
O2A BCL VB . -11.00 -14.29 -39.46
NB BCL VB . -3.71 -15.20 -41.97
C1B BCL VB . -4.66 -16.06 -41.64
C2B BCL VB . -4.36 -17.49 -41.86
C3B BCL VB . -3.00 -17.43 -42.45
C4B BCL VB . -2.73 -15.96 -42.47
CMB BCL VB . -5.29 -18.61 -41.53
CAB BCL VB . -2.08 -18.53 -42.90
OBB BCL VB . -1.06 -18.30 -43.49
CBB BCL VB . -2.38 -19.97 -42.63
NC BCL VB . -1.92 -13.03 -42.42
C1C BCL VB . -1.15 -14.06 -42.81
C2C BCL VB . 0.25 -13.65 -43.13
C3C BCL VB . 0.19 -12.17 -43.09
C4C BCL VB . -1.14 -12.00 -42.48
CMC BCL VB . 1.25 -14.12 -42.10
CAC BCL VB . 0.28 -11.48 -44.43
CBC BCL VB . 1.70 -11.10 -44.79
ND BCL VB . -3.59 -11.22 -41.30
C1D BCL VB . -2.62 -10.32 -41.40
C2D BCL VB . -2.97 -9.00 -40.91
C3D BCL VB . -4.37 -9.25 -40.52
C4D BCL VB . -4.64 -10.51 -40.79
CMD BCL VB . -2.17 -7.78 -40.82
CAD BCL VB . -5.56 -8.62 -39.94
OBD BCL VB . -5.63 -7.41 -39.58
CBD BCL VB . -6.68 -9.61 -39.91
CGD BCL VB . -7.35 -9.61 -38.58
O1D BCL VB . -6.74 -9.62 -37.54
O2D BCL VB . -8.79 -9.55 -38.47
CED BCL VB . -9.48 -8.33 -38.29
C1 BCL VB . -11.81 -15.32 -40.04
C2 BCL VB . -10.88 -16.22 -40.80
C3 BCL VB . -10.89 -16.25 -42.13
C4 BCL VB . -11.84 -15.39 -42.92
C5 BCL VB . -9.95 -17.12 -42.88
C6 BCL VB . -9.42 -16.32 -44.06
C7 BCL VB . -7.92 -16.05 -43.95
C8 BCL VB . -7.20 -16.11 -45.29
C9 BCL VB . -8.11 -16.55 -46.42
C10 BCL VB . -6.04 -17.09 -45.17
C11 BCL VB . -5.29 -17.19 -46.48
C12 BCL VB . -3.82 -17.51 -46.29
C13 BCL VB . -3.45 -18.74 -47.12
C14 BCL VB . -4.03 -20.01 -46.52
C15 BCL VB . -1.93 -18.86 -47.24
C16 BCL VB . -1.56 -20.17 -47.93
C17 BCL VB . -0.71 -19.95 -49.16
C18 BCL VB . -1.42 -20.43 -50.42
C19 BCL VB . -0.43 -20.98 -51.43
C20 BCL VB . -2.23 -19.30 -51.06
MG BCL WB . -3.24 -20.96 -38.41
CHA BCL WB . -5.79 -22.84 -37.14
CHB BCL WB . -4.92 -18.17 -37.73
CHC BCL WB . -0.51 -19.24 -39.30
CHD BCL WB . -1.28 -23.89 -38.67
NA BCL WB . -5.08 -20.54 -37.74
C1A BCL WB . -5.95 -21.35 -37.27
C2A BCL WB . -7.19 -20.65 -36.83
C3A BCL WB . -7.04 -19.29 -37.44
C4A BCL WB . -5.58 -19.32 -37.69
CMA BCL WB . -7.86 -19.15 -38.70
CAA BCL WB . -7.25 -20.52 -35.33
CBA BCL WB . -8.50 -21.21 -34.83
CGA BCL WB . -9.11 -20.46 -33.69
O1A BCL WB . -8.42 -19.98 -32.82
O2A BCL WB . -10.55 -20.32 -33.63
NB BCL WB . -2.76 -18.98 -38.49
C1B BCL WB . -3.55 -17.95 -38.19
C2B BCL WB . -2.97 -16.61 -38.32
C3B BCL WB . -1.62 -16.92 -38.81
C4B BCL WB . -1.62 -18.40 -38.88
CMB BCL WB . -3.66 -15.31 -38.04
CAB BCL WB . -0.48 -16.01 -39.16
OBB BCL WB . 0.59 -16.49 -39.44
CBB BCL WB . -0.64 -14.52 -39.18
NC BCL WB . -1.37 -21.42 -39.00
C1C BCL WB . -0.46 -20.55 -39.43
C2C BCL WB . 0.74 -21.18 -40.03
C3C BCL WB . 0.56 -22.60 -39.66
C4C BCL WB . -0.79 -22.58 -39.07
CMC BCL WB . 0.82 -21.01 -41.53
CAC BCL WB . 1.52 -23.10 -38.60
CBC BCL WB . 2.76 -23.69 -39.23
ND BCL WB . -3.36 -22.96 -38.00
C1D BCL WB . -2.61 -24.05 -38.15
C2D BCL WB . -3.26 -25.30 -37.72
C3D BCL WB . -4.55 -24.76 -37.32
C4D BCL WB . -4.53 -23.44 -37.52
CMD BCL WB . -2.88 -26.72 -37.68
CAD BCL WB . -5.87 -25.14 -36.77
OBD BCL WB . -6.23 -26.31 -36.47
CBD BCL WB . -6.71 -23.91 -36.65
CGD BCL WB . -7.91 -24.07 -37.50
O1D BCL WB . -7.83 -24.07 -38.70
O2D BCL WB . -9.23 -24.22 -36.95
CED BCL WB . -10.29 -24.54 -37.85
C1 BCL WB . -11.24 -20.77 -32.47
C2 BCL WB . -12.54 -20.02 -32.37
C3 BCL WB . -13.70 -20.61 -32.10
C4 BCL WB . -13.82 -22.08 -31.88
C5 BCL WB . -14.95 -19.79 -32.03
C6 BCL WB . -16.06 -20.53 -32.78
C7 BCL WB . -15.98 -20.37 -34.30
C8 BCL WB . -15.89 -18.91 -34.75
C9 BCL WB . -17.23 -18.22 -34.65
C10 BCL WB . -15.38 -18.90 -36.19
C11 BCL WB . -13.89 -19.22 -36.23
C12 BCL WB . -13.35 -19.05 -37.63
C13 BCL WB . -12.53 -20.27 -37.98
C14 BCL WB . -11.30 -20.32 -37.10
C15 BCL WB . -12.13 -20.21 -39.44
C16 BCL WB . -11.79 -21.60 -39.97
C17 BCL WB . -11.28 -21.54 -41.39
C18 BCL WB . -9.79 -21.79 -41.45
C19 BCL WB . -9.09 -20.72 -42.29
C20 BCL WB . -9.48 -23.18 -41.99
CA CA XB . 8.37 -18.11 -44.18
MG BCL YB . -2.43 -28.77 -33.17
CHA BCL YB . -4.82 -26.33 -32.74
CHB BCL YB . -4.27 -30.95 -31.49
CHC BCL YB . 0.13 -30.96 -33.46
CHD BCL YB . -0.24 -26.32 -34.43
NA BCL YB . -4.24 -28.71 -32.31
C1A BCL YB . -5.11 -27.74 -32.32
C2A BCL YB . -6.35 -28.09 -31.57
C3A BCL YB . -6.00 -29.38 -30.89
C4A BCL YB . -4.74 -29.72 -31.58
CMA BCL YB . -5.80 -29.19 -29.39
CAA BCL YB . -7.57 -28.29 -32.43
CBA BCL YB . -8.76 -27.46 -32.01
CGA BCL YB . -9.57 -28.01 -30.87
O1A BCL YB . -9.47 -27.55 -29.75
O2A BCL YB . -10.51 -29.09 -31.07
NB BCL YB . -2.09 -30.68 -32.54
C1B BCL YB . -2.96 -31.46 -31.89
C2B BCL YB . -2.51 -32.82 -31.55
C3B BCL YB . -1.15 -32.85 -32.15
C4B BCL YB . -1.03 -31.48 -32.74
CMB BCL YB . -3.34 -33.81 -30.81
CAB BCL YB . -0.13 -33.95 -32.18
OBB BCL YB . 0.94 -33.81 -32.71
CBB BCL YB . -0.37 -35.27 -31.54
NC BCL YB . -0.54 -28.71 -33.87
C1C BCL YB . 0.33 -29.72 -33.86
C2C BCL YB . 1.67 -29.36 -34.41
C3C BCL YB . 1.46 -27.97 -34.93
C4C BCL YB . 0.11 -27.72 -34.38
CMC BCL YB . 2.74 -29.31 -33.35
CAC BCL YB . 1.45 -27.85 -36.44
CBC BCL YB . 2.79 -27.40 -36.97
ND BCL YB . -2.40 -26.78 -33.51
C1D BCL YB . -1.54 -25.91 -34.04
C2D BCL YB . -2.04 -24.54 -34.12
C3D BCL YB . -3.39 -24.74 -33.60
C4D BCL YB . -3.52 -26.04 -33.30
CMD BCL YB . -1.39 -23.31 -34.60
CAD BCL YB . -4.64 -24.05 -33.24
OBD BCL YB . -4.89 -22.82 -33.42
CBD BCL YB . -5.65 -25.06 -32.79
CGD BCL YB . -6.45 -24.53 -31.63
O1D BCL YB . -6.02 -24.35 -30.53
O2D BCL YB . -7.83 -24.21 -31.92
CED BCL YB . -8.75 -23.81 -30.91
C1 BCL YB . -10.18 -30.40 -30.62
C2 BCL YB . -9.60 -31.13 -31.80
C3 BCL YB . -9.45 -32.44 -31.81
C4 BCL YB . -9.89 -33.23 -30.63
C5 BCL YB . -8.86 -33.11 -33.03
C6 BCL YB . -7.32 -33.24 -32.94
C7 BCL YB . -6.59 -32.42 -33.99
C8 BCL YB . -5.83 -33.20 -35.08
C9 BCL YB . -6.63 -34.38 -35.59
C10 BCL YB . -4.48 -33.68 -34.58
C11 BCL YB . -3.78 -34.55 -35.61
C12 BCL YB . -2.26 -34.50 -35.54
C13 BCL YB . -1.67 -35.86 -35.89
C14 BCL YB . -1.77 -36.82 -34.70
C15 BCL YB . -0.23 -35.72 -36.37
C16 BCL YB . 0.53 -37.05 -36.47
C17 BCL YB . 0.22 -37.78 -37.76
C18 BCL YB . 1.45 -38.38 -38.43
C19 BCL YB . 1.07 -39.25 -39.61
C20 BCL YB . 2.31 -39.16 -37.46
C1 8K6 ZB . 7.48 -27.12 -48.94
C2 8K6 ZB . 6.54 -28.17 -49.47
C3 8K6 ZB . 5.22 -27.62 -49.94
C4 8K6 ZB . 4.18 -28.67 -50.21
C5 8K6 ZB . 2.84 -28.13 -50.61
C6 8K6 ZB . 2.13 -27.37 -49.53
C7 8K6 ZB . 0.75 -27.89 -49.20
C8 8K6 ZB . -0.22 -26.85 -48.72
C9 8K6 ZB . 0.38 -25.81 -47.78
C10 8K6 ZB . -0.60 -24.78 -47.30
C11 8K6 ZB . -0.10 -23.91 -46.17
C12 8K6 ZB . 0.14 -24.64 -44.89
C13 8K6 ZB . -0.53 -24.05 -43.69
C14 8K6 ZB . -2.01 -24.24 -43.66
C15 8K6 ZB . -2.58 -24.41 -42.28
C16 8K6 ZB . -3.34 -23.22 -41.77
C17 8K6 ZB . -4.83 -23.41 -41.69
C18 8K6 ZB . -5.53 -22.21 -41.11
MG BCL AC . -0.94 -34.52 -27.01
CHA BCL AC . -3.26 -36.03 -25.02
CHB BCL AC . -2.94 -31.88 -27.36
CHC BCL AC . 1.53 -33.01 -28.70
CHD BCL AC . 1.37 -37.05 -26.17
NA BCL AC . -2.82 -34.09 -26.48
C1A BCL AC . -3.61 -34.76 -25.72
C2A BCL AC . -4.95 -34.12 -25.59
C3A BCL AC . -4.92 -33.03 -26.62
C4A BCL AC . -3.47 -32.99 -26.88
CMA BCL AC . -5.74 -33.38 -27.85
CAA BCL AC . -5.17 -33.50 -24.23
CBA BCL AC . -6.59 -33.84 -23.80
CGA BCL AC . -7.08 -32.93 -22.72
O1A BCL AC . -6.30 -32.26 -22.07
O2A BCL AC . -8.50 -32.86 -22.45
NB BCL AC . -0.71 -32.69 -27.90
C1B BCL AC . -1.62 -31.72 -27.98
C2B BCL AC . -1.22 -30.47 -28.67
C3B BCL AC . 0.15 -30.82 -29.08
C4B BCL AC . 0.33 -32.20 -28.56
CMB BCL AC . -2.06 -29.26 -28.86
CAB BCL AC . 1.17 -30.01 -29.84
OBB BCL AC . 2.27 -30.44 -29.99
CBB BCL AC . 0.84 -28.66 -30.41
NC BCL AC . 0.96 -34.96 -27.48
C1C BCL AC . 1.75 -34.24 -28.28
C2C BCL AC . 3.02 -34.91 -28.64
C3C BCL AC . 3.02 -36.07 -27.71
C4C BCL AC . 1.68 -35.96 -27.10
CMC BCL AC . 3.08 -35.38 -30.08
CAC BCL AC . 4.06 -35.97 -26.61
CBC BCL AC . 5.31 -36.73 -26.98
ND BCL AC . -0.82 -36.19 -25.85
C1D BCL AC . 0.06 -37.15 -25.60
C2D BCL AC . -0.43 -38.21 -24.69
C3D BCL AC . -1.80 -37.72 -24.48
C4D BCL AC . -1.94 -36.59 -25.18
CMD BCL AC . 0.13 -39.44 -24.09
CAD BCL AC . -3.06 -37.99 -23.79
OBD BCL AC . -3.28 -38.99 -23.04
CBD BCL AC . -4.05 -36.94 -24.12
CGD BCL AC . -5.22 -37.55 -24.80
O1D BCL AC . -5.16 -37.96 -25.93
O2D BCL AC . -6.50 -37.68 -24.15
CED BCL AC . -7.41 -38.60 -24.71
C1 BCL AC . -8.97 -32.75 -21.12
C2 BCL AC . -10.41 -32.27 -21.08
C3 BCL AC . -11.37 -33.04 -20.56
C4 BCL AC . -11.09 -34.39 -20.02
C5 BCL AC . -12.81 -32.58 -20.51
C6 BCL AC . -13.69 -33.82 -20.50
C7 BCL AC . -14.54 -33.87 -21.77
C8 BCL AC . -14.31 -35.12 -22.61
C9 BCL AC . -14.27 -36.36 -21.75
C10 BCL AC . -13.03 -35.00 -23.45
C11 BCL AC . -13.09 -33.89 -24.50
C12 BCL AC . -11.74 -33.21 -24.62
C13 BCL AC . -11.03 -33.39 -25.96
C14 BCL AC . -12.01 -33.69 -27.10
C15 BCL AC . -9.99 -34.49 -25.84
C16 BCL AC . -9.46 -34.89 -27.20
C17 BCL AC . -8.82 -36.26 -27.15
C18 BCL AC . -8.85 -37.02 -28.48
C19 BCL AC . -7.82 -36.47 -29.46
C20 BCL AC . -10.26 -37.00 -29.08
CA CA BC . 10.29 -33.03 -34.06
MG BCL CC . 0.79 -39.57 -19.26
CHA BCL CC . -1.89 -37.44 -19.65
CHB BCL CC . -0.74 -41.11 -16.74
CHC BCL CC . 3.61 -41.40 -18.82
CHD BCL CC . 2.65 -37.56 -21.46
NA BCL CC . -1.00 -39.37 -18.37
C1A BCL CC . -1.99 -38.59 -18.70
C2A BCL CC . -3.18 -38.78 -17.81
C3A BCL CC . -2.63 -39.58 -16.67
C4A BCL CC . -1.36 -40.06 -17.29
CMA BCL CC . -2.43 -38.74 -15.44
CAA BCL CC . -4.34 -39.55 -18.40
CBA BCL CC . -5.67 -38.84 -18.24
CGA BCL CC . -6.40 -39.14 -16.96
O1A BCL CC . -6.60 -38.24 -16.17
O2A BCL CC . -6.91 -40.48 -16.67
NB BCL CC . 1.39 -41.03 -17.95
C1B BCL CC . 0.62 -41.57 -17.00
C2B BCL CC . 1.24 -42.63 -16.19
C3B BCL CC . 2.59 -42.74 -16.80
C4B BCL CC . 2.54 -41.71 -17.88
CMB BCL CC . 0.55 -43.34 -15.07
CAB BCL CC . 3.74 -43.65 -16.45
OBB BCL CC . 4.68 -43.77 -17.20
CBB BCL CC . 3.78 -44.43 -15.19
NC BCL CC . 2.66 -39.56 -20.01
C1C BCL CC . 3.66 -40.37 -19.66
C2C BCL CC . 4.94 -40.08 -20.39
C3C BCL CC . 4.55 -39.06 -21.38
C4C BCL CC . 3.17 -38.78 -20.89
CMC BCL CC . 5.99 -39.50 -19.48
CAC BCL CC . 4.51 -39.51 -22.81
CBC BCL CC . 5.81 -39.24 -23.54
ND BCL CC . 0.58 -37.86 -20.32
C1D BCL CC . 1.31 -37.17 -21.17
C2D BCL CC . 0.65 -36.01 -21.74
C3D BCL CC . -0.67 -36.14 -21.12
C4D BCL CC . -0.63 -37.23 -20.34
CMD BCL CC . 1.15 -35.00 -22.69
CAD BCL CC . -1.99 -35.51 -20.98
OBD BCL CC . -2.37 -34.48 -21.61
CBD BCL CC . -2.86 -36.36 -20.11
CGD BCL CC . -3.67 -35.56 -19.14
O1D BCL CC . -3.19 -34.73 -18.41
O2D BCL CC . -5.10 -35.76 -19.11
CED BCL CC . -6.00 -34.67 -19.25
C1 BCL CC . -6.63 -41.18 -15.45
C2 BCL CC . -5.34 -41.92 -15.61
C3 BCL CC . -5.26 -43.14 -16.15
C4 BCL CC . -6.46 -43.89 -16.63
C5 BCL CC . -3.91 -43.78 -16.29
C6 BCL CC . -3.74 -44.22 -17.73
C7 BCL CC . -2.43 -43.73 -18.32
C8 BCL CC . -1.69 -44.77 -19.16
C9 BCL CC . -2.55 -45.98 -19.47
C10 BCL CC . -0.44 -45.21 -18.41
C11 BCL CC . 0.70 -45.42 -19.39
C12 BCL CC . 1.68 -46.43 -18.84
C13 BCL CC . 2.97 -46.45 -19.64
C14 BCL CC . 2.71 -46.98 -21.06
C15 BCL CC . 4.00 -47.28 -18.89
C16 BCL CC . 5.03 -47.93 -19.78
C17 BCL CC . 5.24 -49.39 -19.42
C18 BCL CC . 6.11 -50.10 -20.44
C19 BCL CC . 5.31 -51.12 -21.23
C20 BCL CC . 7.31 -50.76 -19.77
C1 8K6 DC . -3.82 -37.36 -28.99
C2 8K6 DC . -2.33 -37.26 -28.82
C3 8K6 DC . -1.63 -38.51 -29.27
C4 8K6 DC . -0.15 -38.43 -29.11
C5 8K6 DC . 0.59 -39.62 -29.64
C6 8K6 DC . 0.99 -39.49 -31.07
C7 8K6 DC . 2.45 -39.19 -31.26
C8 8K6 DC . 3.13 -40.04 -32.29
C9 8K6 DC . 2.27 -40.36 -33.48
C10 8K6 DC . 2.86 -41.40 -34.39
C11 8K6 DC . 2.90 -42.79 -33.79
C12 8K6 DC . 3.03 -43.89 -34.79
C13 8K6 DC . 4.14 -44.88 -34.49
C14 8K6 DC . 5.18 -44.97 -35.58
C15 8K6 DC . 6.44 -44.22 -35.29
C16 8K6 DC . 7.70 -45.05 -35.38
C17 8K6 DC . 8.90 -44.28 -35.84
C18 8K6 DC . 9.85 -43.87 -34.75
C1M CRT EC . -29.92 -36.14 -13.11
O1 CRT EC . -29.48 -37.02 -14.14
C1 CRT EC . -30.43 -37.41 -15.15
C2 CRT EC . -31.60 -38.11 -14.47
C3 CRT EC . -30.88 -36.15 -15.87
C4 CRT EC . -29.75 -38.37 -16.14
C5 CRT EC . -28.59 -37.81 -16.90
C6 CRT EC . -27.31 -38.12 -16.71
C7 CRT EC . -26.22 -37.72 -17.49
C8 CRT EC . -26.49 -37.06 -18.79
C9 CRT EC . -24.88 -37.92 -17.11
C10 CRT EC . -23.71 -37.62 -17.79
C11 CRT EC . -22.45 -37.84 -17.28
C12 CRT EC . -21.18 -37.67 -17.88
C13 CRT EC . -21.12 -37.15 -19.27
C14 CRT EC . -19.99 -37.97 -17.20
C15 CRT EC . -18.68 -37.90 -17.63
C16 CRT EC . -17.63 -38.25 -16.80
C17 CRT EC . -16.25 -38.26 -17.04
C18 CRT EC . -15.74 -37.94 -18.39
C19 CRT EC . -15.33 -38.55 -16.01
C20 CRT EC . -13.95 -38.59 -16.04
C21 CRT EC . -13.10 -38.74 -14.96
C22 CRT EC . -11.72 -38.80 -14.83
C23 CRT EC . -10.96 -38.80 -13.65
C24 CRT EC . -11.67 -38.73 -12.35
C25 CRT EC . -9.56 -38.86 -13.63
C26 CRT EC . -8.69 -38.64 -12.57
C27 CRT EC . -7.31 -38.67 -12.62
C28 CRT EC . -6.38 -38.21 -11.68
C29 CRT EC . -6.89 -37.68 -10.39
C30 CRT EC . -5.00 -38.21 -11.91
C31 CRT EC . -3.99 -37.59 -11.19
C32 CRT EC . -2.66 -37.59 -11.51
C33 CRT EC . -1.60 -36.86 -10.93
C34 CRT EC . -1.91 -35.98 -9.78
C35 CRT EC . -0.28 -36.94 -11.38
C36 CRT EC . 0.70 -36.12 -11.01
C37 CRT EC . 2.13 -36.18 -11.47
C38 CRT EC . 2.54 -35.13 -12.50
C39 CRT EC . 4.05 -35.14 -12.70
C40 CRT EC . 1.81 -35.37 -13.82
O2 CRT EC . 2.14 -33.84 -12.02
C2M CRT EC . 2.18 -32.75 -12.91
MG BCL FC . 3.10 -42.18 -11.41
CHA BCL FC . 0.98 -43.07 -8.91
CHB BCL FC . 0.76 -40.25 -12.79
CHC BCL FC . 5.40 -41.15 -13.62
CHD BCL FC . 5.71 -43.93 -9.81
NA BCL FC . 1.17 -41.80 -11.01
C1A BCL FC . 0.49 -42.20 -10.01
C2A BCL FC . -0.92 -41.69 -10.05
C3A BCL FC . -1.04 -41.07 -11.40
C4A BCL FC . 0.40 -41.04 -11.79
CMA BCL FC . -1.88 -41.92 -12.34
CAA BCL FC . -1.17 -40.64 -9.00
CBA BCL FC . -2.51 -40.94 -8.38
CGA BCL FC . -3.12 -39.71 -7.78
O1A BCL FC . -2.45 -38.75 -7.49
O2A BCL FC . -4.54 -39.70 -7.54
NB BCL FC . 3.10 -40.86 -12.97
C1B BCL FC . 2.06 -40.16 -13.42
C2B BCL FC . 2.30 -39.28 -14.56
C3B BCL FC . 3.72 -39.54 -14.84
C4B BCL FC . 4.09 -40.54 -13.79
CMB BCL FC . 1.30 -38.40 -15.23
CAB BCL FC . 4.63 -38.96 -15.88
OBB BCL FC . 5.80 -39.23 -15.86
CBB BCL FC . 4.12 -38.04 -16.95
NC BCL FC . 5.03 -42.59 -11.79
C1C BCL FC . 5.72 -42.15 -12.84
C2C BCL FC . 7.02 -42.84 -13.05
C3C BCL FC . 7.18 -43.55 -11.74
C4C BCL FC . 5.86 -43.30 -11.11
CMC BCL FC . 7.02 -43.82 -14.20
CAC BCL FC . 8.24 -42.94 -10.86
CBC BCL FC . 9.55 -43.66 -11.00
ND BCL FC . 3.42 -43.27 -9.72
C1D BCL FC . 4.42 -43.96 -9.18
C2D BCL FC . 4.05 -44.64 -7.92
C3D BCL FC . 2.64 -44.25 -7.85
C4D BCL FC . 2.37 -43.50 -8.91
CMD BCL FC . 4.74 -45.50 -6.94
CAD BCL FC . 1.41 -44.39 -7.04
OBD BCL FC . 1.31 -45.05 -5.97
CBD BCL FC . 0.31 -43.64 -7.69
CGD BCL FC . -0.79 -44.59 -8.01
O1D BCL FC . -0.69 -45.40 -8.91
O2D BCL FC . -2.03 -44.58 -7.29
CED BCL FC . -2.94 -45.66 -7.54
C1 BCL FC . -5.06 -39.33 -6.27
C2 BCL FC . -6.43 -38.76 -6.47
C3 BCL FC . -7.51 -39.16 -5.79
C4 BCL FC . -7.46 -40.24 -4.76
C5 BCL FC . -8.83 -38.53 -6.08
C6 BCL FC . -9.72 -39.57 -6.74
C7 BCL FC . -9.94 -39.29 -8.22
C8 BCL FC . -9.82 -40.56 -9.06
C9 BCL FC . -11.06 -41.42 -8.96
C10 BCL FC . -8.59 -41.36 -8.64
C11 BCL FC . -7.94 -41.98 -9.86
C12 BCL FC . -6.42 -41.99 -9.74
C13 BCL FC . -5.82 -42.81 -10.86
C14 BCL FC . -6.75 -42.90 -12.07
C15 BCL FC . -5.51 -44.21 -10.35
C16 BCL FC . -4.34 -44.79 -11.13
C17 BCL FC . -4.65 -46.19 -11.62
C18 BCL FC . -3.50 -46.78 -12.43
C19 BCL FC . -2.51 -47.51 -11.53
C20 BCL FC . -2.78 -45.72 -13.26
CA CA GC . 14.00 -42.45 -19.03
MG BCL HC . 5.47 -43.64 -2.43
CHA BCL HC . 2.56 -42.10 -3.43
CHB BCL HC . 4.17 -44.26 0.57
CHC BCL HC . 8.50 -44.77 -1.48
CHD BCL HC . 7.04 -42.44 -5.33
NA BCL HC . 3.67 -43.31 -1.58
C1A BCL HC . 2.61 -42.82 -2.12
C2A BCL HC . 1.46 -42.74 -1.14
C3A BCL HC . 2.12 -43.03 0.17
C4A BCL HC . 3.42 -43.56 -0.29
CMA BCL HC . 2.23 -41.77 1.01
CAA BCL HC . 0.36 -43.76 -1.34
CBA BCL HC . -1.00 -43.09 -1.46
CGA BCL HC . -1.81 -43.03 -0.18
O1A BCL HC . -2.98 -42.75 -0.22
O2A BCL HC . -1.23 -43.31 1.11
NB BCL HC . 6.25 -44.38 -0.69
C1B BCL HC . 5.59 -44.61 0.45
C2B BCL HC . 6.37 -45.18 1.56
C3B BCL HC . 7.70 -45.35 0.94
C4B BCL HC . 7.49 -44.84 -0.44
CMB BCL HC . 5.82 -45.47 2.93
CAB BCL HC . 8.99 -45.87 1.50
OBB BCL HC . 9.94 -46.07 0.80
CBB BCL HC . 9.17 -46.16 2.94
NC BCL HC . 7.31 -43.71 -3.24
C1C BCL HC . 8.41 -44.19 -2.66
C2C BCL HC . 9.63 -44.06 -3.51
C3C BCL HC . 9.09 -43.60 -4.81
C4C BCL HC . 7.71 -43.29 -4.39
CMC BCL HC . 10.59 -43.03 -2.98
CAC BCL HC . 9.10 -44.64 -5.92
CBC BCL HC . 10.33 -44.50 -6.81
ND BCL HC . 5.04 -42.50 -4.04
C1D BCL HC . 5.67 -42.12 -5.14
C2D BCL HC . 4.88 -41.33 -6.05
C3D BCL HC . 3.59 -41.35 -5.35
C4D BCL HC . 3.76 -42.05 -4.23
CMD BCL HC . 5.24 -40.72 -7.34
CAD BCL HC . 2.21 -40.86 -5.39
OBD BCL HC . 1.69 -40.19 -6.34
CBD BCL HC . 1.45 -41.40 -4.22
CGD BCL HC . 0.50 -40.39 -3.65
O1D BCL HC . 0.83 -39.32 -3.20
O2D BCL HC . -0.89 -40.75 -3.68
CED BCL HC . -1.92 -39.78 -3.79
C1 BCL HC . -1.82 -44.26 1.98
C2 BCL HC . -1.34 -45.63 1.58
C3 BCL HC . -0.34 -46.18 2.25
C4 BCL HC . 0.28 -45.43 3.38
C5 BCL HC . 0.18 -47.53 1.86
C6 BCL HC . 1.69 -47.50 1.75
C7 BCL HC . 2.18 -47.24 0.33
C8 BCL HC . 3.15 -48.29 -0.19
C9 BCL HC . 2.60 -49.69 0.00
C10 BCL HC . 4.50 -48.21 0.50
C11 BCL HC . 5.38 -49.38 0.08
C12 BCL HC . 6.83 -48.98 -0.12
C13 BCL HC . 7.72 -50.06 0.48
C14 BCL HC . 7.56 -50.11 2.00
C15 BCL HC . 9.17 -49.84 0.09
C16 BCL HC . 10.13 -50.65 0.94
C17 BCL HC . 11.08 -51.47 0.07
C18 BCL HC . 11.38 -52.82 0.69
C19 BCL HC . 12.87 -52.99 0.97
C20 BCL HC . 10.90 -53.96 -0.20
C1 8K6 IC . 1.09 -45.55 -12.11
C2 8K6 IC . 2.15 -46.58 -11.84
C3 8K6 IC . 3.53 -46.03 -12.01
C4 8K6 IC . 4.64 -46.96 -11.63
C5 8K6 IC . 5.05 -47.89 -12.72
C6 8K6 IC . 6.50 -47.80 -13.09
C7 8K6 IC . 6.81 -48.27 -14.48
C8 8K6 IC . 7.64 -49.52 -14.54
C9 8K6 IC . 7.09 -50.56 -15.48
C10 8K6 IC . 8.02 -51.72 -15.71
C11 8K6 IC . 7.86 -52.86 -14.72
C12 8K6 IC . 8.91 -53.94 -14.83
C13 8K6 IC . 10.25 -53.44 -15.31
C14 8K6 IC . 11.29 -54.52 -15.48
C15 8K6 IC . 12.59 -54.04 -16.07
C16 8K6 IC . 13.72 -53.95 -15.07
C17 8K6 IC . 14.99 -53.33 -15.59
C18 8K6 IC . 14.83 -51.90 -16.06
C1M CRT JC . -24.83 -41.50 3.57
O1 CRT JC . -24.56 -42.73 2.90
C1 CRT JC . -25.62 -43.33 2.13
C2 CRT JC . -26.78 -43.59 3.06
C3 CRT JC . -26.00 -42.34 1.03
C4 CRT JC . -25.13 -44.65 1.51
C5 CRT JC . -23.98 -44.56 0.55
C6 CRT JC . -22.74 -44.16 0.82
C7 CRT JC . -21.66 -44.17 -0.08
C8 CRT JC . -21.93 -44.59 -1.47
C9 CRT JC . -20.36 -43.81 0.27
C10 CRT JC . -19.20 -43.84 -0.49
C11 CRT JC . -17.93 -43.55 -0.04
C12 CRT JC . -16.69 -43.62 -0.71
C13 CRT JC . -16.68 -43.97 -2.15
C14 CRT JC . -15.48 -43.38 -0.05
C15 CRT JC . -14.17 -43.48 -0.53
C16 CRT JC . -13.08 -43.28 0.29
C17 CRT JC . -11.70 -43.32 0.01
C18 CRT JC . -11.25 -43.65 -1.36
C19 CRT JC . -10.74 -43.07 1.01
C20 CRT JC . -9.36 -43.04 0.93
C21 CRT JC . -8.48 -42.66 1.93
C22 CRT JC . -7.10 -42.57 2.00
C23 CRT JC . -6.33 -42.02 3.05
C24 CRT JC . -7.04 -41.49 4.23
C25 CRT JC . -4.93 -41.93 3.02
C26 CRT JC . -4.10 -41.22 3.86
C27 CRT JC . -2.71 -41.11 3.77
C28 CRT JC . -1.86 -40.21 4.42
C29 CRT JC . -2.42 -39.27 5.41
C30 CRT JC . -0.48 -40.15 4.16
C31 CRT JC . 0.43 -39.19 4.52
C32 CRT JC . 1.78 -39.17 4.17
C33 CRT JC . 2.72 -38.16 4.35
C34 CRT JC . 2.31 -36.91 5.03
C35 CRT JC . 4.06 -38.27 3.92
C36 CRT JC . 4.94 -37.26 3.87
C37 CRT JC . 6.35 -37.37 3.41
C38 CRT JC . 6.64 -36.80 2.02
C39 CRT JC . 8.14 -36.76 1.76
C40 CRT JC . 5.92 -37.61 0.96
O2 CRT JC . 6.13 -35.46 1.96
C2M CRT JC . 6.05 -34.82 0.71
MG BCL KC . 8.11 -42.66 5.73
CHA BCL KC . 6.15 -42.68 8.51
CHB BCL KC . 5.53 -41.74 3.83
CHC BCL KC . 10.25 -42.34 3.17
CHD BCL KC . 10.91 -43.48 7.72
NA BCL KC . 6.17 -42.34 6.06
C1A BCL KC . 5.55 -42.36 7.19
C2A BCL KC . 4.10 -42.01 7.02
C3A BCL KC . 3.88 -42.14 5.55
C4A BCL KC . 5.28 -42.08 5.09
CMA BCL KC . 3.24 -43.45 5.17
CAA BCL KC . 3.82 -40.60 7.47
CBA BCL KC . 2.76 -40.66 8.55
CGA BCL KC . 1.84 -39.49 8.41
O1A BCL KC . 2.26 -38.40 8.12
O2A BCL KC . 0.43 -39.69 8.64
NB BCL KC . 7.95 -42.11 3.77
C1B BCL KC . 6.82 -41.77 3.14
C2B BCL KC . 6.95 -41.39 1.72
C3B BCL KC . 8.38 -41.57 1.51
C4B BCL KC . 8.88 -42.02 2.83
CMB BCL KC . 5.84 -40.98 0.81
CAB BCL KC . 9.21 -41.37 0.27
OBB BCL KC . 10.40 -41.48 0.32
CBB BCL KC . 8.58 -40.99 -1.03
NC BCL KC . 10.07 -43.00 5.43
C1C BCL KC . 10.70 -42.92 4.27
C2C BCL KC . 12.09 -43.44 4.27
C3C BCL KC . 12.33 -43.63 5.72
C4C BCL KC . 10.98 -43.34 6.27
CMC BCL KC . 12.24 -44.74 3.52
CAC BCL KC . 13.31 -42.63 6.31
CBC BCL KC . 14.73 -43.15 6.23
ND BCL KC . 8.58 -43.00 7.68
C1D BCL KC . 9.64 -43.36 8.40
C2D BCL KC . 9.37 -43.53 9.83
C3D BCL KC . 7.93 -43.25 9.84
C4D BCL KC . 7.57 -42.97 8.59
CMD BCL KC . 10.19 -43.88 11.01
CAD BCL KC . 6.75 -43.15 10.71
OBD BCL KC . 6.74 -43.36 11.96
CBD BCL KC . 5.57 -42.81 9.89
CGD BCL KC . 4.56 -43.90 10.00
O1D BCL KC . 4.75 -44.96 9.48
O2D BCL KC . 3.32 -43.77 10.72
CED BCL KC . 2.54 -44.94 10.89
C1 BCL KC . -0.19 -38.98 9.71
C2 BCL KC . -1.65 -38.82 9.40
C3 BCL KC . -2.59 -39.03 10.34
C4 BCL KC . -2.26 -39.44 11.72
C5 BCL KC . -4.04 -38.87 9.97
C6 BCL KC . -4.84 -39.98 10.66
C7 BCL KC . -4.79 -41.31 9.91
C8 BCL KC . -5.04 -41.18 8.41
C9 BCL KC . -6.53 -41.06 8.12
C10 BCL KC . -4.45 -42.40 7.73
C11 BCL KC . -2.93 -42.38 7.86
C12 BCL KC . -2.31 -43.43 6.96
C13 BCL KC . -1.05 -43.96 7.63
C14 BCL KC . 0.11 -43.05 7.35
C15 BCL KC . -0.79 -45.37 7.12
C16 BCL KC . 0.55 -45.90 7.56
C17 BCL KC . 0.50 -47.42 7.61
C18 BCL KC . 1.71 -48.12 6.99
C19 BCL KC . 2.72 -48.50 8.06
C20 BCL KC . 2.38 -47.29 5.89
CA CA LC . 18.86 -44.64 -1.93
MG BCL MC . 10.68 -40.22 14.35
CHA BCL MC . 7.60 -39.52 12.95
CHB BCL MC . 9.46 -39.66 17.39
CHC BCL MC . 13.82 -40.63 15.53
CHD BCL MC . 12.11 -40.06 11.14
NA BCL MC . 8.86 -39.78 15.07
C1A BCL MC . 7.74 -39.66 14.43
C2A BCL MC . 6.57 -39.39 15.35
C3A BCL MC . 7.26 -39.02 16.63
C4A BCL MC . 8.63 -39.50 16.37
CMA BCL MC . 7.20 -37.53 16.89
CAA BCL MC . 5.66 -40.55 15.61
CBA BCL MC . 4.19 -40.23 15.42
CGA BCL MC . 3.51 -39.52 16.56
O1A BCL MC . 3.09 -38.39 16.42
O2A BCL MC . 3.35 -40.16 17.84
NB BCL MC . 11.54 -40.14 16.20
C1B BCL MC . 10.91 -39.93 17.35
C2B BCL MC . 11.74 -39.94 18.57
C3B BCL MC . 13.07 -40.25 18.03
C4B BCL MC . 12.82 -40.35 16.56
CMB BCL MC . 11.22 -39.71 19.96
CAB BCL MC . 14.39 -40.39 18.75
OBB BCL MC . 15.33 -40.90 18.18
CBB BCL MC . 14.60 -39.92 20.15
NC BCL MC . 12.52 -40.41 13.55
C1C BCL MC . 13.67 -40.52 14.22
C2C BCL MC . 14.87 -40.59 13.33
C3C BCL MC . 14.28 -40.70 11.97
C4C BCL MC . 12.87 -40.41 12.32
CMC BCL MC . 15.71 -39.33 13.37
CAC BCL MC . 14.40 -42.07 11.33
CBC BCL MC . 15.62 -42.16 10.43
ND BCL MC . 10.11 -39.85 12.44
C1D BCL MC . 10.70 -39.85 11.25
C2D BCL MC . 9.82 -39.57 10.13
C3D BCL MC . 8.55 -39.45 10.85
C4D BCL MC . 8.80 -39.64 12.15
CMD BCL MC . 10.11 -39.46 8.69
CAD BCL MC . 7.11 -39.18 10.68
OBD BCL MC . 6.52 -38.97 9.59
CBD BCL MC . 6.42 -39.29 12.01
CGD BCL MC . 5.44 -38.19 12.25
O1D BCL MC . 5.73 -37.03 12.14
O2D BCL MC . 4.09 -38.55 12.63
CED BCL MC . 2.97 -38.13 11.88
C1 BCL MC . 3.98 -39.65 19.02
C2 BCL MC . 3.96 -40.71 20.09
C3 BCL MC . 5.03 -41.45 20.36
C4 BCL MC . 4.96 -42.50 21.43
C5 BCL MC . 6.31 -41.22 19.61
C6 BCL MC . 6.84 -42.52 19.04
C7 BCL MC . 8.33 -42.55 19.27
C8 BCL MC . 9.07 -43.59 18.46
C9 BCL MC . 8.58 -44.96 18.83
C10 BCL MC . 10.53 -43.36 18.77
C11 BCL MC . 11.34 -44.63 18.95
C12 BCL MC . 12.75 -44.32 19.42
C13 BCL MC . 13.80 -44.59 18.36
C14 BCL MC . 13.22 -45.30 17.16
C15 BCL MC . 14.90 -45.50 18.87
C16 BCL MC . 16.02 -44.75 19.57
C17 BCL MC . 17.30 -45.58 19.54
C18 BCL MC . 17.25 -46.80 20.44
C19 BCL MC . 16.87 -46.41 21.87
C20 BCL MC . 18.57 -47.54 20.44
C1M CRT NC . -19.61 -39.25 20.66
O1 CRT NC . -19.17 -40.59 20.52
C1 CRT NC . -20.13 -41.58 20.13
C2 CRT NC . -21.25 -41.58 21.15
C3 CRT NC . -20.64 -41.19 18.75
C4 CRT NC . -19.47 -42.97 20.08
C5 CRT NC . -18.37 -43.14 19.08
C6 CRT NC . -17.19 -42.51 19.07
C7 CRT NC . -16.13 -42.78 18.19
C8 CRT NC . -16.35 -43.77 17.11
C9 CRT NC . -14.87 -42.16 18.27
C10 CRT NC . -13.72 -42.39 17.53
C11 CRT NC . -12.49 -41.80 17.75
C12 CRT NC . -11.27 -42.02 17.12
C13 CRT NC . -11.21 -42.96 15.98
C14 CRT NC . -10.08 -41.41 17.55
C15 CRT NC . -8.77 -41.55 17.12
C16 CRT NC . -7.72 -40.90 17.72
C17 CRT NC . -6.34 -40.91 17.43
C18 CRT NC . -5.85 -41.73 16.31
C19 CRT NC . -5.43 -40.14 18.19
C20 CRT NC . -4.06 -39.99 18.05
C21 CRT NC . -3.24 -39.13 18.76
C22 CRT NC . -1.89 -38.87 18.75
C23 CRT NC . -1.19 -37.86 19.46
C24 CRT NC . -1.97 -36.98 20.36
C25 CRT NC . 0.19 -37.65 19.34
C26 CRT NC . 0.93 -36.57 19.78
C27 CRT NC . 2.29 -36.36 19.59
C28 CRT NC . 3.05 -35.20 19.75
C29 CRT NC . 2.40 -34.00 20.33
C30 CRT NC . 4.40 -35.12 19.38
C31 CRT NC . 5.22 -34.01 19.28
C32 CRT NC . 6.50 -34.05 18.79
C33 CRT NC . 7.41 -33.00 18.53
C34 CRT NC . 7.01 -31.62 18.86
C35 CRT NC . 8.68 -33.22 17.98
C36 CRT NC . 9.59 -32.30 17.65
C37 CRT NC . 10.95 -32.60 17.12
C38 CRT NC . 11.28 -32.01 15.74
C39 CRT NC . 12.70 -32.38 15.34
C40 CRT NC . 10.27 -32.46 14.71
O2 CRT NC . 11.21 -30.58 15.86
C2M CRT NC . 11.45 -29.82 14.69
C1 8K6 OC . 5.97 -46.85 7.02
C2 8K6 OC . 6.95 -45.79 6.64
C3 8K6 OC . 8.25 -46.35 6.16
C4 8K6 OC . 8.92 -47.24 7.15
C5 8K6 OC . 10.42 -47.17 7.11
C6 8K6 OC . 11.06 -48.28 6.33
C7 8K6 OC . 12.35 -47.91 5.69
C8 8K6 OC . 13.31 -49.05 5.50
C9 8K6 OC . 12.67 -50.32 5.00
C10 8K6 OC . 13.67 -51.41 4.69
C11 8K6 OC . 13.43 -52.69 5.43
C12 8K6 OC . 14.39 -52.93 6.57
C13 8K6 OC . 15.10 -54.26 6.52
C14 8K6 OC . 16.56 -54.19 6.84
C15 8K6 OC . 17.47 -54.27 5.64
C16 8K6 OC . 18.94 -54.25 5.96
C17 8K6 OC . 19.77 -53.49 4.96
C18 8K6 OC . 21.01 -52.84 5.54
MG BCL PC . 13.21 -35.96 21.31
CHA BCL PC . 11.28 -35.08 23.98
CHB BCL PC . 10.52 -35.94 19.33
CHC BCL PC . 15.26 -36.46 18.70
CHD BCL PC . 16.09 -35.52 23.30
NA BCL PC . 11.25 -35.74 21.59
C1A BCL PC . 10.63 -35.39 22.66
C2A BCL PC . 9.16 -35.28 22.47
C3A BCL PC . 8.95 -35.98 21.16
C4A BCL PC . 10.33 -35.92 20.64
CMA BCL PC . 8.44 -37.39 21.32
CAA BCL PC . 8.72 -33.84 22.35
CBA BCL PC . 7.74 -33.53 23.45
CGA BCL PC . 6.66 -32.62 22.95
O1A BCL PC . 6.92 -31.69 22.23
O2A BCL PC . 5.29 -32.87 23.34
NB BCL PC . 12.95 -36.16 19.29
C1B BCL PC . 11.79 -36.13 18.63
C2B BCL PC . 11.86 -36.29 17.16
C3B BCL PC . 13.31 -36.45 16.96
C4B BCL PC . 13.86 -36.37 18.34
CMB BCL PC . 10.70 -36.29 16.23
CAB BCL PC . 14.08 -36.66 15.70
OBB BCL PC . 15.29 -36.61 15.73
CBB BCL PC . 13.42 -36.91 14.38
NC BCL PC . 15.19 -36.14 21.06
C1C BCL PC . 15.80 -36.47 19.91
C2C BCL PC . 17.25 -36.77 20.06
C3C BCL PC . 17.51 -36.30 21.45
C4C BCL PC . 16.14 -35.97 21.91
CMC BCL PC . 17.58 -38.24 19.93
CAC BCL PC . 18.35 -35.05 21.52
CBC BCL PC . 19.80 -35.38 21.72
ND BCL PC . 13.72 -35.39 23.20
C1D BCL PC . 14.83 -35.29 23.93
C2D BCL PC . 14.59 -34.88 25.32
C3D BCL PC . 13.13 -34.81 25.30
C4D BCL PC . 12.72 -35.13 24.08
CMD BCL PC . 15.44 -34.62 26.51
CAD BCL PC . 11.95 -34.51 26.13
OBD BCL PC . 11.97 -34.19 27.35
CBD BCL PC . 10.72 -34.69 25.31
CGD BCL PC . 9.90 -35.77 25.93
O1D BCL PC . 10.27 -36.92 25.91
O2D BCL PC . 8.65 -35.53 26.59
CED BCL PC . 8.04 -36.63 27.26
C1 BCL PC . 4.57 -31.88 24.04
C2 BCL PC . 3.10 -32.10 23.83
C3 BCL PC . 2.20 -32.04 24.82
C4 BCL PC . 2.58 -31.74 26.24
C5 BCL PC . 0.75 -32.29 24.51
C6 BCL PC . 0.14 -33.14 25.61
C7 BCL PC . 0.46 -34.63 25.46
C8 BCL PC . 0.12 -35.18 24.08
C9 BCL PC . -1.37 -35.46 23.96
C10 BCL PC . 0.93 -36.45 23.87
C11 BCL PC . 2.40 -36.11 23.68
C12 BCL PC . 3.17 -37.33 23.24
C13 BCL PC . 4.40 -37.48 24.12
C14 BCL PC . 5.44 -36.49 23.70
C15 BCL PC . 4.89 -38.91 24.01
C16 BCL PC . 6.24 -39.10 24.69
C17 BCL PC . 6.41 -40.57 25.07
C18 BCL PC . 7.79 -41.11 24.72
C19 BCL PC . 8.82 -40.61 25.73
C20 BCL PC . 8.22 -40.77 23.30
CA CA QC . 24.09 -39.59 14.69
MG BCL RC . 19.40 -14.80 36.76
CHA BCL RC . 16.34 -16.01 35.72
CHB BCL RC . 17.96 -12.92 39.01
CHC BCL RC . 22.43 -13.38 37.28
CHD BCL RC . 20.91 -16.59 34.15
NA BCL RC . 17.49 -14.43 37.25
C1A BCL RC . 16.42 -15.03 36.85
C2A BCL RC . 15.19 -14.41 37.46
C3A BCL RC . 15.74 -13.14 38.02
C4A BCL RC . 17.16 -13.46 38.11
CMA BCL RC . 15.55 -12.06 37.01
CAA BCL RC . 14.57 -15.19 38.59
CBA BCL RC . 13.07 -15.30 38.46
CGA BCL RC . 12.28 -14.20 39.14
O1A BCL RC . 11.37 -13.68 38.54
O2A BCL RC . 12.56 -13.78 40.49
NB BCL RC . 20.13 -13.33 37.98
C1B BCL RC . 19.41 -12.67 38.90
C2B BCL RC . 20.11 -11.63 39.67
C3B BCL RC . 21.50 -11.75 39.15
C4B BCL RC . 21.36 -12.85 38.13
CMB BCL RC . 19.44 -10.77 40.72
CAB BCL RC . 22.75 -11.01 39.51
OBB BCL RC . 23.84 -11.41 39.19
CBB BCL RC . 22.72 -9.73 40.29
NC BCL RC . 21.26 -15.07 36.05
C1C BCL RC . 22.34 -14.38 36.41
C2C BCL RC . 23.56 -14.83 35.69
C3C BCL RC . 23.12 -16.04 34.95
C4C BCL RC . 21.66 -15.88 35.14
CMC BCL RC . 24.04 -13.79 34.71
CAC BCL RC . 23.56 -17.39 35.50
CBC BCL RC . 24.72 -17.94 34.71
ND BCL RC . 18.88 -16.01 35.21
C1D BCL RC . 19.50 -16.69 34.27
C2D BCL RC . 18.64 -17.49 33.41
C3D BCL RC . 17.35 -17.19 34.02
C4D BCL RC . 17.57 -16.37 35.05
CMD BCL RC . 18.91 -18.36 32.24
CAD BCL RC . 15.91 -17.47 33.94
OBD BCL RC . 15.35 -18.22 33.08
CBD BCL RC . 15.21 -16.77 35.06
CGD BCL RC . 13.99 -16.11 34.52
O1D BCL RC . 14.01 -15.69 33.41
O2D BCL RC . 12.79 -16.04 35.30
CED BCL RC . 11.65 -16.82 35.01
C1 BCL RC . 12.92 -12.43 40.79
C2 BCL RC . 13.11 -12.31 42.28
C3 BCL RC . 14.30 -12.40 42.85
C4 BCL RC . 14.38 -12.29 44.34
C5 BCL RC . 15.56 -12.60 42.04
C6 BCL RC . 16.19 -13.94 42.39
C7 BCL RC . 17.70 -13.99 42.25
C8 BCL RC . 18.31 -14.65 43.47
C9 BCL RC . 18.12 -13.78 44.70
C10 BCL RC . 19.79 -14.94 43.28
C11 BCL RC . 20.54 -14.01 42.33
C12 BCL RC . 21.71 -13.35 43.02
C13 BCL RC . 23.07 -13.70 42.44
C14 BCL RC . 23.30 -15.20 42.39
C15 BCL RC . 24.13 -13.01 43.31
C16 BCL RC . 25.48 -12.83 42.62
C17 BCL RC . 26.55 -13.76 43.17
C18 BCL RC . 27.23 -13.26 44.43
C19 BCL RC . 28.61 -12.70 44.16
C20 BCL RC . 27.34 -14.36 45.47
C1 8K6 SC . 16.66 -25.18 37.09
C2 8K6 SC . 17.56 -25.28 35.91
C3 8K6 SC . 18.86 -24.55 36.10
C4 8K6 SC . 19.90 -25.33 36.83
C5 8K6 SC . 21.21 -24.60 36.98
C6 8K6 SC . 22.36 -25.24 36.24
C7 8K6 SC . 22.61 -26.67 36.63
C8 8K6 SC . 24.07 -27.04 36.66
C9 8K6 SC . 24.34 -28.33 37.36
C10 8K6 SC . 25.62 -28.34 38.16
C11 8K6 SC . 25.42 -28.64 39.63
C12 8K6 SC . 26.64 -28.40 40.48
C13 8K6 SC . 27.93 -28.92 39.88
C14 8K6 SC . 29.15 -28.67 40.72
C15 8K6 SC . 30.43 -29.19 40.13
C16 8K6 SC . 30.78 -28.60 38.79
C17 8K6 SC . 32.17 -28.06 38.70
C18 8K6 SC . 32.58 -27.69 37.29
CA CA TC . 32.09 -11.50 34.47
C1M CRT UC . -11.04 -15.24 44.92
O1 CRT UC . -10.13 -16.09 45.61
C1 CRT UC . -10.67 -17.22 46.34
C2 CRT UC . -11.63 -16.71 47.41
C3 CRT UC . -11.39 -18.11 45.36
C4 CRT UC . -9.52 -17.97 47.02
C5 CRT UC . -8.49 -18.54 46.11
C6 CRT UC . -7.26 -18.07 45.92
C7 CRT UC . -6.24 -18.66 45.15
C8 CRT UC . -6.46 -20.03 44.66
C9 CRT UC . -5.05 -17.98 44.80
C10 CRT UC . -3.97 -18.43 44.08
C11 CRT UC . -2.85 -17.66 43.77
C12 CRT UC . -1.65 -18.00 43.14
C13 CRT UC . -1.47 -19.40 42.72
C14 CRT UC . -0.61 -17.07 42.91
C15 CRT UC . 0.65 -17.23 42.38
C16 CRT UC . 1.52 -16.16 42.23
C17 CRT UC . 2.85 -16.11 41.76
C18 CRT UC . 3.51 -17.37 41.38
C19 CRT UC . 3.55 -14.90 41.63
C20 CRT UC . 4.85 -14.64 41.21
C21 CRT UC . 5.44 -13.39 40.99
C22 CRT UC . 6.69 -12.96 40.58
C23 CRT UC . 7.12 -11.66 40.26
C24 CRT UC . 6.15 -10.57 40.40
C25 CRT UC . 8.42 -11.33 39.82
C26 CRT UC . 8.88 -10.15 39.25
C27 CRT UC . 10.16 -9.90 38.77
C28 CRT UC . 10.63 -8.85 37.95
C29 CRT UC . 9.71 -7.77 37.58
C30 CRT UC . 11.94 -8.79 37.45
C31 CRT UC . 12.49 -7.97 36.46
C32 CRT UC . 13.79 -8.04 36.00
C33 CRT UC . 14.38 -7.38 34.90
C34 CRT UC . 13.58 -6.42 34.10
C35 CRT UC . 15.72 -7.57 34.52
C36 CRT UC . 16.31 -7.11 33.41
C37 CRT UC . 17.73 -7.31 33.02
C38 CRT UC . 17.95 -8.24 31.83
C39 CRT UC . 19.41 -8.20 31.39
C40 CRT UC . 17.50 -9.66 32.21
O2 CRT UC . 17.11 -7.80 30.75
C2M CRT UC . 16.86 -8.70 29.69
MG BCL VC . 20.62 -6.36 38.51
CHA BCL VC . 18.38 -4.10 39.77
CHB BCL VC . 18.17 -8.35 37.70
CHC BCL VC . 22.64 -8.12 36.69
CHD BCL VC . 23.23 -4.12 39.16
NA BCL VC . 18.63 -6.30 38.74
C1A BCL VC . 17.89 -5.38 39.22
C2A BCL VC . 16.42 -5.69 39.17
C3A BCL VC . 16.41 -7.14 38.81
C4A BCL VC . 17.83 -7.29 38.40
CMA BCL VC . 16.05 -8.07 39.94
CAA BCL VC . 15.68 -4.90 38.11
CBA BCL VC . 14.45 -4.33 38.79
CGA BCL VC . 13.31 -4.09 37.86
O1A BCL VC . 13.51 -3.78 36.71
O2A BCL VC . 11.97 -4.22 38.37
NB BCL VC . 20.43 -7.96 37.26
C1B BCL VC . 19.37 -8.69 36.97
C2B BCL VC . 19.56 -9.78 35.99
C3B BCL VC . 20.96 -9.68 35.69
C4B BCL VC . 21.33 -8.54 36.53
CMB BCL VC . 18.62 -10.80 35.46
CAB BCL VC . 21.85 -10.45 34.76
OBB BCL VC . 22.97 -10.08 34.51
CBB BCL VC . 21.31 -11.65 34.04
NC BCL VC . 22.55 -6.21 38.03
C1C BCL VC . 23.18 -7.10 37.30
C2C BCL VC . 24.65 -6.91 37.18
C3C BCL VC . 24.80 -5.58 37.84
C4C BCL VC . 23.42 -5.32 38.34
CMC BCL VC . 25.41 -8.00 37.88
CAC BCL VC . 25.20 -4.49 36.87
CBC BCL VC . 26.71 -4.32 36.86
ND BCL VC . 20.87 -4.49 39.24
C1D BCL VC . 21.90 -3.71 39.53
C2D BCL VC . 21.52 -2.46 40.18
C3D BCL VC . 20.06 -2.64 40.27
C4D BCL VC . 19.80 -3.83 39.74
CMD BCL VC . 22.30 -1.31 40.64
CAD BCL VC . 18.78 -2.06 40.73
OBD BCL VC . 18.63 -0.92 41.28
CBD BCL VC . 17.67 -2.98 40.44
CGD BCL VC . 17.01 -3.50 41.66
O1D BCL VC . 17.60 -4.24 42.40
O2D BCL VC . 15.64 -3.24 42.02
CED BCL VC . 15.20 -3.77 43.27
C1 BCL VC . 10.90 -3.47 37.80
C2 BCL VC . 9.58 -3.96 38.37
C3 BCL VC . 8.86 -3.21 39.20
C4 BCL VC . 9.36 -1.86 39.59
C5 BCL VC . 7.56 -3.68 39.78
C6 BCL VC . 7.23 -2.87 41.04
C7 BCL VC . 7.75 -3.48 42.34
C8 BCL VC . 7.82 -4.99 42.33
C9 BCL VC . 6.73 -5.57 43.23
C10 BCL VC . 9.20 -5.47 42.77
C11 BCL VC . 9.95 -6.17 41.64
C12 BCL VC . 10.76 -7.35 42.16
C13 BCL VC . 12.12 -6.91 42.64
C14 BCL VC . 12.88 -6.22 41.53
C15 BCL VC . 12.91 -8.11 43.14
C16 BCL VC . 14.07 -7.60 43.98
C17 BCL VC . 14.93 -8.77 44.43
C18 BCL VC . 16.35 -8.58 43.92
C19 BCL VC . 16.94 -9.92 43.48
C20 BCL VC . 17.20 -7.92 44.99
C1M CRT WC . -15.17 -29.99 35.25
O1 CRT WC . -14.36 -31.11 35.56
C1 CRT WC . -15.01 -32.38 35.80
C2 CRT WC . -15.95 -32.20 36.98
C3 CRT WC . -15.76 -32.75 34.54
C4 CRT WC . -13.94 -33.42 36.13
C5 CRT WC . -12.95 -33.72 35.05
C6 CRT WC . -11.66 -33.36 35.08
C7 CRT WC . -10.66 -33.72 34.14
C8 CRT WC . -11.00 -34.76 33.14
C9 CRT WC . -9.39 -33.14 34.12
C10 CRT WC . -8.31 -33.43 33.31
C11 CRT WC . -7.10 -32.75 33.36
C12 CRT WC . -5.90 -32.98 32.66
C13 CRT WC . -5.83 -34.13 31.72
C14 CRT WC . -4.78 -32.17 32.82
C15 CRT WC . -3.50 -32.28 32.31
C16 CRT WC . -2.52 -31.35 32.60
C17 CRT WC . -1.18 -31.28 32.20
C18 CRT WC . -0.61 -32.36 31.36
C19 CRT WC . -0.35 -30.21 32.59
C20 CRT WC . 0.97 -29.95 32.29
C21 CRT WC . 1.68 -28.80 32.60
C22 CRT WC . 2.98 -28.40 32.37
C23 CRT WC . 3.56 -27.14 32.62
C24 CRT WC . 2.71 -26.09 33.23
C25 CRT WC . 4.89 -26.83 32.32
C26 CRT WC . 5.50 -25.58 32.30
C27 CRT WC . 6.81 -25.34 31.94
C28 CRT WC . 7.43 -24.10 31.65
C29 CRT WC . 6.65 -22.86 31.80
C30 CRT WC . 8.76 -24.02 31.21
C31 CRT WC . 9.42 -22.94 30.65
C32 CRT WC . 10.73 -22.97 30.20
C33 CRT WC . 11.43 -21.99 29.49
C34 CRT WC . 10.75 -20.72 29.15
C35 CRT WC . 12.75 -22.17 29.06
C36 CRT WC . 13.39 -21.39 28.19
C37 CRT WC . 14.81 -21.55 27.76
C38 CRT WC . 15.02 -22.06 26.33
C39 CRT WC . 16.47 -21.93 25.90
C40 CRT WC . 14.54 -23.51 26.22
O2 CRT WC . 14.18 -21.28 25.44
C2M CRT WC . 14.03 -21.72 24.12
CA CA XC . 28.65 -27.54 27.39
MG BCL YC . 17.66 -22.97 32.81
CHA BCL YC . 15.67 -21.42 35.08
CHB BCL YC . 15.00 -24.24 31.24
CHC BCL YC . 19.75 -24.16 30.46
CHD BCL YC . 20.50 -21.52 34.31
NA BCL YC . 15.69 -22.92 33.13
C1A BCL YC . 15.06 -22.26 34.02
C2A BCL YC . 13.58 -22.40 33.88
C3A BCL YC . 13.43 -23.55 32.94
C4A BCL YC . 14.79 -23.61 32.39
CMA BCL YC . 13.05 -24.82 33.67
CAA BCL YC . 12.97 -21.17 33.25
CBA BCL YC . 11.86 -20.70 34.17
CGA BCL YC . 10.70 -20.19 33.39
O1A BCL YC . 10.85 -19.58 32.36
O2A BCL YC . 9.37 -20.42 33.90
NB BCL YC . 17.44 -24.04 31.08
C1B BCL YC . 16.28 -24.50 30.57
C2B BCL YC . 16.37 -25.25 29.31
C3B BCL YC . 17.81 -25.23 29.05
C4B BCL YC . 18.35 -24.48 30.22
CMB BCL YC . 15.25 -25.87 28.56
CAB BCL YC . 18.59 -25.83 27.92
OBB BCL YC . 19.79 -25.69 27.88
CBB BCL YC . 17.93 -26.60 26.82
NC BCL YC . 19.65 -23.07 32.55
C1C BCL YC . 20.28 -23.74 31.60
C2C BCL YC . 21.74 -23.91 31.82
C3C BCL YC . 21.96 -22.93 32.91
C4C BCL YC . 20.59 -22.52 33.24
CMC BCL YC . 22.13 -25.32 32.25
CAC BCL YC . 22.73 -21.70 32.45
CBC BCL YC . 24.20 -21.81 32.78
ND BCL YC . 18.14 -21.71 34.33
C1D BCL YC . 19.22 -21.21 34.90
C2D BCL YC . 18.95 -20.35 36.07
C3D BCL YC . 17.49 -20.46 36.11
C4D BCL YC . 17.12 -21.25 35.11
CMD BCL YC . 19.78 -19.57 37.02
CAD BCL YC . 16.30 -20.02 36.83
OBD BCL YC . 16.28 -19.26 37.86
CBD BCL YC . 15.09 -20.62 36.22
CGD BCL YC . 14.39 -21.46 37.23
O1D BCL YC . 14.92 -22.43 37.70
O2D BCL YC . 13.06 -21.17 37.72
CED BCL YC . 12.58 -21.96 38.79
C1 BCL YC . 8.55 -19.32 34.23
C2 BCL YC . 7.10 -19.72 34.15
C3 BCL YC . 6.25 -19.41 35.13
C4 BCL YC . 6.66 -18.64 36.34
C5 BCL YC . 4.81 -19.83 35.02
C6 BCL YC . 4.31 -20.26 36.40
C7 BCL YC . 4.74 -21.66 36.80
C8 BCL YC . 4.46 -22.71 35.73
C9 BCL YC . 3.02 -23.14 35.75
C10 BCL YC . 5.40 -23.88 35.95
C11 BCL YC . 6.85 -23.47 35.72
C12 BCL YC . 7.75 -24.67 35.73
C13 BCL YC . 9.02 -24.35 36.49
C14 BCL YC . 9.88 -23.41 35.70
C15 BCL YC . 9.76 -25.64 36.79
C16 BCL YC . 10.82 -25.41 37.85
C17 BCL YC . 11.54 -26.71 38.16
C18 BCL YC . 13.03 -26.57 37.89
C19 BCL YC . 13.52 -27.65 36.93
C20 BCL YC . 13.80 -26.59 39.20
C1 8K6 ZC . 11.74 -39.14 23.83
C2 8K6 ZC . 13.15 -38.76 23.49
C3 8K6 ZC . 14.15 -39.52 24.31
C4 8K6 ZC . 15.57 -39.08 24.11
C5 8K6 ZC . 16.55 -40.20 24.12
C6 8K6 ZC . 17.90 -39.84 23.56
C7 8K6 ZC . 18.62 -40.97 22.89
C8 8K6 ZC . 18.56 -42.26 23.64
C9 8K6 ZC . 19.68 -43.21 23.32
C10 8K6 ZC . 19.78 -44.39 24.24
C11 8K6 ZC . 20.55 -44.12 25.51
C12 8K6 ZC . 21.04 -45.36 26.21
C13 8K6 ZC . 22.49 -45.31 26.61
C14 8K6 ZC . 23.45 -45.23 25.46
C15 8K6 ZC . 24.78 -45.86 25.72
C16 8K6 ZC . 25.96 -44.95 25.52
C17 8K6 ZC . 26.25 -44.60 24.08
C18 8K6 ZC . 27.44 -43.69 23.91
MG BCL AD . 15.52 -30.02 28.19
CHA BCL AD . 12.39 -30.29 26.80
CHB BCL AD . 14.22 -28.58 30.87
CHC BCL AD . 18.68 -29.45 29.27
CHD BCL AD . 16.92 -31.00 25.13
NA BCL AD . 13.66 -29.55 28.78
C1A BCL AD . 12.53 -29.82 28.19
C2A BCL AD . 11.35 -29.31 28.99
C3A BCL AD . 11.99 -28.40 29.99
C4A BCL AD . 13.40 -28.84 29.88
CMA BCL AD . 11.80 -26.94 29.66
CAA BCL AD . 10.57 -30.37 29.73
CBA BCL AD . 9.06 -30.25 29.51
CGA BCL AD . 8.36 -29.24 30.39
O1A BCL AD . 7.75 -28.33 29.88
O2A BCL AD . 8.39 -29.37 31.83
NB BCL AD . 16.36 -29.11 29.83
C1B BCL AD . 15.68 -28.60 30.86
C2B BCL AD . 16.47 -28.03 31.95
C3B BCL AD . 17.84 -28.29 31.50
C4B BCL AD . 17.65 -28.98 30.19
CMB BCL AD . 15.91 -27.39 33.19
CAB BCL AD . 19.08 -27.88 32.26
OBB BCL AD . 20.16 -28.32 31.98
CBB BCL AD . 19.02 -26.92 33.38
NC BCL AD . 17.38 -30.29 27.45
C1C BCL AD . 18.52 -29.98 28.06
C2C BCL AD . 19.73 -30.32 27.26
C3C BCL AD . 19.16 -30.99 26.05
C4C BCL AD . 17.73 -30.76 26.31
CMC BCL AD . 20.49 -29.11 26.79
CAC BCL AD . 19.45 -32.48 25.96
CBC BCL AD . 20.64 -32.76 25.08
ND BCL AD . 14.92 -30.51 26.32
C1D BCL AD . 15.50 -30.92 25.21
C2D BCL AD . 14.58 -31.22 24.12
C3D BCL AD . 13.31 -30.97 24.79
C4D BCL AD . 13.58 -30.60 26.04
CMD BCL AD . 14.82 -31.67 22.73
CAD BCL AD . 11.86 -30.94 24.60
OBD BCL AD . 11.25 -31.28 23.54
CBD BCL AD . 11.19 -30.61 25.91
CGD BCL AD . 10.02 -29.68 25.76
O1D BCL AD . 10.09 -28.55 25.35
O2D BCL AD . 8.74 -30.24 26.14
CED BCL AD . 7.52 -29.61 25.82
C1 BCL AD . 9.00 -28.38 32.68
C2 BCL AD . 9.12 -28.95 34.06
C3 BCL AD . 10.28 -29.40 34.56
C4 BCL AD . 10.30 -29.98 35.94
C5 BCL AD . 11.56 -29.34 33.77
C6 BCL AD . 12.09 -30.75 33.55
C7 BCL AD . 13.60 -30.81 33.44
C8 BCL AD . 14.06 -32.15 33.98
C9 BCL AD . 13.86 -32.20 35.49
C10 BCL AD . 15.51 -32.43 33.64
C11 BCL AD . 16.46 -31.25 33.64
C12 BCL AD . 17.65 -31.49 34.54
C13 BCL AD . 18.98 -31.72 33.80
C14 BCL AD . 19.01 -33.12 33.21
C15 BCL AD . 20.13 -31.49 34.78
C16 BCL AD . 21.54 -31.75 34.24
C17 BCL AD . 22.18 -33.00 34.85
C18 BCL AD . 23.19 -32.70 35.94
C19 BCL AD . 24.33 -31.84 35.43
C20 BCL AD . 23.76 -33.99 36.51
#